data_5YL1
# 
_entry.id   5YL1 
# 
_audit_conform.dict_name       mmcif_pdbx.dic 
_audit_conform.dict_version    5.387 
_audit_conform.dict_location   http://mmcif.pdb.org/dictionaries/ascii/mmcif_pdbx.dic 
# 
loop_
_database_2.database_id 
_database_2.database_code 
_database_2.pdbx_database_accession 
_database_2.pdbx_DOI 
PDB   5YL1         pdb_00005yl1 10.2210/pdb5yl1/pdb 
WWPDB D_1300005469 ?            ?                   
# 
loop_
_pdbx_audit_revision_history.ordinal 
_pdbx_audit_revision_history.data_content_type 
_pdbx_audit_revision_history.major_revision 
_pdbx_audit_revision_history.minor_revision 
_pdbx_audit_revision_history.revision_date 
1 'Structure model' 1 0 2018-12-12 
2 'Structure model' 1 1 2019-02-27 
3 'Structure model' 1 2 2019-03-13 
4 'Structure model' 1 3 2024-03-27 
# 
_pdbx_audit_revision_details.ordinal             1 
_pdbx_audit_revision_details.revision_ordinal    1 
_pdbx_audit_revision_details.data_content_type   'Structure model' 
_pdbx_audit_revision_details.provider            repository 
_pdbx_audit_revision_details.type                'Initial release' 
_pdbx_audit_revision_details.description         ? 
_pdbx_audit_revision_details.details             ? 
# 
loop_
_pdbx_audit_revision_group.ordinal 
_pdbx_audit_revision_group.revision_ordinal 
_pdbx_audit_revision_group.data_content_type 
_pdbx_audit_revision_group.group 
1 2 'Structure model' 'Data collection'      
2 2 'Structure model' 'Database references'  
3 3 'Structure model' 'Data collection'      
4 3 'Structure model' 'Database references'  
5 4 'Structure model' 'Data collection'      
6 4 'Structure model' 'Database references'  
7 4 'Structure model' 'Derived calculations' 
# 
loop_
_pdbx_audit_revision_category.ordinal 
_pdbx_audit_revision_category.revision_ordinal 
_pdbx_audit_revision_category.data_content_type 
_pdbx_audit_revision_category.category 
1 2 'Structure model' citation              
2 2 'Structure model' citation_author       
3 3 'Structure model' citation              
4 3 'Structure model' citation_author       
5 4 'Structure model' chem_comp_atom        
6 4 'Structure model' chem_comp_bond        
7 4 'Structure model' database_2            
8 4 'Structure model' pdbx_struct_oper_list 
# 
loop_
_pdbx_audit_revision_item.ordinal 
_pdbx_audit_revision_item.revision_ordinal 
_pdbx_audit_revision_item.data_content_type 
_pdbx_audit_revision_item.item 
1  2 'Structure model' '_citation.country'                         
2  2 'Structure model' '_citation.journal_abbrev'                  
3  2 'Structure model' '_citation.journal_id_CSD'                  
4  2 'Structure model' '_citation.journal_id_ISSN'                 
5  2 'Structure model' '_citation.journal_volume'                  
6  2 'Structure model' '_citation.pdbx_database_id_DOI'            
7  2 'Structure model' '_citation.title'                           
8  2 'Structure model' '_citation.year'                            
9  3 'Structure model' '_citation.page_first'                      
10 3 'Structure model' '_citation.page_last'                       
11 3 'Structure model' '_citation.pdbx_database_id_PubMed'         
12 3 'Structure model' '_citation.title'                           
13 3 'Structure model' '_citation_author.identifier_ORCID'         
14 4 'Structure model' '_database_2.pdbx_DOI'                      
15 4 'Structure model' '_database_2.pdbx_database_accession'       
16 4 'Structure model' '_pdbx_struct_oper_list.name'               
17 4 'Structure model' '_pdbx_struct_oper_list.symmetry_operation' 
18 4 'Structure model' '_pdbx_struct_oper_list.type'               
# 
_pdbx_database_status.status_code                     REL 
_pdbx_database_status.status_code_sf                  REL 
_pdbx_database_status.status_code_mr                  ? 
_pdbx_database_status.entry_id                        5YL1 
_pdbx_database_status.recvd_initial_deposition_date   2017-10-16 
_pdbx_database_status.SG_entry                        N 
_pdbx_database_status.deposit_site                    PDBJ 
_pdbx_database_status.process_site                    PDBJ 
_pdbx_database_status.status_code_cs                  ? 
_pdbx_database_status.methods_development_category    ? 
_pdbx_database_status.pdb_format_compatible           Y 
_pdbx_database_status.status_code_nmr_data            ? 
# 
loop_
_audit_author.name 
_audit_author.pdbx_ordinal 
_audit_author.identifier_ORCID 
'Chen, N.C.'      1 ? 
'Yoshimura, M.'   2 ? 
'Lin, C.C.'       3 ? 
'Guan, H.H.'      4 ? 
'Chuankhayan, P.' 5 ? 
'Chen, C.J.'      6 ? 
# 
_citation.abstract                  ? 
_citation.abstract_id_CAS           ? 
_citation.book_id_ISBN              ? 
_citation.book_publisher            ? 
_citation.book_publisher_city       ? 
_citation.book_title                ? 
_citation.coordinate_linkage        ? 
_citation.country                   UK 
_citation.database_id_Medline       ? 
_citation.details                   ? 
_citation.id                        primary 
_citation.journal_abbrev            'Commun Biol' 
_citation.journal_id_ASTM           ? 
_citation.journal_id_CSD            ? 
_citation.journal_id_ISSN           2399-3642 
_citation.journal_full              ? 
_citation.journal_issue             ? 
_citation.journal_volume            2 
_citation.language                  ? 
_citation.page_first                72 
_citation.page_last                 72 
_citation.title                     
'The atomic structures of shrimp nodaviruses reveal new dimeric spike structures and particle polymorphism.' 
_citation.year                      2019 
_citation.database_id_CSD           ? 
_citation.pdbx_database_id_DOI      10.1038/s42003-019-0311-z 
_citation.pdbx_database_id_PubMed   30820467 
_citation.unpublished_flag          ? 
# 
loop_
_citation_author.citation_id 
_citation_author.name 
_citation_author.ordinal 
_citation_author.identifier_ORCID 
primary 'Chen, N.C.'      1  ?                   
primary 'Yoshimura, M.'   2  0000-0002-7466-2192 
primary 'Miyazaki, N.'    3  ?                   
primary 'Guan, H.H.'      4  ?                   
primary 'Chuankhayan, P.' 5  ?                   
primary 'Lin, C.C.'       6  ?                   
primary 'Chen, S.K.'      7  ?                   
primary 'Lin, P.J.'       8  ?                   
primary 'Huang, Y.C.'     9  ?                   
primary 'Iwasaki, K.'     10 ?                   
primary 'Nakagawa, A.'    11 0000-0002-1700-7861 
primary 'Chan, S.I.'      12 ?                   
primary 'Chen, C.J.'      13 0000-0002-5157-4288 
# 
loop_
_entity.id 
_entity.type 
_entity.src_method 
_entity.pdbx_description 
_entity.formula_weight 
_entity.pdbx_number_of_molecules 
_entity.pdbx_ec 
_entity.pdbx_mutation 
_entity.pdbx_fragment 
_entity.details 
1 polymer     man 'Capsid protein' 20609.170 1 ? ? ? ? 
2 non-polymer syn 'CALCIUM ION'    40.078    2 ? ? ? ? 
# 
_entity_poly.entity_id                      1 
_entity_poly.type                           'polypeptide(L)' 
_entity_poly.nstd_linkage                   no 
_entity_poly.nstd_monomer                   no 
_entity_poly.pdbx_seq_one_letter_code       
;ISRLGPDSDFLTSVVAKASTSIVTPADRILVKQPLSASSFPGTRITGLSSYWERYKWLSAVARYVPAVPNTVACQFVMYI
DTDPLDDPSNISDDNQIVRQAVSQAGSNQFNFNTSKTVPLIVRADNQYYYTGVDKQNLRFSLQGILYIIQVTDLINFNGE
LITQDLTCGSLFLDWLVNFSIPQIN
;
_entity_poly.pdbx_seq_one_letter_code_can   
;ISRLGPDSDFLTSVVAKASTSIVTPADRILVKQPLSASSFPGTRITGLSSYWERYKWLSAVARYVPAVPNTVACQFVMYI
DTDPLDDPSNISDDNQIVRQAVSQAGSNQFNFNTSKTVPLIVRADNQYYYTGVDKQNLRFSLQGILYIIQVTDLINFNGE
LITQDLTCGSLFLDWLVNFSIPQIN
;
_entity_poly.pdbx_strand_id                 A 
_entity_poly.pdbx_target_identifier         ? 
# 
_pdbx_entity_nonpoly.entity_id   2 
_pdbx_entity_nonpoly.name        'CALCIUM ION' 
_pdbx_entity_nonpoly.comp_id     CA 
# 
loop_
_entity_poly_seq.entity_id 
_entity_poly_seq.num 
_entity_poly_seq.mon_id 
_entity_poly_seq.hetero 
1 1   ILE n 
1 2   SER n 
1 3   ARG n 
1 4   LEU n 
1 5   GLY n 
1 6   PRO n 
1 7   ASP n 
1 8   SER n 
1 9   ASP n 
1 10  PHE n 
1 11  LEU n 
1 12  THR n 
1 13  SER n 
1 14  VAL n 
1 15  VAL n 
1 16  ALA n 
1 17  LYS n 
1 18  ALA n 
1 19  SER n 
1 20  THR n 
1 21  SER n 
1 22  ILE n 
1 23  VAL n 
1 24  THR n 
1 25  PRO n 
1 26  ALA n 
1 27  ASP n 
1 28  ARG n 
1 29  ILE n 
1 30  LEU n 
1 31  VAL n 
1 32  LYS n 
1 33  GLN n 
1 34  PRO n 
1 35  LEU n 
1 36  SER n 
1 37  ALA n 
1 38  SER n 
1 39  SER n 
1 40  PHE n 
1 41  PRO n 
1 42  GLY n 
1 43  THR n 
1 44  ARG n 
1 45  ILE n 
1 46  THR n 
1 47  GLY n 
1 48  LEU n 
1 49  SER n 
1 50  SER n 
1 51  TYR n 
1 52  TRP n 
1 53  GLU n 
1 54  ARG n 
1 55  TYR n 
1 56  LYS n 
1 57  TRP n 
1 58  LEU n 
1 59  SER n 
1 60  ALA n 
1 61  VAL n 
1 62  ALA n 
1 63  ARG n 
1 64  TYR n 
1 65  VAL n 
1 66  PRO n 
1 67  ALA n 
1 68  VAL n 
1 69  PRO n 
1 70  ASN n 
1 71  THR n 
1 72  VAL n 
1 73  ALA n 
1 74  CYS n 
1 75  GLN n 
1 76  PHE n 
1 77  VAL n 
1 78  MET n 
1 79  TYR n 
1 80  ILE n 
1 81  ASP n 
1 82  THR n 
1 83  ASP n 
1 84  PRO n 
1 85  LEU n 
1 86  ASP n 
1 87  ASP n 
1 88  PRO n 
1 89  SER n 
1 90  ASN n 
1 91  ILE n 
1 92  SER n 
1 93  ASP n 
1 94  ASP n 
1 95  ASN n 
1 96  GLN n 
1 97  ILE n 
1 98  VAL n 
1 99  ARG n 
1 100 GLN n 
1 101 ALA n 
1 102 VAL n 
1 103 SER n 
1 104 GLN n 
1 105 ALA n 
1 106 GLY n 
1 107 SER n 
1 108 ASN n 
1 109 GLN n 
1 110 PHE n 
1 111 ASN n 
1 112 PHE n 
1 113 ASN n 
1 114 THR n 
1 115 SER n 
1 116 LYS n 
1 117 THR n 
1 118 VAL n 
1 119 PRO n 
1 120 LEU n 
1 121 ILE n 
1 122 VAL n 
1 123 ARG n 
1 124 ALA n 
1 125 ASP n 
1 126 ASN n 
1 127 GLN n 
1 128 TYR n 
1 129 TYR n 
1 130 TYR n 
1 131 THR n 
1 132 GLY n 
1 133 VAL n 
1 134 ASP n 
1 135 LYS n 
1 136 GLN n 
1 137 ASN n 
1 138 LEU n 
1 139 ARG n 
1 140 PHE n 
1 141 SER n 
1 142 LEU n 
1 143 GLN n 
1 144 GLY n 
1 145 ILE n 
1 146 LEU n 
1 147 TYR n 
1 148 ILE n 
1 149 ILE n 
1 150 GLN n 
1 151 VAL n 
1 152 THR n 
1 153 ASP n 
1 154 LEU n 
1 155 ILE n 
1 156 ASN n 
1 157 PHE n 
1 158 ASN n 
1 159 GLY n 
1 160 GLU n 
1 161 LEU n 
1 162 ILE n 
1 163 THR n 
1 164 GLN n 
1 165 ASP n 
1 166 LEU n 
1 167 THR n 
1 168 CYS n 
1 169 GLY n 
1 170 SER n 
1 171 LEU n 
1 172 PHE n 
1 173 LEU n 
1 174 ASP n 
1 175 TRP n 
1 176 LEU n 
1 177 VAL n 
1 178 ASN n 
1 179 PHE n 
1 180 SER n 
1 181 ILE n 
1 182 PRO n 
1 183 GLN n 
1 184 ILE n 
1 185 ASN n 
# 
_entity_src_gen.entity_id                          1 
_entity_src_gen.pdbx_src_id                        1 
_entity_src_gen.pdbx_alt_source_flag               sample 
_entity_src_gen.pdbx_seq_type                      'Biological sequence' 
_entity_src_gen.pdbx_beg_seq_num                   1 
_entity_src_gen.pdbx_end_seq_num                   185 
_entity_src_gen.gene_src_common_name               ? 
_entity_src_gen.gene_src_genus                     ? 
_entity_src_gen.pdbx_gene_src_gene                 ? 
_entity_src_gen.gene_src_species                   ? 
_entity_src_gen.gene_src_strain                    ? 
_entity_src_gen.gene_src_tissue                    ? 
_entity_src_gen.gene_src_tissue_fraction           ? 
_entity_src_gen.gene_src_details                   ? 
_entity_src_gen.pdbx_gene_src_fragment             ? 
_entity_src_gen.pdbx_gene_src_scientific_name      'Penaeus vannamei nodavirus' 
_entity_src_gen.pdbx_gene_src_ncbi_taxonomy_id     430911 
_entity_src_gen.pdbx_gene_src_variant              ? 
_entity_src_gen.pdbx_gene_src_cell_line            ? 
_entity_src_gen.pdbx_gene_src_atcc                 ? 
_entity_src_gen.pdbx_gene_src_organ                ? 
_entity_src_gen.pdbx_gene_src_organelle            ? 
_entity_src_gen.pdbx_gene_src_cell                 ? 
_entity_src_gen.pdbx_gene_src_cellular_location    ? 
_entity_src_gen.host_org_common_name               ? 
_entity_src_gen.pdbx_host_org_scientific_name      'Escherichia coli' 
_entity_src_gen.pdbx_host_org_ncbi_taxonomy_id     562 
_entity_src_gen.host_org_genus                     ? 
_entity_src_gen.pdbx_host_org_gene                 ? 
_entity_src_gen.pdbx_host_org_organ                ? 
_entity_src_gen.host_org_species                   ? 
_entity_src_gen.pdbx_host_org_tissue               ? 
_entity_src_gen.pdbx_host_org_tissue_fraction      ? 
_entity_src_gen.pdbx_host_org_strain               ? 
_entity_src_gen.pdbx_host_org_variant              ? 
_entity_src_gen.pdbx_host_org_cell_line            ? 
_entity_src_gen.pdbx_host_org_atcc                 ? 
_entity_src_gen.pdbx_host_org_culture_collection   ? 
_entity_src_gen.pdbx_host_org_cell                 ? 
_entity_src_gen.pdbx_host_org_organelle            ? 
_entity_src_gen.pdbx_host_org_cellular_location    ? 
_entity_src_gen.pdbx_host_org_vector_type          ? 
_entity_src_gen.pdbx_host_org_vector               ? 
_entity_src_gen.host_org_details                   ? 
_entity_src_gen.expression_system_id               ? 
_entity_src_gen.plasmid_name                       ? 
_entity_src_gen.plasmid_details                    ? 
_entity_src_gen.pdbx_description                   ? 
# 
loop_
_chem_comp.id 
_chem_comp.type 
_chem_comp.mon_nstd_flag 
_chem_comp.name 
_chem_comp.pdbx_synonyms 
_chem_comp.formula 
_chem_comp.formula_weight 
ALA 'L-peptide linking' y ALANINE         ? 'C3 H7 N O2'     89.093  
ARG 'L-peptide linking' y ARGININE        ? 'C6 H15 N4 O2 1' 175.209 
ASN 'L-peptide linking' y ASPARAGINE      ? 'C4 H8 N2 O3'    132.118 
ASP 'L-peptide linking' y 'ASPARTIC ACID' ? 'C4 H7 N O4'     133.103 
CA  non-polymer         . 'CALCIUM ION'   ? 'Ca 2'           40.078  
CYS 'L-peptide linking' y CYSTEINE        ? 'C3 H7 N O2 S'   121.158 
GLN 'L-peptide linking' y GLUTAMINE       ? 'C5 H10 N2 O3'   146.144 
GLU 'L-peptide linking' y 'GLUTAMIC ACID' ? 'C5 H9 N O4'     147.129 
GLY 'peptide linking'   y GLYCINE         ? 'C2 H5 N O2'     75.067  
ILE 'L-peptide linking' y ISOLEUCINE      ? 'C6 H13 N O2'    131.173 
LEU 'L-peptide linking' y LEUCINE         ? 'C6 H13 N O2'    131.173 
LYS 'L-peptide linking' y LYSINE          ? 'C6 H15 N2 O2 1' 147.195 
MET 'L-peptide linking' y METHIONINE      ? 'C5 H11 N O2 S'  149.211 
PHE 'L-peptide linking' y PHENYLALANINE   ? 'C9 H11 N O2'    165.189 
PRO 'L-peptide linking' y PROLINE         ? 'C5 H9 N O2'     115.130 
SER 'L-peptide linking' y SERINE          ? 'C3 H7 N O3'     105.093 
THR 'L-peptide linking' y THREONINE       ? 'C4 H9 N O3'     119.119 
TRP 'L-peptide linking' y TRYPTOPHAN      ? 'C11 H12 N2 O2'  204.225 
TYR 'L-peptide linking' y TYROSINE        ? 'C9 H11 N O3'    181.189 
VAL 'L-peptide linking' y VALINE          ? 'C5 H11 N O2'    117.146 
# 
loop_
_pdbx_poly_seq_scheme.asym_id 
_pdbx_poly_seq_scheme.entity_id 
_pdbx_poly_seq_scheme.seq_id 
_pdbx_poly_seq_scheme.mon_id 
_pdbx_poly_seq_scheme.ndb_seq_num 
_pdbx_poly_seq_scheme.pdb_seq_num 
_pdbx_poly_seq_scheme.auth_seq_num 
_pdbx_poly_seq_scheme.pdb_mon_id 
_pdbx_poly_seq_scheme.auth_mon_id 
_pdbx_poly_seq_scheme.pdb_strand_id 
_pdbx_poly_seq_scheme.pdb_ins_code 
_pdbx_poly_seq_scheme.hetero 
A 1 1   ILE 1   66  66  ILE ILE A . n 
A 1 2   SER 2   67  67  SER SER A . n 
A 1 3   ARG 3   68  68  ARG ARG A . n 
A 1 4   LEU 4   69  69  LEU LEU A . n 
A 1 5   GLY 5   70  70  GLY GLY A . n 
A 1 6   PRO 6   71  71  PRO PRO A . n 
A 1 7   ASP 7   72  72  ASP ASP A . n 
A 1 8   SER 8   73  73  SER SER A . n 
A 1 9   ASP 9   74  74  ASP ASP A . n 
A 1 10  PHE 10  75  75  PHE PHE A . n 
A 1 11  LEU 11  76  76  LEU LEU A . n 
A 1 12  THR 12  77  77  THR THR A . n 
A 1 13  SER 13  78  78  SER SER A . n 
A 1 14  VAL 14  79  79  VAL VAL A . n 
A 1 15  VAL 15  80  80  VAL VAL A . n 
A 1 16  ALA 16  81  81  ALA ALA A . n 
A 1 17  LYS 17  82  82  LYS LYS A . n 
A 1 18  ALA 18  83  83  ALA ALA A . n 
A 1 19  SER 19  84  84  SER SER A . n 
A 1 20  THR 20  85  85  THR THR A . n 
A 1 21  SER 21  86  86  SER SER A . n 
A 1 22  ILE 22  87  87  ILE ILE A . n 
A 1 23  VAL 23  88  88  VAL VAL A . n 
A 1 24  THR 24  89  89  THR THR A . n 
A 1 25  PRO 25  90  90  PRO PRO A . n 
A 1 26  ALA 26  91  91  ALA ALA A . n 
A 1 27  ASP 27  92  92  ASP ASP A . n 
A 1 28  ARG 28  93  93  ARG ARG A . n 
A 1 29  ILE 29  94  94  ILE ILE A . n 
A 1 30  LEU 30  95  95  LEU LEU A . n 
A 1 31  VAL 31  96  96  VAL VAL A . n 
A 1 32  LYS 32  97  97  LYS LYS A . n 
A 1 33  GLN 33  98  98  GLN GLN A . n 
A 1 34  PRO 34  99  99  PRO PRO A . n 
A 1 35  LEU 35  100 100 LEU LEU A . n 
A 1 36  SER 36  101 101 SER SER A . n 
A 1 37  ALA 37  102 102 ALA ALA A . n 
A 1 38  SER 38  103 103 SER SER A . n 
A 1 39  SER 39  104 104 SER SER A . n 
A 1 40  PHE 40  105 105 PHE PHE A . n 
A 1 41  PRO 41  106 106 PRO PRO A . n 
A 1 42  GLY 42  107 107 GLY GLY A . n 
A 1 43  THR 43  108 108 THR THR A . n 
A 1 44  ARG 44  109 109 ARG ARG A . n 
A 1 45  ILE 45  110 110 ILE ILE A . n 
A 1 46  THR 46  111 111 THR THR A . n 
A 1 47  GLY 47  112 112 GLY GLY A . n 
A 1 48  LEU 48  113 113 LEU LEU A . n 
A 1 49  SER 49  114 114 SER SER A . n 
A 1 50  SER 50  115 115 SER SER A . n 
A 1 51  TYR 51  116 116 TYR TYR A . n 
A 1 52  TRP 52  117 117 TRP TRP A . n 
A 1 53  GLU 53  118 118 GLU GLU A . n 
A 1 54  ARG 54  119 119 ARG ARG A . n 
A 1 55  TYR 55  120 120 TYR TYR A . n 
A 1 56  LYS 56  121 121 LYS LYS A . n 
A 1 57  TRP 57  122 122 TRP TRP A . n 
A 1 58  LEU 58  123 123 LEU LEU A . n 
A 1 59  SER 59  124 124 SER SER A . n 
A 1 60  ALA 60  125 125 ALA ALA A . n 
A 1 61  VAL 61  126 126 VAL VAL A . n 
A 1 62  ALA 62  127 127 ALA ALA A . n 
A 1 63  ARG 63  128 128 ARG ARG A . n 
A 1 64  TYR 64  129 129 TYR TYR A . n 
A 1 65  VAL 65  130 130 VAL VAL A . n 
A 1 66  PRO 66  131 131 PRO PRO A . n 
A 1 67  ALA 67  132 132 ALA ALA A . n 
A 1 68  VAL 68  133 133 VAL VAL A . n 
A 1 69  PRO 69  134 134 PRO PRO A . n 
A 1 70  ASN 70  135 135 ASN ASN A . n 
A 1 71  THR 71  136 136 THR THR A . n 
A 1 72  VAL 72  137 137 VAL VAL A . n 
A 1 73  ALA 73  138 138 ALA ALA A . n 
A 1 74  CYS 74  139 139 CYS CYS A . n 
A 1 75  GLN 75  140 140 GLN GLN A . n 
A 1 76  PHE 76  141 141 PHE PHE A . n 
A 1 77  VAL 77  142 142 VAL VAL A . n 
A 1 78  MET 78  143 143 MET MET A . n 
A 1 79  TYR 79  144 144 TYR TYR A . n 
A 1 80  ILE 80  145 145 ILE ILE A . n 
A 1 81  ASP 81  146 146 ASP ASP A . n 
A 1 82  THR 82  147 147 THR THR A . n 
A 1 83  ASP 83  148 148 ASP ASP A . n 
A 1 84  PRO 84  149 149 PRO PRO A . n 
A 1 85  LEU 85  150 150 LEU LEU A . n 
A 1 86  ASP 86  151 151 ASP ASP A . n 
A 1 87  ASP 87  152 152 ASP ASP A . n 
A 1 88  PRO 88  153 153 PRO PRO A . n 
A 1 89  SER 89  154 154 SER SER A . n 
A 1 90  ASN 90  155 155 ASN ASN A . n 
A 1 91  ILE 91  156 156 ILE ILE A . n 
A 1 92  SER 92  157 157 SER SER A . n 
A 1 93  ASP 93  158 158 ASP ASP A . n 
A 1 94  ASP 94  159 159 ASP ASP A . n 
A 1 95  ASN 95  160 160 ASN ASN A . n 
A 1 96  GLN 96  161 161 GLN GLN A . n 
A 1 97  ILE 97  162 162 ILE ILE A . n 
A 1 98  VAL 98  163 163 VAL VAL A . n 
A 1 99  ARG 99  164 164 ARG ARG A . n 
A 1 100 GLN 100 165 165 GLN GLN A . n 
A 1 101 ALA 101 166 166 ALA ALA A . n 
A 1 102 VAL 102 167 167 VAL VAL A . n 
A 1 103 SER 103 168 168 SER SER A . n 
A 1 104 GLN 104 169 169 GLN GLN A . n 
A 1 105 ALA 105 170 170 ALA ALA A . n 
A 1 106 GLY 106 171 171 GLY GLY A . n 
A 1 107 SER 107 172 172 SER SER A . n 
A 1 108 ASN 108 173 173 ASN ASN A . n 
A 1 109 GLN 109 174 174 GLN GLN A . n 
A 1 110 PHE 110 175 175 PHE PHE A . n 
A 1 111 ASN 111 176 176 ASN ASN A . n 
A 1 112 PHE 112 177 177 PHE PHE A . n 
A 1 113 ASN 113 178 178 ASN ASN A . n 
A 1 114 THR 114 179 179 THR THR A . n 
A 1 115 SER 115 180 180 SER SER A . n 
A 1 116 LYS 116 181 181 LYS LYS A . n 
A 1 117 THR 117 182 182 THR THR A . n 
A 1 118 VAL 118 183 183 VAL VAL A . n 
A 1 119 PRO 119 184 184 PRO PRO A . n 
A 1 120 LEU 120 185 185 LEU LEU A . n 
A 1 121 ILE 121 186 186 ILE ILE A . n 
A 1 122 VAL 122 187 187 VAL VAL A . n 
A 1 123 ARG 123 188 188 ARG ARG A . n 
A 1 124 ALA 124 189 189 ALA ALA A . n 
A 1 125 ASP 125 190 190 ASP ASP A . n 
A 1 126 ASN 126 191 191 ASN ASN A . n 
A 1 127 GLN 127 192 192 GLN GLN A . n 
A 1 128 TYR 128 193 193 TYR TYR A . n 
A 1 129 TYR 129 194 194 TYR TYR A . n 
A 1 130 TYR 130 195 195 TYR TYR A . n 
A 1 131 THR 131 196 196 THR THR A . n 
A 1 132 GLY 132 197 197 GLY GLY A . n 
A 1 133 VAL 133 198 198 VAL VAL A . n 
A 1 134 ASP 134 199 199 ASP ASP A . n 
A 1 135 LYS 135 200 200 LYS LYS A . n 
A 1 136 GLN 136 201 201 GLN GLN A . n 
A 1 137 ASN 137 202 202 ASN ASN A . n 
A 1 138 LEU 138 203 203 LEU LEU A . n 
A 1 139 ARG 139 204 204 ARG ARG A . n 
A 1 140 PHE 140 205 205 PHE PHE A . n 
A 1 141 SER 141 206 206 SER SER A . n 
A 1 142 LEU 142 207 207 LEU LEU A . n 
A 1 143 GLN 143 208 208 GLN GLN A . n 
A 1 144 GLY 144 209 209 GLY GLY A . n 
A 1 145 ILE 145 210 210 ILE ILE A . n 
A 1 146 LEU 146 211 211 LEU LEU A . n 
A 1 147 TYR 147 212 212 TYR TYR A . n 
A 1 148 ILE 148 213 213 ILE ILE A . n 
A 1 149 ILE 149 214 214 ILE ILE A . n 
A 1 150 GLN 150 215 215 GLN GLN A . n 
A 1 151 VAL 151 216 216 VAL VAL A . n 
A 1 152 THR 152 217 217 THR THR A . n 
A 1 153 ASP 153 218 218 ASP ASP A . n 
A 1 154 LEU 154 219 219 LEU LEU A . n 
A 1 155 ILE 155 220 220 ILE ILE A . n 
A 1 156 ASN 156 221 221 ASN ASN A . n 
A 1 157 PHE 157 222 222 PHE PHE A . n 
A 1 158 ASN 158 223 223 ASN ASN A . n 
A 1 159 GLY 159 224 224 GLY GLY A . n 
A 1 160 GLU 160 225 225 GLU GLU A . n 
A 1 161 LEU 161 226 226 LEU LEU A . n 
A 1 162 ILE 162 227 227 ILE ILE A . n 
A 1 163 THR 163 228 228 THR THR A . n 
A 1 164 GLN 164 229 229 GLN GLN A . n 
A 1 165 ASP 165 230 230 ASP ASP A . n 
A 1 166 LEU 166 231 231 LEU LEU A . n 
A 1 167 THR 167 232 232 THR THR A . n 
A 1 168 CYS 168 233 233 CYS CYS A . n 
A 1 169 GLY 169 234 234 GLY GLY A . n 
A 1 170 SER 170 235 235 SER SER A . n 
A 1 171 LEU 171 236 236 LEU LEU A . n 
A 1 172 PHE 172 237 237 PHE PHE A . n 
A 1 173 LEU 173 238 238 LEU LEU A . n 
A 1 174 ASP 174 239 239 ASP ASP A . n 
A 1 175 TRP 175 240 240 TRP TRP A . n 
A 1 176 LEU 176 241 241 LEU LEU A . n 
A 1 177 VAL 177 242 242 VAL VAL A . n 
A 1 178 ASN 178 243 243 ASN ASN A . n 
A 1 179 PHE 179 244 244 PHE PHE A . n 
A 1 180 SER 180 245 245 SER SER A . n 
A 1 181 ILE 181 246 246 ILE ILE A . n 
A 1 182 PRO 182 247 247 PRO PRO A . n 
A 1 183 GLN 183 248 248 GLN GLN A . n 
A 1 184 ILE 184 249 249 ILE ILE A . n 
A 1 185 ASN 185 250 250 ASN ASN A . n 
# 
loop_
_pdbx_nonpoly_scheme.asym_id 
_pdbx_nonpoly_scheme.entity_id 
_pdbx_nonpoly_scheme.mon_id 
_pdbx_nonpoly_scheme.ndb_seq_num 
_pdbx_nonpoly_scheme.pdb_seq_num 
_pdbx_nonpoly_scheme.auth_seq_num 
_pdbx_nonpoly_scheme.pdb_mon_id 
_pdbx_nonpoly_scheme.auth_mon_id 
_pdbx_nonpoly_scheme.pdb_strand_id 
_pdbx_nonpoly_scheme.pdb_ins_code 
B 2 CA 1 301 251 CA CA A . 
C 2 CA 1 302 252 CA CA A . 
# 
loop_
_software.citation_id 
_software.classification 
_software.compiler_name 
_software.compiler_version 
_software.contact_author 
_software.contact_author_email 
_software.date 
_software.description 
_software.dependencies 
_software.hardware 
_software.language 
_software.location 
_software.mods 
_software.name 
_software.os 
_software.os_version 
_software.type 
_software.version 
_software.pdbx_ordinal 
? refinement       ? ? ? ? ? ? ? ? ? ? ? REFMAC   ? ? ? 5.8.0135 1 
? 'data reduction' ? ? ? ? ? ? ? ? ? ? ? HKL-2000 ? ? ? .        2 
? 'data scaling'   ? ? ? ? ? ? ? ? ? ? ? HKL-2000 ? ? ? .        3 
? phasing          ? ? ? ? ? ? ? ? ? ? ? PHASER   ? ? ? .        4 
# 
_cell.entry_id           5YL1 
_cell.length_a           196.981 
_cell.length_b           200.319 
_cell.length_c           419.290 
_cell.angle_alpha        90.00 
_cell.angle_beta         90.00 
_cell.angle_gamma        90.00 
_cell.Z_PDB              240 
_cell.pdbx_unique_axis   ? 
# 
_symmetry.entry_id                         5YL1 
_symmetry.space_group_name_H-M             'P 21 21 21' 
_symmetry.pdbx_full_space_group_name_H-M   ? 
_symmetry.cell_setting                     ? 
_symmetry.Int_Tables_number                19 
# 
_exptl.absorpt_coefficient_mu     ? 
_exptl.absorpt_correction_T_max   ? 
_exptl.absorpt_correction_T_min   ? 
_exptl.absorpt_correction_type    ? 
_exptl.absorpt_process_details    ? 
_exptl.entry_id                   5YL1 
_exptl.crystals_number            1 
_exptl.details                    ? 
_exptl.method                     'X-RAY DIFFRACTION' 
_exptl.method_details             ? 
# 
_exptl_crystal.colour                      ? 
_exptl_crystal.density_diffrn              ? 
_exptl_crystal.density_Matthews            2.93 
_exptl_crystal.density_method              ? 
_exptl_crystal.density_percent_sol         57.95 
_exptl_crystal.description                 ? 
_exptl_crystal.F_000                       ? 
_exptl_crystal.id                          1 
_exptl_crystal.preparation                 ? 
_exptl_crystal.size_max                    ? 
_exptl_crystal.size_mid                    ? 
_exptl_crystal.size_min                    ? 
_exptl_crystal.size_rad                    ? 
_exptl_crystal.colour_lustre               ? 
_exptl_crystal.colour_modifier             ? 
_exptl_crystal.colour_primary              ? 
_exptl_crystal.density_meas                ? 
_exptl_crystal.density_meas_esd            ? 
_exptl_crystal.density_meas_gt             ? 
_exptl_crystal.density_meas_lt             ? 
_exptl_crystal.density_meas_temp           ? 
_exptl_crystal.density_meas_temp_esd       ? 
_exptl_crystal.density_meas_temp_gt        ? 
_exptl_crystal.density_meas_temp_lt        ? 
_exptl_crystal.pdbx_crystal_image_url      ? 
_exptl_crystal.pdbx_crystal_image_format   ? 
_exptl_crystal.pdbx_mosaicity              ? 
_exptl_crystal.pdbx_mosaicity_esd          ? 
# 
_exptl_crystal_grow.apparatus       ? 
_exptl_crystal_grow.atmosphere      ? 
_exptl_crystal_grow.crystal_id      1 
_exptl_crystal_grow.details         ? 
_exptl_crystal_grow.method          'VAPOR DIFFUSION, HANGING DROP' 
_exptl_crystal_grow.method_ref      ? 
_exptl_crystal_grow.pH              ? 
_exptl_crystal_grow.pressure        ? 
_exptl_crystal_grow.pressure_esd    ? 
_exptl_crystal_grow.seeding         ? 
_exptl_crystal_grow.seeding_ref     ? 
_exptl_crystal_grow.temp            291 
_exptl_crystal_grow.temp_details    ? 
_exptl_crystal_grow.temp_esd        ? 
_exptl_crystal_grow.time            ? 
_exptl_crystal_grow.pdbx_details    '0.1M Tris 8.0, 20%(w/v) Poly(acrylic acid sodium salt) 5100' 
_exptl_crystal_grow.pdbx_pH_range   ? 
# 
_diffrn.ambient_environment              ? 
_diffrn.ambient_temp                     100 
_diffrn.ambient_temp_details             ? 
_diffrn.ambient_temp_esd                 ? 
_diffrn.crystal_id                       1 
_diffrn.crystal_support                  ? 
_diffrn.crystal_treatment                ? 
_diffrn.details                          ? 
_diffrn.id                               1 
_diffrn.ambient_pressure                 ? 
_diffrn.ambient_pressure_esd             ? 
_diffrn.ambient_pressure_gt              ? 
_diffrn.ambient_pressure_lt              ? 
_diffrn.ambient_temp_gt                  ? 
_diffrn.ambient_temp_lt                  ? 
_diffrn.pdbx_serial_crystal_experiment   ? 
# 
_diffrn_detector.details                      ? 
_diffrn_detector.detector                     CCD 
_diffrn_detector.diffrn_id                    1 
_diffrn_detector.type                         'RAYONIX MX300HE' 
_diffrn_detector.area_resol_mean              ? 
_diffrn_detector.dtime                        ? 
_diffrn_detector.pdbx_frames_total            ? 
_diffrn_detector.pdbx_collection_time_total   ? 
_diffrn_detector.pdbx_collection_date         2017-05-09 
# 
_diffrn_radiation.collimation                      ? 
_diffrn_radiation.diffrn_id                        1 
_diffrn_radiation.filter_edge                      ? 
_diffrn_radiation.inhomogeneity                    ? 
_diffrn_radiation.monochromator                    ? 
_diffrn_radiation.polarisn_norm                    ? 
_diffrn_radiation.polarisn_ratio                   ? 
_diffrn_radiation.probe                            ? 
_diffrn_radiation.type                             ? 
_diffrn_radiation.xray_symbol                      ? 
_diffrn_radiation.wavelength_id                    1 
_diffrn_radiation.pdbx_monochromatic_or_laue_m_l   M 
_diffrn_radiation.pdbx_wavelength_list             ? 
_diffrn_radiation.pdbx_wavelength                  ? 
_diffrn_radiation.pdbx_diffrn_protocol             'SINGLE WAVELENGTH' 
_diffrn_radiation.pdbx_analyzer                    ? 
_diffrn_radiation.pdbx_scattering_type             x-ray 
# 
_diffrn_radiation_wavelength.id           1 
_diffrn_radiation_wavelength.wavelength   0.9 
_diffrn_radiation_wavelength.wt           1.0 
# 
_diffrn_source.current                     ? 
_diffrn_source.details                     ? 
_diffrn_source.diffrn_id                   1 
_diffrn_source.power                       ? 
_diffrn_source.size                        ? 
_diffrn_source.source                      SYNCHROTRON 
_diffrn_source.target                      ? 
_diffrn_source.type                        'SPRING-8 BEAMLINE BL44XU' 
_diffrn_source.voltage                     ? 
_diffrn_source.take-off_angle              ? 
_diffrn_source.pdbx_wavelength_list        0.9 
_diffrn_source.pdbx_wavelength             ? 
_diffrn_source.pdbx_synchrotron_beamline   BL44XU 
_diffrn_source.pdbx_synchrotron_site       SPring-8 
# 
_reflns.B_iso_Wilson_estimate            ? 
_reflns.entry_id                         5YL1 
_reflns.data_reduction_details           ? 
_reflns.data_reduction_method            ? 
_reflns.d_resolution_high                3.12 
_reflns.d_resolution_low                 37.62 
_reflns.details                          ? 
_reflns.limit_h_max                      ? 
_reflns.limit_h_min                      ? 
_reflns.limit_k_max                      ? 
_reflns.limit_k_min                      ? 
_reflns.limit_l_max                      ? 
_reflns.limit_l_min                      ? 
_reflns.number_all                       ? 
_reflns.number_obs                       292229 
_reflns.observed_criterion               ? 
_reflns.observed_criterion_F_max         ? 
_reflns.observed_criterion_F_min         ? 
_reflns.observed_criterion_I_max         ? 
_reflns.observed_criterion_I_min         ? 
_reflns.observed_criterion_sigma_F       ? 
_reflns.observed_criterion_sigma_I       ? 
_reflns.percent_possible_obs             99.7 
_reflns.R_free_details                   ? 
_reflns.Rmerge_F_all                     ? 
_reflns.Rmerge_F_obs                     ? 
_reflns.Friedel_coverage                 ? 
_reflns.number_gt                        ? 
_reflns.threshold_expression             ? 
_reflns.pdbx_redundancy                  5 
_reflns.pdbx_Rmerge_I_obs                ? 
_reflns.pdbx_Rmerge_I_all                ? 
_reflns.pdbx_Rsym_value                  ? 
_reflns.pdbx_netI_over_av_sigmaI         ? 
_reflns.pdbx_netI_over_sigmaI            7.1 
_reflns.pdbx_res_netI_over_av_sigmaI_2   ? 
_reflns.pdbx_res_netI_over_sigmaI_2      ? 
_reflns.pdbx_chi_squared                 ? 
_reflns.pdbx_scaling_rejects             ? 
_reflns.pdbx_d_res_high_opt              ? 
_reflns.pdbx_d_res_low_opt               ? 
_reflns.pdbx_d_res_opt_method            ? 
_reflns.phase_calculation_details        ? 
_reflns.pdbx_Rrim_I_all                  0.244 
_reflns.pdbx_Rpim_I_all                  0.108 
_reflns.pdbx_d_opt                       ? 
_reflns.pdbx_number_measured_all         ? 
_reflns.pdbx_diffrn_id                   1 
_reflns.pdbx_ordinal                     1 
_reflns.pdbx_CC_half                     ? 
_reflns.pdbx_R_split                     ? 
# 
_reflns_shell.d_res_high                  3.12 
_reflns_shell.d_res_low                   3.23 
_reflns_shell.meanI_over_sigI_all         ? 
_reflns_shell.meanI_over_sigI_obs         ? 
_reflns_shell.number_measured_all         ? 
_reflns_shell.number_measured_obs         ? 
_reflns_shell.number_possible             ? 
_reflns_shell.number_unique_all           ? 
_reflns_shell.number_unique_obs           ? 
_reflns_shell.percent_possible_all        99.8 
_reflns_shell.percent_possible_obs        ? 
_reflns_shell.Rmerge_F_all                ? 
_reflns_shell.Rmerge_F_obs                ? 
_reflns_shell.Rmerge_I_all                ? 
_reflns_shell.Rmerge_I_obs                ? 
_reflns_shell.meanI_over_sigI_gt          ? 
_reflns_shell.meanI_over_uI_all           ? 
_reflns_shell.meanI_over_uI_gt            ? 
_reflns_shell.number_measured_gt          ? 
_reflns_shell.number_unique_gt            ? 
_reflns_shell.percent_possible_gt         ? 
_reflns_shell.Rmerge_F_gt                 ? 
_reflns_shell.Rmerge_I_gt                 ? 
_reflns_shell.pdbx_redundancy             5.0 
_reflns_shell.pdbx_Rsym_value             ? 
_reflns_shell.pdbx_chi_squared            ? 
_reflns_shell.pdbx_netI_over_sigmaI_all   ? 
_reflns_shell.pdbx_netI_over_sigmaI_obs   ? 
_reflns_shell.pdbx_Rrim_I_all             0.963 
_reflns_shell.pdbx_Rpim_I_all             0.428 
_reflns_shell.pdbx_rejects                ? 
_reflns_shell.pdbx_ordinal                1 
_reflns_shell.pdbx_diffrn_id              1 
_reflns_shell.pdbx_CC_half                0.646 
_reflns_shell.pdbx_R_split                ? 
# 
_refine.pdbx_refine_id                           'X-RAY DIFFRACTION' 
_refine.entry_id                                 5YL1 
_refine.pdbx_diffrn_id                           1 
_refine.pdbx_TLS_residual_ADP_flag               ? 
_refine.ls_number_reflns_obs                     274292 
_refine.ls_number_reflns_all                     ? 
_refine.pdbx_ls_sigma_I                          ? 
_refine.pdbx_ls_sigma_F                          ? 
_refine.pdbx_data_cutoff_high_absF               ? 
_refine.pdbx_data_cutoff_low_absF                ? 
_refine.pdbx_data_cutoff_high_rms_absF           ? 
_refine.ls_d_res_low                             37.62 
_refine.ls_d_res_high                            3.12 
_refine.ls_percent_reflns_obs                    98.28 
_refine.ls_R_factor_obs                          0.21959 
_refine.ls_R_factor_all                          ? 
_refine.ls_R_factor_R_work                       0.21953 
_refine.ls_R_factor_R_free                       0.22071 
_refine.ls_R_factor_R_free_error                 ? 
_refine.ls_R_factor_R_free_error_details         ? 
_refine.ls_percent_reflns_R_free                 5.0 
_refine.ls_number_reflns_R_free                  14413 
_refine.ls_number_parameters                     ? 
_refine.ls_number_restraints                     ? 
_refine.occupancy_min                            ? 
_refine.occupancy_max                            ? 
_refine.correlation_coeff_Fo_to_Fc               0.907 
_refine.correlation_coeff_Fo_to_Fc_free          0.910 
_refine.B_iso_mean                               65.435 
_refine.aniso_B[1][1]                            0.01 
_refine.aniso_B[2][2]                            -0.02 
_refine.aniso_B[3][3]                            0.01 
_refine.aniso_B[1][2]                            -0.00 
_refine.aniso_B[1][3]                            0.00 
_refine.aniso_B[2][3]                            0.00 
_refine.solvent_model_details                    MASK 
_refine.solvent_model_param_ksol                 ? 
_refine.solvent_model_param_bsol                 ? 
_refine.pdbx_solvent_vdw_probe_radii             1.20 
_refine.pdbx_solvent_ion_probe_radii             0.80 
_refine.pdbx_solvent_shrinkage_radii             0.80 
_refine.pdbx_ls_cross_valid_method               THROUGHOUT 
_refine.details                                  'HYDROGENS HAVE BEEN ADDED IN THE RIDING POSITIONS' 
_refine.pdbx_starting_model                      ? 
_refine.pdbx_method_to_determine_struct          'MOLECULAR REPLACEMENT' 
_refine.pdbx_isotropic_thermal_model             ? 
_refine.pdbx_stereochemistry_target_values       'MAXIMUM LIKELIHOOD' 
_refine.pdbx_stereochem_target_val_spec_case     ? 
_refine.pdbx_R_Free_selection_details            RANDOM 
_refine.pdbx_overall_ESU_R                       0.052 
_refine.pdbx_overall_ESU_R_Free                  0.051 
_refine.overall_SU_ML                            0.283 
_refine.pdbx_overall_phase_error                 ? 
_refine.overall_SU_B                             16.916 
_refine.overall_SU_R_Cruickshank_DPI             ? 
_refine.pdbx_overall_SU_R_free_Cruickshank_DPI   ? 
_refine.pdbx_overall_SU_R_Blow_DPI               ? 
_refine.pdbx_overall_SU_R_free_Blow_DPI          ? 
# 
_refine_hist.pdbx_refine_id                   'X-RAY DIFFRACTION' 
_refine_hist.cycle_id                         1 
_refine_hist.pdbx_number_atoms_protein        1454 
_refine_hist.pdbx_number_atoms_nucleic_acid   0 
_refine_hist.pdbx_number_atoms_ligand         2 
_refine_hist.number_atoms_solvent             0 
_refine_hist.number_atoms_total               1456 
_refine_hist.d_res_high                       3.12 
_refine_hist.d_res_low                        37.62 
# 
loop_
_refine_ls_restr.type 
_refine_ls_restr.dev_ideal 
_refine_ls_restr.dev_ideal_target 
_refine_ls_restr.weight 
_refine_ls_restr.number 
_refine_ls_restr.pdbx_refine_id 
_refine_ls_restr.pdbx_restraint_function 
r_bond_refined_d             0.011  0.020  ? 1486 'X-RAY DIFFRACTION' ? 
r_bond_other_d               0.004  0.020  ? 1398 'X-RAY DIFFRACTION' ? 
r_angle_refined_deg          1.696  1.948  ? 2031 'X-RAY DIFFRACTION' ? 
r_angle_other_deg            1.159  3.000  ? 3205 'X-RAY DIFFRACTION' ? 
r_dihedral_angle_1_deg       7.908  5.000  ? 184  'X-RAY DIFFRACTION' ? 
r_dihedral_angle_2_deg       31.119 24.706 ? 68   'X-RAY DIFFRACTION' ? 
r_dihedral_angle_3_deg       21.575 15.000 ? 235  'X-RAY DIFFRACTION' ? 
r_dihedral_angle_4_deg       22.099 15.000 ? 8    'X-RAY DIFFRACTION' ? 
r_chiral_restr               0.098  0.200  ? 238  'X-RAY DIFFRACTION' ? 
r_gen_planes_refined         0.007  0.021  ? 1699 'X-RAY DIFFRACTION' ? 
r_gen_planes_other           0.003  0.020  ? 349  'X-RAY DIFFRACTION' ? 
r_nbd_refined                ?      ?      ? ?    'X-RAY DIFFRACTION' ? 
r_nbd_other                  ?      ?      ? ?    'X-RAY DIFFRACTION' ? 
r_nbtor_refined              ?      ?      ? ?    'X-RAY DIFFRACTION' ? 
r_nbtor_other                ?      ?      ? ?    'X-RAY DIFFRACTION' ? 
r_xyhbond_nbd_refined        ?      ?      ? ?    'X-RAY DIFFRACTION' ? 
r_xyhbond_nbd_other          ?      ?      ? ?    'X-RAY DIFFRACTION' ? 
r_metal_ion_refined          ?      ?      ? ?    'X-RAY DIFFRACTION' ? 
r_metal_ion_other            ?      ?      ? ?    'X-RAY DIFFRACTION' ? 
r_symmetry_vdw_refined       ?      ?      ? ?    'X-RAY DIFFRACTION' ? 
r_symmetry_vdw_other         ?      ?      ? ?    'X-RAY DIFFRACTION' ? 
r_symmetry_hbond_refined     ?      ?      ? ?    'X-RAY DIFFRACTION' ? 
r_symmetry_hbond_other       ?      ?      ? ?    'X-RAY DIFFRACTION' ? 
r_symmetry_metal_ion_refined ?      ?      ? ?    'X-RAY DIFFRACTION' ? 
r_symmetry_metal_ion_other   ?      ?      ? ?    'X-RAY DIFFRACTION' ? 
r_mcbond_it                  2.894  6.452  ? 739  'X-RAY DIFFRACTION' ? 
r_mcbond_other               2.855  6.451  ? 738  'X-RAY DIFFRACTION' ? 
r_mcangle_it                 4.159  9.690  ? 922  'X-RAY DIFFRACTION' ? 
r_mcangle_other              4.157  9.693  ? 923  'X-RAY DIFFRACTION' ? 
r_scbond_it                  3.739  6.694  ? 747  'X-RAY DIFFRACTION' ? 
r_scbond_other               3.738  6.697  ? 748  'X-RAY DIFFRACTION' ? 
r_scangle_it                 ?      ?      ? ?    'X-RAY DIFFRACTION' ? 
r_scangle_other              5.318  9.961  ? 1110 'X-RAY DIFFRACTION' ? 
r_long_range_B_refined       7.221  64.018 ? 6350 'X-RAY DIFFRACTION' ? 
r_long_range_B_other         7.230  64.018 ? 6351 'X-RAY DIFFRACTION' ? 
r_rigid_bond_restr           ?      ?      ? ?    'X-RAY DIFFRACTION' ? 
r_sphericity_free            ?      ?      ? ?    'X-RAY DIFFRACTION' ? 
r_sphericity_bonded          ?      ?      ? ?    'X-RAY DIFFRACTION' ? 
# 
_refine_ls_shell.pdbx_refine_id                   'X-RAY DIFFRACTION' 
_refine_ls_shell.pdbx_total_number_of_bins_used   20 
_refine_ls_shell.d_res_high                       3.119 
_refine_ls_shell.d_res_low                        3.199 
_refine_ls_shell.number_reflns_R_work             17122 
_refine_ls_shell.R_factor_R_work                  0.345 
_refine_ls_shell.percent_reflns_obs               84.42 
_refine_ls_shell.R_factor_R_free                  0.349 
_refine_ls_shell.R_factor_R_free_error            ? 
_refine_ls_shell.percent_reflns_R_free            ? 
_refine_ls_shell.number_reflns_R_free             931 
_refine_ls_shell.number_reflns_all                ? 
_refine_ls_shell.R_factor_all                     ? 
_refine_ls_shell.R_factor_obs                     ? 
_refine_ls_shell.number_reflns_obs                ? 
# 
loop_
_struct_ncs_oper.id 
_struct_ncs_oper.code 
_struct_ncs_oper.details 
_struct_ncs_oper.matrix[1][1] 
_struct_ncs_oper.matrix[1][2] 
_struct_ncs_oper.matrix[1][3] 
_struct_ncs_oper.matrix[2][1] 
_struct_ncs_oper.matrix[2][2] 
_struct_ncs_oper.matrix[2][3] 
_struct_ncs_oper.matrix[3][1] 
_struct_ncs_oper.matrix[3][2] 
_struct_ncs_oper.matrix[3][3] 
_struct_ncs_oper.vector[1] 
_struct_ncs_oper.vector[2] 
_struct_ncs_oper.vector[3] 
1  given    ? 1.000000    -0.000000   0.000000    -0.000000   1.000000    0.000000    0.000000    0.000000    1.000000    0.00000    0.00000   0.00000   
2  generate ? 0.73197135  0.40086891  -0.55092875 -0.67845425 0.35456191  -0.64341707 -0.06258754 0.84474320  0.53150073  -18.16211  -14.51350 -18.47509 
3  generate ? 0.29829222  -0.02983555 -0.95400771 -0.69689334 -0.68977818 -0.19632829 -0.65219689 0.72340572  -0.22654803 -27.09586  4.54996   -39.41806 
4  generate ? 0.29829222  -0.69689334 -0.65219689 -0.02983555 -0.68977818 0.72340572  -0.95400771 -0.19632829 -0.22654803 -14.45504  30.84527  -33.88645 
5  generate ? 0.73197135  -0.67845425 -0.06258754 0.40086891  0.35456191  0.84474320  -0.55092875 -0.64341707 0.53150073  2.29111    28.03325  -9.52477  
6  generate ? 0.94499777  -0.29484912 -0.14157573 -0.29484912 -0.95530282 0.02146151  -0.14157573 0.02146151  -0.98969496 7.38225    34.51830  29.53014  
7  generate ? 0.90061394  0.15468215  -0.40616274 0.43096472  -0.43877951 0.78850609  -0.05624793 -0.88518109 -0.46183442 -2.88598   53.34165  50.07470  
8  generate ? 0.57969996  0.07276902  -0.81157428 0.56379554  0.68327010  0.46397911  0.58828757  -0.72653101 0.35506394  -13.98413  37.31492  72.47575  
9  generate ? 0.42574680  -0.42738681 -0.79754568 -0.07992479 0.86021257  -0.50363380 0.90130510  0.27816420  0.33207463  -10.57496  8.58650   65.77586  
10 generate ? 0.65151393  -0.65458806 -0.38346394 -0.61059649 -0.15248172 -0.77712422 0.45022470  0.74044855  -0.49903221 2.63020    6.85807   39.23399  
11 generate ? -0.97690092 0.05297249  0.20702580  0.05297249  -0.87852151 0.47475677  0.20702580  0.47475677  0.85542143  -137.77282 46.60597  3.44719   
12 generate ? -0.76395967 -0.19794308 0.61415291  0.60509750  0.11079216  0.78840495  -0.22410311 0.97393186  0.03513351  -124.62388 49.62310  -23.00722 
13 generate ? -0.46334036 0.14237019  0.87466921  0.31840242  0.94784685  0.01438664  -0.82700372 0.28516281  -0.48450648 -119.22242 22.45943  -33.72127 
14 generate ? -0.49048671 0.60361077  0.62855044  -0.41091000 0.47586037  -0.77763116 -0.76848925 -0.63969522 0.01462634  -129.03307 2.65419   -13.88854 
15 generate ? -0.80788444 0.54836018  0.21592454  -0.57495358 -0.65289703 -0.49310592 -0.12942338 -0.52251932 0.84274748  -140.49785 17.57760  9.08285   
16 generate ? -0.96809689 0.24187649  -0.06545032 0.24187649  0.83382375  -0.49621936 -0.06545032 -0.49621936 -0.86572686 -137.04245 30.69165  46.62403  
17 generate ? -0.86862562 -0.35760798 0.34293858  -0.35760798 -0.02657457 -0.93349398 0.34293858  -0.93349398 -0.10479982 -121.76107 23.36466  71.00900  
18 generate ? -0.41465201 -0.18530457 0.89091304  -0.18530457 -0.94133856 -0.28203752 0.89091304  -0.28203752 0.35599057  -107.13065 47.49162  80.26496  
19 generate ? -0.23355251 0.52066942  0.82119214  0.52066942  -0.64629455 0.55785925  0.82119214  0.55785925  -0.12015294 -113.36998 69.72993  61.60052  
20 generate ? -0.57560069 0.78468185  0.23012708  0.78468185  0.45081558  0.42548753  0.23012708  0.42548753  -0.87521489 -131.85648 59.34696  40.80925  
21 generate ? -0.21695911 -0.12125104 -0.96862069 -0.89710374 0.41598590  0.14886705  0.38488244  0.90125157  -0.19902679 -58.69841  -46.61576 24.40005  
22 generate ? -0.01592077 -0.94819845 -0.31727865 -0.94819845 -0.08637385 0.30570999  -0.31727865 0.30570999  -0.89770538 -35.10280  -39.11020 8.00647   
23 generate ? 0.65151393  -0.61059649 0.45022470  -0.65458806 -0.15248172 0.74044855  -0.38346394 -0.77712422 -0.49903221 -15.19023  -26.28335 25.91722  
24 generate ? 0.86297321  0.42500099  0.27322478  -0.42203021 0.30902141  0.85228845  0.27779188  -0.85081116 0.44604037  -26.47912  -25.86143 53.38022  
25 generate ? 0.32622711  0.72743249  -0.60367011 -0.57191321 0.66035295  0.48667117  0.75265584  0.18648139  0.63145395  -53.36868  -38.42758 52.44254  
26 generate ? -0.03214082 0.15901357  0.98675339  -0.99148958 -0.12968672 -0.01139635 0.12615654  -0.97872183 0.16182854  -93.08893  -34.48321 52.47368  
27 generate ? -0.19316830 0.87704816  0.43985521  -0.63704176 -0.45306630 0.62362557  0.74623298  -0.15974205 0.64623460  -113.04340 -14.38289 61.39730  
28 generate ? -0.76395967 0.60509750  -0.22410311 -0.19794308 0.11079216  0.97393186  0.61415291  0.78840495  0.03513351  -130.39043 -7.75882  38.22332  
29 generate ? -0.95570269 -0.28101206 -0.08755348 -0.28101206 0.78265539  0.55541189  -0.08755348 0.55541189  -0.82695370 -121.15711 -23.76523 14.97738  
30 generate ? -0.50341345 -0.55670710 0.66079661  -0.77145133 0.63403131  -0.05355510 -0.38915136 -0.53673196 -0.74865187 -98.10350  -40.28181 23.78462  
31 generate ? 0.00499461  -0.36483122 -0.93106022 0.92923615  -0.34229868 0.13911195  -0.36945302 -0.86586951 0.33730407  -37.79745  96.88133  12.69138  
32 generate ? 0.30944961  -0.91385946 -0.26287188 0.90370216  0.36864994  -0.21776337 0.29591294  -0.17017163 0.93993445  -15.39175  82.40227  25.73649  
33 generate ? 0.86297321  -0.42203021 0.27779188  0.42500099  0.30902141  -0.85081116 0.27322478  0.85228845  0.44604037  -2.89210   64.66189  5.46646   
34 generate ? 0.90061394  0.43096472  -0.05624793 0.15468215  -0.43877951 -0.88518109 -0.40616274 0.78850609  -0.46183442 -17.57262  68.17682  -20.10618 
35 generate ? 0.37035463  0.46631632  -0.80335967 0.46631632  -0.84131822 -0.27337493 -0.80335967 -0.27337493 -0.52903641 -39.14528  88.08950  -15.64099 
36 generate ? 0.24410544  0.32706914  0.91292840  0.95935735  0.05600032  -0.27658312 -0.14158602 0.94333950  -0.30010576 -77.84824  96.03360  -9.96374  
37 generate ? -0.10036028 0.98500963  0.14029533  0.68153918  0.17078969  -0.71157213 -0.72486680 0.02420264  -0.68846340 -103.89507 82.90675  -15.53892 
38 generate ? -0.75052672 0.42752902  -0.50391349 0.42752902  -0.26733161 -0.86356924 -0.50391349 -0.86356924 0.01785832  -118.96025 81.19617  9.99439   
39 generate ? -0.80788444 -0.57495358 -0.12942338 0.54836018  -0.65289703 -0.52251932 0.21592454  -0.49310592 0.84274748  -102.22417 93.26576  31.35000  
40 generate ? -0.19316830 -0.63704176 0.74623298  0.87704816  -0.45306630 -0.15974205 0.43985521  0.62362557  0.64623460  -76.81558  102.43582 19.01522  
41 generate ? -0.21695911 -0.89710374 0.38488244  -0.12125104 0.41598590  0.90125157  -0.96862069 0.14886705  -0.19902679 -63.94546  -9.71635  -45.06069 
42 generate ? 0.42574680  -0.07992479 0.90130510  -0.42738681 0.86021257  0.27816420  -0.79754568 -0.50363380 0.33207463  -54.09564  -30.20228 -25.95203 
43 generate ? 0.30944961  0.90370216  0.29591294  -0.91385946 0.36864994  -0.17017163 -0.26287188 -0.21776337 0.93993445  -77.31981  -40.06381 -10.29250 
44 generate ? -0.40513268 0.69443728  -0.59466383 -0.90838012 -0.37937922 0.17582986  -0.10350068 0.61141498  0.78451190  -101.52297 -25.67267 -19.72309 
45 generate ? -0.73047097 -0.41852163 -0.53967779 -0.41852163 -0.35012479 0.83800481  -0.53967779 0.83800481  0.08059476  -93.25714  -6.91690  -41.21102 
46 generate ? 0.00499461  0.92923615  -0.36945302 -0.36483122 -0.34229868 -0.86586951 -0.93106022 0.13911195  0.33730407  -85.14792  30.36173  -52.94996 
47 generate ? -0.60366503 0.01938108  -0.79700281 0.01938108  -0.99905232 -0.03897344 -0.79700281 -0.03897344 0.60271735  -91.89939  57.95282  -44.29067 
48 generate ? -0.40513268 -0.90838012 -0.10350068 0.69443728  -0.37937922 0.61141498  -0.59466383 0.17582986  0.78451190  -66.49215  72.82063  -40.38502 
49 generate ? 0.32622711  -0.57191321 0.75265584  0.72743249  0.66035295  0.18648139  -0.60367011 0.48667117  0.63145395  -44.03812  54.41833  -46.63052 
50 generate ? 0.57969996  0.56379554  0.58828757  0.07276902  0.68327010  -0.72653101 -0.81157428 0.46397911  0.35506394  -55.56801  28.17731  -54.39604 
51 generate ? 0.24410544  0.95935735  -0.14158602 0.32706914  0.05600032  0.94333950  0.91292840  -0.27658312 -0.30010576 -74.53800  29.48304  94.64094  
52 generate ? -0.46334036 0.31840242  -0.82700372 0.14237019  0.94784685  0.28516281  0.87466921  0.01438664  -0.48450648 -90.27933  5.30170   87.61892  
53 generate ? -0.50341345 -0.77145133 -0.38915136 -0.55670710 0.63403131  -0.53673196 0.66079661  -0.05355510 -0.74865187 -71.20624  -16.30903 80.47556  
54 generate ? 0.17926613  -0.80406206 0.56687545  -0.80406206 -0.45176367 -0.38651404 0.56687545  -0.38651404 -0.72750246 -43.67711  -5.48386  83.08279  
55 generate ? 0.64125854  0.26563562  0.71987925  -0.25785892 -0.80900678 0.52822053  0.72270069  -0.52435247 -0.45028576 -45.73627  22.81717  91.83749  
56 generate ? -0.03214082 -0.99148958 0.12615654  0.15901357  -0.12968672 -0.97872183 0.98675339  -0.01139635 0.16182854  -43.80163  61.68753  82.97109  
57 generate ? 0.64125854  -0.25785892 0.72270069  0.26563562  -0.80900678 -0.52435247 0.71987925  0.52822053  -0.45028576 -31.15866  78.76365  62.22517  
58 generate ? 0.59909656  0.77612948  0.19673904  0.77612948  -0.62330115 0.09548835  0.19673904  0.09548835  -0.97579440 -52.41481  95.36816  49.80335  
59 generate ? -0.10036028 0.68153918  -0.72486680 0.98500963  0.17078969  0.02420264  0.14029533  -0.71157213 -0.68846340 -78.19482  88.55411  62.87220  
60 generate ? -0.49048671 -0.41091000 -0.76848925 0.60361077  0.47586037  -0.63969522 0.62855044  -0.77763116 0.01462634  -72.87160  67.73831  83.37096  
# 
_struct.entry_id                     5YL1 
_struct.title                        
'T=1 subviral particle of Penaeus vannamei nodavirus capsid protein deletion mutant (delta 1-37 & 251-368)' 
_struct.pdbx_model_details           ? 
_struct.pdbx_formula_weight          ? 
_struct.pdbx_formula_weight_method   ? 
_struct.pdbx_model_type_details      ? 
_struct.pdbx_CASP_flag               N 
# 
_struct_keywords.entry_id        5YL1 
_struct_keywords.text            'Viral capsid protein, VIRAL PROTEIN' 
_struct_keywords.pdbx_keywords   'VIRAL PROTEIN' 
# 
loop_
_struct_asym.id 
_struct_asym.pdbx_blank_PDB_chainid_flag 
_struct_asym.pdbx_modified 
_struct_asym.entity_id 
_struct_asym.details 
A N N 1 ? 
B N N 2 ? 
C N N 2 ? 
# 
_struct_ref.id                         1 
_struct_ref.db_name                    UNP 
_struct_ref.db_code                    A5H7Q8_9VIRU 
_struct_ref.pdbx_db_accession          A5H7Q8 
_struct_ref.pdbx_db_isoform            ? 
_struct_ref.entity_id                  1 
_struct_ref.pdbx_seq_one_letter_code   
;ISRLGPDSDFLTSVVAKASTSIVTPADRILVKQPLSASSFPGTRITGLSSYWERYKWLSAVARYVPAVPNTVACQFVMYI
DTDPLDDPSNISDDNQIVRQAVSQAGSNQFNFNTSKTVPLIVRADNQYYYTGVDKQNLRFSLQGILYIIQVTDLINFNGE
LITQDLTCGSLFLDWLVNFSIPQIN
;
_struct_ref.pdbx_align_begin           66 
# 
_struct_ref_seq.align_id                      1 
_struct_ref_seq.ref_id                        1 
_struct_ref_seq.pdbx_PDB_id_code              5YL1 
_struct_ref_seq.pdbx_strand_id                A 
_struct_ref_seq.seq_align_beg                 1 
_struct_ref_seq.pdbx_seq_align_beg_ins_code   ? 
_struct_ref_seq.seq_align_end                 185 
_struct_ref_seq.pdbx_seq_align_end_ins_code   ? 
_struct_ref_seq.pdbx_db_accession             A5H7Q8 
_struct_ref_seq.db_align_beg                  66 
_struct_ref_seq.pdbx_db_align_beg_ins_code    ? 
_struct_ref_seq.db_align_end                  250 
_struct_ref_seq.pdbx_db_align_end_ins_code    ? 
_struct_ref_seq.pdbx_auth_seq_align_beg       66 
_struct_ref_seq.pdbx_auth_seq_align_end       250 
# 
loop_
_pdbx_struct_assembly.id 
_pdbx_struct_assembly.details 
_pdbx_struct_assembly.method_details 
_pdbx_struct_assembly.oligomeric_details 
_pdbx_struct_assembly.oligomeric_count 
1 'complete icosahedral assembly'                ? 60-meric   60 
2 'icosahedral asymmetric unit'                  ? monomeric  1  
3 'icosahedral pentamer'                         ? pentameric 5  
4 'icosahedral 23 hexamer'                       ? hexameric  6  
5 'icosahedral asymmetric unit, std point frame' ? monomeric  1  
6 'crystal asymmetric unit, crystal frame'       ? 60-meric   60 
# 
loop_
_pdbx_struct_assembly_gen.assembly_id 
_pdbx_struct_assembly_gen.oper_expression 
_pdbx_struct_assembly_gen.asym_id_list 
1 '(1-60)'           A,B,C 
2 1                  A,B,C 
3 '(1-5)'            A,B,C 
4 '(1,2,6,10,23,24)' A,B,C 
5 P                  A,B,C 
6 '(X0)(1-60)'       A,B,C 
# 
_pdbx_struct_assembly_auth_evidence.id                     1 
_pdbx_struct_assembly_auth_evidence.assembly_id            1 
_pdbx_struct_assembly_auth_evidence.experimental_support   'gel filtration' 
_pdbx_struct_assembly_auth_evidence.details                ? 
# 
loop_
_pdbx_struct_oper_list.id 
_pdbx_struct_oper_list.type 
_pdbx_struct_oper_list.name 
_pdbx_struct_oper_list.symmetry_operation 
_pdbx_struct_oper_list.matrix[1][1] 
_pdbx_struct_oper_list.matrix[1][2] 
_pdbx_struct_oper_list.matrix[1][3] 
_pdbx_struct_oper_list.vector[1] 
_pdbx_struct_oper_list.matrix[2][1] 
_pdbx_struct_oper_list.matrix[2][2] 
_pdbx_struct_oper_list.matrix[2][3] 
_pdbx_struct_oper_list.vector[2] 
_pdbx_struct_oper_list.matrix[3][1] 
_pdbx_struct_oper_list.matrix[3][2] 
_pdbx_struct_oper_list.matrix[3][3] 
_pdbx_struct_oper_list.vector[3] 
P  'transform to point frame' ?     ?     -0.12629886 -0.95755521 0.25910735  13.16703   -0.10747030 -0.24645363 -0.96317741 18.87165  0.98615350  -0.14949456 -0.07178193 71.53996  
X0 'identity operation'       1_555 x,y,z 1.00000000  0.00000000  0.00000000  0.00000    0.00000000  1.00000000  0.00000000  0.00000   0.00000000  0.00000000  1.00000000  0.00000   
1  'identity operation'       1_555 x,y,z 1.00000000  0.00000000  0.00000000  0.00000    0.00000000  1.00000000  0.00000000  0.00000   0.00000000  0.00000000  1.00000000  0.00000   
2  'point symmetry operation' ?     ?     0.73197158  0.40086859  -0.55092830 -18.16212  -0.67845445 0.35456202  -0.64341693 -14.51350 -0.06258739 0.84474265  0.53150039  -18.47509 
3  'point symmetry operation' ?     ?     0.29829248  -0.02983544 -0.95400810 -27.09582  -0.69689376 -0.68977857 -0.19632781 4.54992   -0.65219682 0.72340539  -0.22654790 -39.41807 
4  'point symmetry operation' ?     ?     0.29829248  -0.69689376 -0.65219681 -14.45505  -0.02983544 -0.68977858 0.72340540  30.84527  -0.95400810 -0.19632780 -0.22654789 -33.88644 
5  'point symmetry operation' ?     ?     0.73197158  -0.67845445 -0.06258739 2.29110    0.40086859  0.35456201  0.84474265  28.03326  -0.55092829 -0.64341693 0.53150040  -9.52474  
6  'point symmetry operation' ?     ?     0.94499747  -0.29484916 -0.14157601 7.38225    -0.29484915 -0.95530275 0.02146202  34.51829  -0.14157602 0.02146202  -0.98969471 29.53015  
7  'point symmetry operation' ?     ?     0.90061388  0.15468219  -0.40616260 -2.88599   0.43096494  -0.43877997 0.78850578  53.34165  -0.05624821 -0.88518109 -0.46183391 50.07468  
8  'point symmetry operation' ?     ?     0.57969960  0.07276936  -0.81157440 -13.98413  0.56379579  0.68327006  0.46397880  37.31492  0.58828793  -0.72653054 0.35506433  72.47577  
9  'point symmetry operation' ?     ?     0.42574725  -0.42738689 -0.79754606 -10.57493  -0.07992434 0.86021232  -0.50363366 8.58651   0.90130537  0.27816400  0.33207442  65.77587  
10 'point symmetry operation' ?     ?     0.65151375  -0.65458764 -0.38346428 2.63022    -0.61059610 -0.15248137 -0.77712407 6.85809   0.45022464  0.74044883  -0.49903238 39.23401  
11 'point symmetry operation' ?     ?     -0.97690027 0.05297289  0.20702594  -137.77280 0.05297289  -0.87852121 0.47475716  46.60598  0.20702594  0.47475715  0.85542148  3.44720   
12 'point symmetry operation' ?     ?     -0.76396013 -0.19794282 0.61415271  -124.62386 0.60509745  0.11079253  0.78840477  49.62311  -0.22410259 0.97393206  0.03513361  -23.00721 
13 'point symmetry operation' ?     ?     -0.46334014 0.14237037  0.87466942  -119.22241 0.31840226  0.94784652  0.01438634  22.45942  -0.82700418 0.28516249  -0.48450639 -33.72129 
14 'point symmetry operation' ?     ?     -0.49048689 0.60361118  0.62855082  -129.03307 -0.41090968 0.47586060  -0.77763097 2.65421   -0.76848932 -0.63969542 0.01462630  -13.88854 
15 'point symmetry operation' ?     ?     -0.80788451 0.54836051  0.21592446  -140.49784 -0.57495405 -0.65289674 -0.49310615 17.57760  -0.12942357 -0.52251948 0.84274726  9.08285   
16 'point symmetry operation' ?     ?     -0.96809720 0.24187627  -0.06544993 -137.04247 0.24187626  0.83382397  -0.49621918 30.69164  -0.06544992 -0.49621917 -0.86572677 46.62405  
17 'point symmetry operation' ?     ?     -0.86862532 -0.35760796 0.34293820  -121.76105 -0.35760796 -0.02657459 -0.93349362 23.36465  0.34293820  -0.93349362 -0.10480009 71.00902  
18 'point symmetry operation' ?     ?     -0.41465194 -0.18530429 0.89091307  -107.13065 -0.18530428 -0.94133802 -0.28203733 47.49164  0.89091307  -0.28203734 0.35598996  80.26498  
19 'point symmetry operation' ?     ?     -0.23355284 0.52066947  0.82119204  -113.36998 0.52066947  -0.64629435 0.55785923  69.72993  0.82119204  0.55785923  -0.12015282 61.60051  
20 'point symmetry operation' ?     ?     -0.57560082 0.78468157  0.23012721  -131.85650 0.78468156  0.45081610  0.42548757  59.34697  0.23012722  0.42548758  -0.87521528 40.80927  
21 'point symmetry operation' ?     ?     -0.21695890 -0.12125138 -0.96862115 -58.69839  -0.89710338 0.41598573  0.14886699  -46.61574 0.38488224  0.90125134  -0.19902683 24.40005  
22 'point symmetry operation' ?     ?     -0.01592075 -0.94819874 -0.31727853 -35.10281  -0.94819874 -0.08637352 0.30571024  -39.11019 -0.31727854 0.30571025  -0.89770573 8.00650   
23 'point symmetry operation' ?     ?     0.65151375  -0.61059610 0.45022465  -15.19022  -0.65458764 -0.15248138 0.74044881  -26.28334 -0.38346429 -0.77712407 -0.49903237 25.91723  
24 'point symmetry operation' ?     ?     0.86297280  0.42500117  0.27322509  -26.47915  -0.42203063 0.30902098  0.85228879  -25.86146 0.27779145  -0.85081140 0.44604022  53.38020  
25 'point symmetry operation' ?     ?     0.32622718  0.72743285  -0.60366985 -53.36867  -0.57191361 0.66035297  0.48667111  -38.42759 0.75265572  0.18648165  0.63145384  52.44255  
26 'point symmetry operation' ?     ?     -0.03214122 0.15901336  0.98675310  -93.08895  -0.99148946 -0.12968716 -0.01139667 -34.48321 0.12615697  -0.97872162 0.16182838  52.47370  
27 'point symmetry operation' ?     ?     -0.19316808 0.87704813  0.43985528  -113.04340 -0.63704199 -0.45306637 0.62362518  -14.38289 0.74623293  -0.15974182 0.64623446  61.39731  
28 'point symmetry operation' ?     ?     -0.76396014 0.60509747  -0.22410260 -130.39045 -0.19794281 0.11079253  0.97393205  -7.75881  0.61415271  0.78840477  0.03513361  38.22331  
29 'point symmetry operation' ?     ?     -0.95570217 -0.28101206 -0.08755330 -121.15709 -0.28101206 0.78265573  0.55541177  -23.76523 -0.08755331 0.55541178  -0.82695355 14.97738  
30 'point symmetry operation' ?     ?     -0.50341321 -0.55670721 0.66079668  -98.10348  -0.77145086 0.63403110  -0.05355487 -40.28181 -0.38915126 -0.53673238 -0.74865188 23.78462  
31 'point symmetry operation' ?     ?     0.00499448  -0.36483086 -0.93106042 -37.79743  0.92923584  -0.34229878 0.13911256  96.88130  -0.36945340 -0.86586950 0.33730432  12.69137  
32 'point symmetry operation' ?     ?     0.30944957  -0.91385949 -0.26287222 -15.39174  0.90370165  0.36864962  -0.21776310 82.40223  0.29591263  -0.17017137 0.93993480  25.73648  
33 'point symmetry operation' ?     ?     0.86297280  -0.42203064 0.27779146  -2.89211   0.42500117  0.30902098  -0.85081140 64.66190  0.27322508  0.85228879  0.44604021  5.46648   
34 'point symmetry operation' ?     ?     0.90061388  0.43096494  -0.05624821 -17.57261  0.15468219  -0.43877995 -0.88518109 68.17681  -0.40616261 0.78850578  -0.46183392 -20.10619 
35 'point symmetry operation' ?     ?     0.37035411  0.46631635  -0.80335976 -39.14528  0.46631634  -0.84131771 -0.27337443 88.08950  -0.80335976 -0.27337444 -0.52903640 -15.64096 
36 'point symmetry operation' ?     ?     0.24410566  0.32706888  0.91292846  -77.84825  0.95935701  0.05600020  -0.27658289 96.03358  -0.14158582 0.94333978  -0.30010586 -9.96373  
37 'point symmetry operation' ?     ?     -0.10036073 0.98501010  0.14029547  -103.89508 0.68153908  0.17079027  -0.71157231 82.90676  -0.72486702 0.02420293  -0.68846352 -15.53890 
38 'point symmetry operation' ?     ?     -0.75052641 0.42752928  -0.50391352 -118.96023 0.42752927  -0.26733214 -0.86356947 81.19617  -0.50391350 -0.86356949 0.01785855  9.99438   
39 'point symmetry operation' ?     ?     -0.80788450 -0.57495405 -0.12942356 -102.22418 0.54836051  -0.65289674 -0.52251946 93.26578  0.21592447  -0.49310616 0.84274726  31.35000  
40 'point symmetry operation' ?     ?     -0.19316808 -0.63704200 0.74623293  -76.81557  0.87704812  -0.45306637 -0.15974180 102.43581 0.43985529  0.62362518  0.64623444  19.01521  
41 'point symmetry operation' ?     ?     -0.21695890 -0.89710339 0.38488225  -63.94543  -0.12125138 0.41598573  0.90125133  -9.71635  -0.96862115 0.14886701  -0.19902683 -45.06069 
42 'point symmetry operation' ?     ?     0.42574726  -0.07992435 0.90130537  -54.09562  -0.42738689 0.86021232  0.27816399  -30.20228 -0.79754606 -0.50363366 0.33207442  -25.95202 
43 'point symmetry operation' ?     ?     0.30944956  0.90370166  0.29591262  -77.31982  -0.91385948 0.36864963  -0.17017137 -40.06383 -0.26287222 -0.21776311 0.93993480  -10.29251 
44 'point symmetry operation' ?     ?     -0.40513252 0.69443691  -0.59466380 -101.52296 -0.90838056 -0.37937941 0.17582949  -25.67267 -0.10350071 0.61141527  0.78451193  -19.72308 
45 'point symmetry operation' ?     ?     -0.73047084 -0.41852181 -0.53967754 -93.25714  -0.41852181 -0.35012409 0.83800514  -6.91689  -0.53967754 0.83800514  0.08059494  -41.21099 
46 'point symmetry operation' ?     ?     0.00499447  0.92923584  -0.36945341 -85.14792  -0.36483086 -0.34229877 -0.86586949 30.36174  -0.93106042 0.13911256  0.33730430  -52.94995 
47 'point symmetry operation' ?     ?     -0.60366524 0.01938082  -0.79700230 -91.89941  0.01938082  -0.99905227 -0.03897350 57.95282  -0.79700229 -0.03897351 0.60271753  -44.29065 
48 'point symmetry operation' ?     ?     -0.40513251 -0.90838056 -0.10350071 -66.49216  0.69443690  -0.37937942 0.61141527  72.82061  -0.59466378 0.17582949  0.78451193  -40.38503 
49 'point symmetry operation' ?     ?     0.32622719  -0.57191362 0.75265573  -44.03812  0.72743284  0.66035297  0.18648165  54.41833  -0.60366984 0.48667112  0.63145383  -46.63051 
50 'point symmetry operation' ?     ?     0.57969960  0.56379579  0.58828793  -55.56802  0.07276936  0.68327007  -0.72653055 28.17731  -0.81157439 0.46397880  0.35506432  -54.39605 
51 'point symmetry operation' ?     ?     0.24410565  0.95935702  -0.14158583 -74.53801  0.32706888  0.05600019  0.94333977  29.48301  0.91292846  -0.27658290 -0.30010584 94.64096  
52 'point symmetry operation' ?     ?     -0.46334014 0.31840227  -0.82700418 -90.27931  0.14237037  0.94784653  0.28516248  5.30170   0.87466942  0.01438635  -0.48450638 87.61891  
53 'point symmetry operation' ?     ?     -0.50341322 -0.77145087 -0.38915126 -71.20622  -0.55670719 0.63403111  -0.53673240 -16.30903 0.66079667  -0.05355486 -0.74865188 80.47557  
54 'point symmetry operation' ?     ?     0.17926607  -0.80406240 0.56687508  -43.67711  -0.80406238 -0.45176382 -0.38651408 -5.48387  0.56687508  -0.38651408 -0.72750224 83.08279  
55 'point symmetry operation' ?     ?     0.64125813  0.26563571  0.71987893  -45.73627  -0.25785873 -0.80900657 0.52822083  22.81717  0.72270110  -0.52435298 -0.45028555 91.83748  
56 'point symmetry operation' ?     ?     -0.03214122 -0.99148947 0.12615698  -43.80165  0.15901336  -0.12968715 -0.97872160 61.68751  0.98675310  -0.01139667 0.16182837  82.97109  
57 'point symmetry operation' ?     ?     0.64125814  -0.25785874 0.72270110  -31.15869  0.26563571  -0.80900656 -0.52435297 78.76368  0.71987893  0.52822083  -0.45028556 62.22516  
58 'point symmetry operation' ?     ?     0.59909615  0.77612977  0.19673934  -52.41483  0.77612977  -0.62330132 0.09548848  95.36816  0.19673934  0.09548848  -0.97579485 49.80337  
59 'point symmetry operation' ?     ?     -0.10036073 0.68153909  -0.72486702 -78.19483  0.98501009  0.17079026  0.02420293  88.55412  0.14029548  -0.71157232 -0.68846352 62.87220  
60 'point symmetry operation' ?     ?     -0.49048689 -0.41090968 -0.76848932 -72.87159  0.60361119  0.47586059  -0.63969542 67.73833  0.62855083  -0.77763097 0.01462630  83.37097  
# 
loop_
_struct_conf.conf_type_id 
_struct_conf.id 
_struct_conf.pdbx_PDB_helix_id 
_struct_conf.beg_label_comp_id 
_struct_conf.beg_label_asym_id 
_struct_conf.beg_label_seq_id 
_struct_conf.pdbx_beg_PDB_ins_code 
_struct_conf.end_label_comp_id 
_struct_conf.end_label_asym_id 
_struct_conf.end_label_seq_id 
_struct_conf.pdbx_end_PDB_ins_code 
_struct_conf.beg_auth_comp_id 
_struct_conf.beg_auth_asym_id 
_struct_conf.beg_auth_seq_id 
_struct_conf.end_auth_comp_id 
_struct_conf.end_auth_asym_id 
_struct_conf.end_auth_seq_id 
_struct_conf.pdbx_PDB_helix_class 
_struct_conf.details 
_struct_conf.pdbx_PDB_helix_length 
HELX_P HELX_P1 AA1 ALA A 18  ? ILE A 22  ? ALA A 83  ILE A 87  5 ? 5  
HELX_P HELX_P2 AA2 THR A 24  ? ASP A 27  ? THR A 89  ASP A 92  5 ? 4  
HELX_P HELX_P3 AA3 THR A 43  ? SER A 50  ? THR A 108 SER A 115 1 ? 8  
HELX_P HELX_P4 AA4 ASP A 87  ? ILE A 91  ? ASP A 152 ILE A 156 5 ? 5  
HELX_P HELX_P5 AA5 ASP A 93  ? SER A 103 ? ASP A 158 SER A 168 1 ? 11 
HELX_P HELX_P6 AA6 ASN A 137 ? SER A 141 ? ASN A 202 SER A 206 5 ? 5  
# 
_struct_conf_type.id          HELX_P 
_struct_conf_type.criteria    ? 
_struct_conf_type.reference   ? 
# 
loop_
_struct_conn.id 
_struct_conn.conn_type_id 
_struct_conn.pdbx_leaving_atom_flag 
_struct_conn.pdbx_PDB_id 
_struct_conn.ptnr1_label_asym_id 
_struct_conn.ptnr1_label_comp_id 
_struct_conn.ptnr1_label_seq_id 
_struct_conn.ptnr1_label_atom_id 
_struct_conn.pdbx_ptnr1_label_alt_id 
_struct_conn.pdbx_ptnr1_PDB_ins_code 
_struct_conn.pdbx_ptnr1_standard_comp_id 
_struct_conn.ptnr1_symmetry 
_struct_conn.ptnr2_label_asym_id 
_struct_conn.ptnr2_label_comp_id 
_struct_conn.ptnr2_label_seq_id 
_struct_conn.ptnr2_label_atom_id 
_struct_conn.pdbx_ptnr2_label_alt_id 
_struct_conn.pdbx_ptnr2_PDB_ins_code 
_struct_conn.ptnr1_auth_asym_id 
_struct_conn.ptnr1_auth_comp_id 
_struct_conn.ptnr1_auth_seq_id 
_struct_conn.ptnr2_auth_asym_id 
_struct_conn.ptnr2_auth_comp_id 
_struct_conn.ptnr2_auth_seq_id 
_struct_conn.ptnr2_symmetry 
_struct_conn.pdbx_ptnr3_label_atom_id 
_struct_conn.pdbx_ptnr3_label_seq_id 
_struct_conn.pdbx_ptnr3_label_comp_id 
_struct_conn.pdbx_ptnr3_label_asym_id 
_struct_conn.pdbx_ptnr3_label_alt_id 
_struct_conn.pdbx_ptnr3_PDB_ins_code 
_struct_conn.details 
_struct_conn.pdbx_dist_value 
_struct_conn.pdbx_value_order 
_struct_conn.pdbx_role 
metalc1 metalc ? ? A GLU 53  OE1 ? ? ? 1_555 B CA . CA ? ? A GLU 118 A CA 301 1_555 ? ? ? ? ? ? ? 2.597 ? ? 
metalc2 metalc ? ? A GLU 53  OE2 ? ? ? 1_555 C CA . CA ? ? A GLU 118 A CA 302 1_555 ? ? ? ? ? ? ? 2.824 ? ? 
metalc3 metalc ? ? A GLN 183 OE1 ? ? ? 1_555 C CA . CA ? ? A GLN 248 A CA 302 1_555 ? ? ? ? ? ? ? 2.098 ? ? 
# 
_struct_conn_type.id          metalc 
_struct_conn_type.criteria    ? 
_struct_conn_type.reference   ? 
# 
_pdbx_struct_conn_angle.id                    1 
_pdbx_struct_conn_angle.ptnr1_label_atom_id   OE2 
_pdbx_struct_conn_angle.ptnr1_label_alt_id    ? 
_pdbx_struct_conn_angle.ptnr1_label_asym_id   A 
_pdbx_struct_conn_angle.ptnr1_label_comp_id   GLU 
_pdbx_struct_conn_angle.ptnr1_label_seq_id    53 
_pdbx_struct_conn_angle.ptnr1_auth_atom_id    ? 
_pdbx_struct_conn_angle.ptnr1_auth_asym_id    A 
_pdbx_struct_conn_angle.ptnr1_auth_comp_id    GLU 
_pdbx_struct_conn_angle.ptnr1_auth_seq_id     118 
_pdbx_struct_conn_angle.ptnr1_PDB_ins_code    ? 
_pdbx_struct_conn_angle.ptnr1_symmetry        1_555 
_pdbx_struct_conn_angle.ptnr2_label_atom_id   CA 
_pdbx_struct_conn_angle.ptnr2_label_alt_id    ? 
_pdbx_struct_conn_angle.ptnr2_label_asym_id   C 
_pdbx_struct_conn_angle.ptnr2_label_comp_id   CA 
_pdbx_struct_conn_angle.ptnr2_label_seq_id    . 
_pdbx_struct_conn_angle.ptnr2_auth_atom_id    ? 
_pdbx_struct_conn_angle.ptnr2_auth_asym_id    A 
_pdbx_struct_conn_angle.ptnr2_auth_comp_id    CA 
_pdbx_struct_conn_angle.ptnr2_auth_seq_id     302 
_pdbx_struct_conn_angle.ptnr2_PDB_ins_code    ? 
_pdbx_struct_conn_angle.ptnr2_symmetry        1_555 
_pdbx_struct_conn_angle.ptnr3_label_atom_id   OE1 
_pdbx_struct_conn_angle.ptnr3_label_alt_id    ? 
_pdbx_struct_conn_angle.ptnr3_label_asym_id   A 
_pdbx_struct_conn_angle.ptnr3_label_comp_id   GLN 
_pdbx_struct_conn_angle.ptnr3_label_seq_id    183 
_pdbx_struct_conn_angle.ptnr3_auth_atom_id    ? 
_pdbx_struct_conn_angle.ptnr3_auth_asym_id    A 
_pdbx_struct_conn_angle.ptnr3_auth_comp_id    GLN 
_pdbx_struct_conn_angle.ptnr3_auth_seq_id     248 
_pdbx_struct_conn_angle.ptnr3_PDB_ins_code    ? 
_pdbx_struct_conn_angle.ptnr3_symmetry        1_555 
_pdbx_struct_conn_angle.value                 72.6 
_pdbx_struct_conn_angle.value_esd             ? 
# 
_struct_mon_prot_cis.pdbx_id                1 
_struct_mon_prot_cis.label_comp_id          GLY 
_struct_mon_prot_cis.label_seq_id           5 
_struct_mon_prot_cis.label_asym_id          A 
_struct_mon_prot_cis.label_alt_id           . 
_struct_mon_prot_cis.pdbx_PDB_ins_code      ? 
_struct_mon_prot_cis.auth_comp_id           GLY 
_struct_mon_prot_cis.auth_seq_id            70 
_struct_mon_prot_cis.auth_asym_id           A 
_struct_mon_prot_cis.pdbx_label_comp_id_2   PRO 
_struct_mon_prot_cis.pdbx_label_seq_id_2    6 
_struct_mon_prot_cis.pdbx_label_asym_id_2   A 
_struct_mon_prot_cis.pdbx_PDB_ins_code_2    ? 
_struct_mon_prot_cis.pdbx_auth_comp_id_2    PRO 
_struct_mon_prot_cis.pdbx_auth_seq_id_2     71 
_struct_mon_prot_cis.pdbx_auth_asym_id_2    A 
_struct_mon_prot_cis.pdbx_PDB_model_num     1 
_struct_mon_prot_cis.pdbx_omega_angle       0.35 
# 
loop_
_struct_sheet.id 
_struct_sheet.type 
_struct_sheet.number_strands 
_struct_sheet.details 
AA1 ? 4 ? 
AA2 ? 4 ? 
AA3 ? 4 ? 
# 
loop_
_struct_sheet_order.sheet_id 
_struct_sheet_order.range_id_1 
_struct_sheet_order.range_id_2 
_struct_sheet_order.offset 
_struct_sheet_order.sense 
AA1 1 2 ? anti-parallel 
AA1 2 3 ? anti-parallel 
AA1 3 4 ? anti-parallel 
AA2 1 2 ? anti-parallel 
AA2 2 3 ? anti-parallel 
AA2 3 4 ? anti-parallel 
AA3 1 2 ? anti-parallel 
AA3 2 3 ? anti-parallel 
AA3 3 4 ? anti-parallel 
# 
loop_
_struct_sheet_range.sheet_id 
_struct_sheet_range.id 
_struct_sheet_range.beg_label_comp_id 
_struct_sheet_range.beg_label_asym_id 
_struct_sheet_range.beg_label_seq_id 
_struct_sheet_range.pdbx_beg_PDB_ins_code 
_struct_sheet_range.end_label_comp_id 
_struct_sheet_range.end_label_asym_id 
_struct_sheet_range.end_label_seq_id 
_struct_sheet_range.pdbx_end_PDB_ins_code 
_struct_sheet_range.beg_auth_comp_id 
_struct_sheet_range.beg_auth_asym_id 
_struct_sheet_range.beg_auth_seq_id 
_struct_sheet_range.end_auth_comp_id 
_struct_sheet_range.end_auth_asym_id 
_struct_sheet_range.end_auth_seq_id 
AA1 1 SER A 2   ? ALA A 16  ? SER A 67  ALA A 81  
AA1 2 LEU A 166 ? PRO A 182 ? LEU A 231 PRO A 247 
AA1 3 TRP A 52  ? PRO A 66  ? TRP A 117 PRO A 131 
AA1 4 LYS A 116 ? PRO A 119 ? LYS A 181 PRO A 184 
AA2 1 SER A 2   ? ALA A 16  ? SER A 67  ALA A 81  
AA2 2 LEU A 166 ? PRO A 182 ? LEU A 231 PRO A 247 
AA2 3 TRP A 52  ? PRO A 66  ? TRP A 117 PRO A 131 
AA2 4 TYR A 129 ? TYR A 130 ? TYR A 194 TYR A 195 
AA3 1 ILE A 29  ? PRO A 34  ? ILE A 94  PRO A 99  
AA3 2 ILE A 145 ? GLN A 150 ? ILE A 210 GLN A 215 
AA3 3 GLN A 75  ? ASP A 81  ? GLN A 140 ASP A 146 
AA3 4 ASN A 108 ? ASN A 111 ? ASN A 173 ASN A 176 
# 
loop_
_pdbx_struct_sheet_hbond.sheet_id 
_pdbx_struct_sheet_hbond.range_id_1 
_pdbx_struct_sheet_hbond.range_id_2 
_pdbx_struct_sheet_hbond.range_1_label_atom_id 
_pdbx_struct_sheet_hbond.range_1_label_comp_id 
_pdbx_struct_sheet_hbond.range_1_label_asym_id 
_pdbx_struct_sheet_hbond.range_1_label_seq_id 
_pdbx_struct_sheet_hbond.range_1_PDB_ins_code 
_pdbx_struct_sheet_hbond.range_1_auth_atom_id 
_pdbx_struct_sheet_hbond.range_1_auth_comp_id 
_pdbx_struct_sheet_hbond.range_1_auth_asym_id 
_pdbx_struct_sheet_hbond.range_1_auth_seq_id 
_pdbx_struct_sheet_hbond.range_2_label_atom_id 
_pdbx_struct_sheet_hbond.range_2_label_comp_id 
_pdbx_struct_sheet_hbond.range_2_label_asym_id 
_pdbx_struct_sheet_hbond.range_2_label_seq_id 
_pdbx_struct_sheet_hbond.range_2_PDB_ins_code 
_pdbx_struct_sheet_hbond.range_2_auth_atom_id 
_pdbx_struct_sheet_hbond.range_2_auth_comp_id 
_pdbx_struct_sheet_hbond.range_2_auth_asym_id 
_pdbx_struct_sheet_hbond.range_2_auth_seq_id 
AA1 1 2 N ASP A 7   ? N ASP A 72  O TRP A 175 ? O TRP A 240 
AA1 2 3 O LEU A 176 ? O LEU A 241 N LEU A 58  ? N LEU A 123 
AA1 3 4 N ALA A 62  ? N ALA A 127 O VAL A 118 ? O VAL A 183 
AA2 1 2 N ASP A 7   ? N ASP A 72  O TRP A 175 ? O TRP A 240 
AA2 2 3 O LEU A 176 ? O LEU A 241 N LEU A 58  ? N LEU A 123 
AA2 3 4 N TYR A 55  ? N TYR A 120 O TYR A 129 ? O TYR A 194 
AA3 1 2 N GLN A 33  ? N GLN A 98  O LEU A 146 ? O LEU A 211 
AA3 2 3 O TYR A 147 ? O TYR A 212 N TYR A 79  ? N TYR A 144 
AA3 3 4 N MET A 78  ? N MET A 143 O ASN A 108 ? O ASN A 173 
# 
loop_
_struct_site.id 
_struct_site.pdbx_evidence_code 
_struct_site.pdbx_auth_asym_id 
_struct_site.pdbx_auth_comp_id 
_struct_site.pdbx_auth_seq_id 
_struct_site.pdbx_auth_ins_code 
_struct_site.pdbx_num_residues 
_struct_site.details 
AC1 Software A CA 301 ? 3 'binding site for residue CA A 301' 
AC2 Software A CA 302 ? 2 'binding site for residue CA A 302' 
# 
loop_
_struct_site_gen.id 
_struct_site_gen.site_id 
_struct_site_gen.pdbx_num_res 
_struct_site_gen.label_comp_id 
_struct_site_gen.label_asym_id 
_struct_site_gen.label_seq_id 
_struct_site_gen.pdbx_auth_ins_code 
_struct_site_gen.auth_comp_id 
_struct_site_gen.auth_asym_id 
_struct_site_gen.auth_seq_id 
_struct_site_gen.label_atom_id 
_struct_site_gen.label_alt_id 
_struct_site_gen.symmetry 
_struct_site_gen.details 
1 AC1 3 GLU A 53  ? GLU A 118 . ? 1_555 ? 
2 AC1 3 THR A 131 ? THR A 196 . ? 1_555 ? 
3 AC1 3 ASN A 185 ? ASN A 250 . ? 1_555 ? 
4 AC2 2 GLU A 53  ? GLU A 118 . ? 1_555 ? 
5 AC2 2 GLN A 183 ? GLN A 248 . ? 1_555 ? 
# 
_pdbx_validate_close_contact.id               1 
_pdbx_validate_close_contact.PDB_model_num    1 
_pdbx_validate_close_contact.auth_atom_id_1   NH1 
_pdbx_validate_close_contact.auth_asym_id_1   A 
_pdbx_validate_close_contact.auth_comp_id_1   ARG 
_pdbx_validate_close_contact.auth_seq_id_1    93 
_pdbx_validate_close_contact.PDB_ins_code_1   ? 
_pdbx_validate_close_contact.label_alt_id_1   ? 
_pdbx_validate_close_contact.auth_atom_id_2   OD2 
_pdbx_validate_close_contact.auth_asym_id_2   A 
_pdbx_validate_close_contact.auth_comp_id_2   ASP 
_pdbx_validate_close_contact.auth_seq_id_2    159 
_pdbx_validate_close_contact.PDB_ins_code_2   ? 
_pdbx_validate_close_contact.label_alt_id_2   ? 
_pdbx_validate_close_contact.dist             2.13 
# 
_pdbx_validate_rmsd_angle.id                         1 
_pdbx_validate_rmsd_angle.PDB_model_num              1 
_pdbx_validate_rmsd_angle.auth_atom_id_1             NE 
_pdbx_validate_rmsd_angle.auth_asym_id_1             A 
_pdbx_validate_rmsd_angle.auth_comp_id_1             ARG 
_pdbx_validate_rmsd_angle.auth_seq_id_1              188 
_pdbx_validate_rmsd_angle.PDB_ins_code_1             ? 
_pdbx_validate_rmsd_angle.label_alt_id_1             ? 
_pdbx_validate_rmsd_angle.auth_atom_id_2             CZ 
_pdbx_validate_rmsd_angle.auth_asym_id_2             A 
_pdbx_validate_rmsd_angle.auth_comp_id_2             ARG 
_pdbx_validate_rmsd_angle.auth_seq_id_2              188 
_pdbx_validate_rmsd_angle.PDB_ins_code_2             ? 
_pdbx_validate_rmsd_angle.label_alt_id_2             ? 
_pdbx_validate_rmsd_angle.auth_atom_id_3             NH1 
_pdbx_validate_rmsd_angle.auth_asym_id_3             A 
_pdbx_validate_rmsd_angle.auth_comp_id_3             ARG 
_pdbx_validate_rmsd_angle.auth_seq_id_3              188 
_pdbx_validate_rmsd_angle.PDB_ins_code_3             ? 
_pdbx_validate_rmsd_angle.label_alt_id_3             ? 
_pdbx_validate_rmsd_angle.angle_value                124.21 
_pdbx_validate_rmsd_angle.angle_target_value         120.30 
_pdbx_validate_rmsd_angle.angle_deviation            3.91 
_pdbx_validate_rmsd_angle.angle_standard_deviation   0.50 
_pdbx_validate_rmsd_angle.linker_flag                N 
# 
loop_
_pdbx_validate_torsion.id 
_pdbx_validate_torsion.PDB_model_num 
_pdbx_validate_torsion.auth_comp_id 
_pdbx_validate_torsion.auth_asym_id 
_pdbx_validate_torsion.auth_seq_id 
_pdbx_validate_torsion.PDB_ins_code 
_pdbx_validate_torsion.label_alt_id 
_pdbx_validate_torsion.phi 
_pdbx_validate_torsion.psi 
1  1 LEU A 76  ? ? -94.39  -79.17  
2  1 LEU A 100 ? ? -113.16 54.90   
3  1 ALA A 132 ? ? -140.25 32.63   
4  1 CYS A 139 ? ? -172.47 125.85  
5  1 SER A 154 ? ? -44.44  -18.90  
6  1 SER A 172 ? ? -48.94  155.79  
7  1 PHE A 177 ? ? -67.95  1.28    
8  1 ASN A 191 ? ? -107.58 67.03   
9  1 LYS A 200 ? ? -104.79 -118.33 
10 1 ARG A 204 ? ? -46.31  -19.24  
11 1 ILE A 246 ? ? 71.44   103.69  
# 
_pdbx_point_symmetry.entry_id             5YL1 
_pdbx_point_symmetry.Schoenflies_symbol   I 
# 
loop_
_chem_comp_atom.comp_id 
_chem_comp_atom.atom_id 
_chem_comp_atom.type_symbol 
_chem_comp_atom.pdbx_aromatic_flag 
_chem_comp_atom.pdbx_stereo_config 
_chem_comp_atom.pdbx_ordinal 
ALA N    N  N N 1   
ALA CA   C  N S 2   
ALA C    C  N N 3   
ALA O    O  N N 4   
ALA CB   C  N N 5   
ALA OXT  O  N N 6   
ALA H    H  N N 7   
ALA H2   H  N N 8   
ALA HA   H  N N 9   
ALA HB1  H  N N 10  
ALA HB2  H  N N 11  
ALA HB3  H  N N 12  
ALA HXT  H  N N 13  
ARG N    N  N N 14  
ARG CA   C  N S 15  
ARG C    C  N N 16  
ARG O    O  N N 17  
ARG CB   C  N N 18  
ARG CG   C  N N 19  
ARG CD   C  N N 20  
ARG NE   N  N N 21  
ARG CZ   C  N N 22  
ARG NH1  N  N N 23  
ARG NH2  N  N N 24  
ARG OXT  O  N N 25  
ARG H    H  N N 26  
ARG H2   H  N N 27  
ARG HA   H  N N 28  
ARG HB2  H  N N 29  
ARG HB3  H  N N 30  
ARG HG2  H  N N 31  
ARG HG3  H  N N 32  
ARG HD2  H  N N 33  
ARG HD3  H  N N 34  
ARG HE   H  N N 35  
ARG HH11 H  N N 36  
ARG HH12 H  N N 37  
ARG HH21 H  N N 38  
ARG HH22 H  N N 39  
ARG HXT  H  N N 40  
ASN N    N  N N 41  
ASN CA   C  N S 42  
ASN C    C  N N 43  
ASN O    O  N N 44  
ASN CB   C  N N 45  
ASN CG   C  N N 46  
ASN OD1  O  N N 47  
ASN ND2  N  N N 48  
ASN OXT  O  N N 49  
ASN H    H  N N 50  
ASN H2   H  N N 51  
ASN HA   H  N N 52  
ASN HB2  H  N N 53  
ASN HB3  H  N N 54  
ASN HD21 H  N N 55  
ASN HD22 H  N N 56  
ASN HXT  H  N N 57  
ASP N    N  N N 58  
ASP CA   C  N S 59  
ASP C    C  N N 60  
ASP O    O  N N 61  
ASP CB   C  N N 62  
ASP CG   C  N N 63  
ASP OD1  O  N N 64  
ASP OD2  O  N N 65  
ASP OXT  O  N N 66  
ASP H    H  N N 67  
ASP H2   H  N N 68  
ASP HA   H  N N 69  
ASP HB2  H  N N 70  
ASP HB3  H  N N 71  
ASP HD2  H  N N 72  
ASP HXT  H  N N 73  
CA  CA   CA N N 74  
CYS N    N  N N 75  
CYS CA   C  N R 76  
CYS C    C  N N 77  
CYS O    O  N N 78  
CYS CB   C  N N 79  
CYS SG   S  N N 80  
CYS OXT  O  N N 81  
CYS H    H  N N 82  
CYS H2   H  N N 83  
CYS HA   H  N N 84  
CYS HB2  H  N N 85  
CYS HB3  H  N N 86  
CYS HG   H  N N 87  
CYS HXT  H  N N 88  
GLN N    N  N N 89  
GLN CA   C  N S 90  
GLN C    C  N N 91  
GLN O    O  N N 92  
GLN CB   C  N N 93  
GLN CG   C  N N 94  
GLN CD   C  N N 95  
GLN OE1  O  N N 96  
GLN NE2  N  N N 97  
GLN OXT  O  N N 98  
GLN H    H  N N 99  
GLN H2   H  N N 100 
GLN HA   H  N N 101 
GLN HB2  H  N N 102 
GLN HB3  H  N N 103 
GLN HG2  H  N N 104 
GLN HG3  H  N N 105 
GLN HE21 H  N N 106 
GLN HE22 H  N N 107 
GLN HXT  H  N N 108 
GLU N    N  N N 109 
GLU CA   C  N S 110 
GLU C    C  N N 111 
GLU O    O  N N 112 
GLU CB   C  N N 113 
GLU CG   C  N N 114 
GLU CD   C  N N 115 
GLU OE1  O  N N 116 
GLU OE2  O  N N 117 
GLU OXT  O  N N 118 
GLU H    H  N N 119 
GLU H2   H  N N 120 
GLU HA   H  N N 121 
GLU HB2  H  N N 122 
GLU HB3  H  N N 123 
GLU HG2  H  N N 124 
GLU HG3  H  N N 125 
GLU HE2  H  N N 126 
GLU HXT  H  N N 127 
GLY N    N  N N 128 
GLY CA   C  N N 129 
GLY C    C  N N 130 
GLY O    O  N N 131 
GLY OXT  O  N N 132 
GLY H    H  N N 133 
GLY H2   H  N N 134 
GLY HA2  H  N N 135 
GLY HA3  H  N N 136 
GLY HXT  H  N N 137 
ILE N    N  N N 138 
ILE CA   C  N S 139 
ILE C    C  N N 140 
ILE O    O  N N 141 
ILE CB   C  N S 142 
ILE CG1  C  N N 143 
ILE CG2  C  N N 144 
ILE CD1  C  N N 145 
ILE OXT  O  N N 146 
ILE H    H  N N 147 
ILE H2   H  N N 148 
ILE HA   H  N N 149 
ILE HB   H  N N 150 
ILE HG12 H  N N 151 
ILE HG13 H  N N 152 
ILE HG21 H  N N 153 
ILE HG22 H  N N 154 
ILE HG23 H  N N 155 
ILE HD11 H  N N 156 
ILE HD12 H  N N 157 
ILE HD13 H  N N 158 
ILE HXT  H  N N 159 
LEU N    N  N N 160 
LEU CA   C  N S 161 
LEU C    C  N N 162 
LEU O    O  N N 163 
LEU CB   C  N N 164 
LEU CG   C  N N 165 
LEU CD1  C  N N 166 
LEU CD2  C  N N 167 
LEU OXT  O  N N 168 
LEU H    H  N N 169 
LEU H2   H  N N 170 
LEU HA   H  N N 171 
LEU HB2  H  N N 172 
LEU HB3  H  N N 173 
LEU HG   H  N N 174 
LEU HD11 H  N N 175 
LEU HD12 H  N N 176 
LEU HD13 H  N N 177 
LEU HD21 H  N N 178 
LEU HD22 H  N N 179 
LEU HD23 H  N N 180 
LEU HXT  H  N N 181 
LYS N    N  N N 182 
LYS CA   C  N S 183 
LYS C    C  N N 184 
LYS O    O  N N 185 
LYS CB   C  N N 186 
LYS CG   C  N N 187 
LYS CD   C  N N 188 
LYS CE   C  N N 189 
LYS NZ   N  N N 190 
LYS OXT  O  N N 191 
LYS H    H  N N 192 
LYS H2   H  N N 193 
LYS HA   H  N N 194 
LYS HB2  H  N N 195 
LYS HB3  H  N N 196 
LYS HG2  H  N N 197 
LYS HG3  H  N N 198 
LYS HD2  H  N N 199 
LYS HD3  H  N N 200 
LYS HE2  H  N N 201 
LYS HE3  H  N N 202 
LYS HZ1  H  N N 203 
LYS HZ2  H  N N 204 
LYS HZ3  H  N N 205 
LYS HXT  H  N N 206 
MET N    N  N N 207 
MET CA   C  N S 208 
MET C    C  N N 209 
MET O    O  N N 210 
MET CB   C  N N 211 
MET CG   C  N N 212 
MET SD   S  N N 213 
MET CE   C  N N 214 
MET OXT  O  N N 215 
MET H    H  N N 216 
MET H2   H  N N 217 
MET HA   H  N N 218 
MET HB2  H  N N 219 
MET HB3  H  N N 220 
MET HG2  H  N N 221 
MET HG3  H  N N 222 
MET HE1  H  N N 223 
MET HE2  H  N N 224 
MET HE3  H  N N 225 
MET HXT  H  N N 226 
PHE N    N  N N 227 
PHE CA   C  N S 228 
PHE C    C  N N 229 
PHE O    O  N N 230 
PHE CB   C  N N 231 
PHE CG   C  Y N 232 
PHE CD1  C  Y N 233 
PHE CD2  C  Y N 234 
PHE CE1  C  Y N 235 
PHE CE2  C  Y N 236 
PHE CZ   C  Y N 237 
PHE OXT  O  N N 238 
PHE H    H  N N 239 
PHE H2   H  N N 240 
PHE HA   H  N N 241 
PHE HB2  H  N N 242 
PHE HB3  H  N N 243 
PHE HD1  H  N N 244 
PHE HD2  H  N N 245 
PHE HE1  H  N N 246 
PHE HE2  H  N N 247 
PHE HZ   H  N N 248 
PHE HXT  H  N N 249 
PRO N    N  N N 250 
PRO CA   C  N S 251 
PRO C    C  N N 252 
PRO O    O  N N 253 
PRO CB   C  N N 254 
PRO CG   C  N N 255 
PRO CD   C  N N 256 
PRO OXT  O  N N 257 
PRO H    H  N N 258 
PRO HA   H  N N 259 
PRO HB2  H  N N 260 
PRO HB3  H  N N 261 
PRO HG2  H  N N 262 
PRO HG3  H  N N 263 
PRO HD2  H  N N 264 
PRO HD3  H  N N 265 
PRO HXT  H  N N 266 
SER N    N  N N 267 
SER CA   C  N S 268 
SER C    C  N N 269 
SER O    O  N N 270 
SER CB   C  N N 271 
SER OG   O  N N 272 
SER OXT  O  N N 273 
SER H    H  N N 274 
SER H2   H  N N 275 
SER HA   H  N N 276 
SER HB2  H  N N 277 
SER HB3  H  N N 278 
SER HG   H  N N 279 
SER HXT  H  N N 280 
THR N    N  N N 281 
THR CA   C  N S 282 
THR C    C  N N 283 
THR O    O  N N 284 
THR CB   C  N R 285 
THR OG1  O  N N 286 
THR CG2  C  N N 287 
THR OXT  O  N N 288 
THR H    H  N N 289 
THR H2   H  N N 290 
THR HA   H  N N 291 
THR HB   H  N N 292 
THR HG1  H  N N 293 
THR HG21 H  N N 294 
THR HG22 H  N N 295 
THR HG23 H  N N 296 
THR HXT  H  N N 297 
TRP N    N  N N 298 
TRP CA   C  N S 299 
TRP C    C  N N 300 
TRP O    O  N N 301 
TRP CB   C  N N 302 
TRP CG   C  Y N 303 
TRP CD1  C  Y N 304 
TRP CD2  C  Y N 305 
TRP NE1  N  Y N 306 
TRP CE2  C  Y N 307 
TRP CE3  C  Y N 308 
TRP CZ2  C  Y N 309 
TRP CZ3  C  Y N 310 
TRP CH2  C  Y N 311 
TRP OXT  O  N N 312 
TRP H    H  N N 313 
TRP H2   H  N N 314 
TRP HA   H  N N 315 
TRP HB2  H  N N 316 
TRP HB3  H  N N 317 
TRP HD1  H  N N 318 
TRP HE1  H  N N 319 
TRP HE3  H  N N 320 
TRP HZ2  H  N N 321 
TRP HZ3  H  N N 322 
TRP HH2  H  N N 323 
TRP HXT  H  N N 324 
TYR N    N  N N 325 
TYR CA   C  N S 326 
TYR C    C  N N 327 
TYR O    O  N N 328 
TYR CB   C  N N 329 
TYR CG   C  Y N 330 
TYR CD1  C  Y N 331 
TYR CD2  C  Y N 332 
TYR CE1  C  Y N 333 
TYR CE2  C  Y N 334 
TYR CZ   C  Y N 335 
TYR OH   O  N N 336 
TYR OXT  O  N N 337 
TYR H    H  N N 338 
TYR H2   H  N N 339 
TYR HA   H  N N 340 
TYR HB2  H  N N 341 
TYR HB3  H  N N 342 
TYR HD1  H  N N 343 
TYR HD2  H  N N 344 
TYR HE1  H  N N 345 
TYR HE2  H  N N 346 
TYR HH   H  N N 347 
TYR HXT  H  N N 348 
VAL N    N  N N 349 
VAL CA   C  N S 350 
VAL C    C  N N 351 
VAL O    O  N N 352 
VAL CB   C  N N 353 
VAL CG1  C  N N 354 
VAL CG2  C  N N 355 
VAL OXT  O  N N 356 
VAL H    H  N N 357 
VAL H2   H  N N 358 
VAL HA   H  N N 359 
VAL HB   H  N N 360 
VAL HG11 H  N N 361 
VAL HG12 H  N N 362 
VAL HG13 H  N N 363 
VAL HG21 H  N N 364 
VAL HG22 H  N N 365 
VAL HG23 H  N N 366 
VAL HXT  H  N N 367 
# 
loop_
_chem_comp_bond.comp_id 
_chem_comp_bond.atom_id_1 
_chem_comp_bond.atom_id_2 
_chem_comp_bond.value_order 
_chem_comp_bond.pdbx_aromatic_flag 
_chem_comp_bond.pdbx_stereo_config 
_chem_comp_bond.pdbx_ordinal 
ALA N   CA   sing N N 1   
ALA N   H    sing N N 2   
ALA N   H2   sing N N 3   
ALA CA  C    sing N N 4   
ALA CA  CB   sing N N 5   
ALA CA  HA   sing N N 6   
ALA C   O    doub N N 7   
ALA C   OXT  sing N N 8   
ALA CB  HB1  sing N N 9   
ALA CB  HB2  sing N N 10  
ALA CB  HB3  sing N N 11  
ALA OXT HXT  sing N N 12  
ARG N   CA   sing N N 13  
ARG N   H    sing N N 14  
ARG N   H2   sing N N 15  
ARG CA  C    sing N N 16  
ARG CA  CB   sing N N 17  
ARG CA  HA   sing N N 18  
ARG C   O    doub N N 19  
ARG C   OXT  sing N N 20  
ARG CB  CG   sing N N 21  
ARG CB  HB2  sing N N 22  
ARG CB  HB3  sing N N 23  
ARG CG  CD   sing N N 24  
ARG CG  HG2  sing N N 25  
ARG CG  HG3  sing N N 26  
ARG CD  NE   sing N N 27  
ARG CD  HD2  sing N N 28  
ARG CD  HD3  sing N N 29  
ARG NE  CZ   sing N N 30  
ARG NE  HE   sing N N 31  
ARG CZ  NH1  sing N N 32  
ARG CZ  NH2  doub N N 33  
ARG NH1 HH11 sing N N 34  
ARG NH1 HH12 sing N N 35  
ARG NH2 HH21 sing N N 36  
ARG NH2 HH22 sing N N 37  
ARG OXT HXT  sing N N 38  
ASN N   CA   sing N N 39  
ASN N   H    sing N N 40  
ASN N   H2   sing N N 41  
ASN CA  C    sing N N 42  
ASN CA  CB   sing N N 43  
ASN CA  HA   sing N N 44  
ASN C   O    doub N N 45  
ASN C   OXT  sing N N 46  
ASN CB  CG   sing N N 47  
ASN CB  HB2  sing N N 48  
ASN CB  HB3  sing N N 49  
ASN CG  OD1  doub N N 50  
ASN CG  ND2  sing N N 51  
ASN ND2 HD21 sing N N 52  
ASN ND2 HD22 sing N N 53  
ASN OXT HXT  sing N N 54  
ASP N   CA   sing N N 55  
ASP N   H    sing N N 56  
ASP N   H2   sing N N 57  
ASP CA  C    sing N N 58  
ASP CA  CB   sing N N 59  
ASP CA  HA   sing N N 60  
ASP C   O    doub N N 61  
ASP C   OXT  sing N N 62  
ASP CB  CG   sing N N 63  
ASP CB  HB2  sing N N 64  
ASP CB  HB3  sing N N 65  
ASP CG  OD1  doub N N 66  
ASP CG  OD2  sing N N 67  
ASP OD2 HD2  sing N N 68  
ASP OXT HXT  sing N N 69  
CYS N   CA   sing N N 70  
CYS N   H    sing N N 71  
CYS N   H2   sing N N 72  
CYS CA  C    sing N N 73  
CYS CA  CB   sing N N 74  
CYS CA  HA   sing N N 75  
CYS C   O    doub N N 76  
CYS C   OXT  sing N N 77  
CYS CB  SG   sing N N 78  
CYS CB  HB2  sing N N 79  
CYS CB  HB3  sing N N 80  
CYS SG  HG   sing N N 81  
CYS OXT HXT  sing N N 82  
GLN N   CA   sing N N 83  
GLN N   H    sing N N 84  
GLN N   H2   sing N N 85  
GLN CA  C    sing N N 86  
GLN CA  CB   sing N N 87  
GLN CA  HA   sing N N 88  
GLN C   O    doub N N 89  
GLN C   OXT  sing N N 90  
GLN CB  CG   sing N N 91  
GLN CB  HB2  sing N N 92  
GLN CB  HB3  sing N N 93  
GLN CG  CD   sing N N 94  
GLN CG  HG2  sing N N 95  
GLN CG  HG3  sing N N 96  
GLN CD  OE1  doub N N 97  
GLN CD  NE2  sing N N 98  
GLN NE2 HE21 sing N N 99  
GLN NE2 HE22 sing N N 100 
GLN OXT HXT  sing N N 101 
GLU N   CA   sing N N 102 
GLU N   H    sing N N 103 
GLU N   H2   sing N N 104 
GLU CA  C    sing N N 105 
GLU CA  CB   sing N N 106 
GLU CA  HA   sing N N 107 
GLU C   O    doub N N 108 
GLU C   OXT  sing N N 109 
GLU CB  CG   sing N N 110 
GLU CB  HB2  sing N N 111 
GLU CB  HB3  sing N N 112 
GLU CG  CD   sing N N 113 
GLU CG  HG2  sing N N 114 
GLU CG  HG3  sing N N 115 
GLU CD  OE1  doub N N 116 
GLU CD  OE2  sing N N 117 
GLU OE2 HE2  sing N N 118 
GLU OXT HXT  sing N N 119 
GLY N   CA   sing N N 120 
GLY N   H    sing N N 121 
GLY N   H2   sing N N 122 
GLY CA  C    sing N N 123 
GLY CA  HA2  sing N N 124 
GLY CA  HA3  sing N N 125 
GLY C   O    doub N N 126 
GLY C   OXT  sing N N 127 
GLY OXT HXT  sing N N 128 
ILE N   CA   sing N N 129 
ILE N   H    sing N N 130 
ILE N   H2   sing N N 131 
ILE CA  C    sing N N 132 
ILE CA  CB   sing N N 133 
ILE CA  HA   sing N N 134 
ILE C   O    doub N N 135 
ILE C   OXT  sing N N 136 
ILE CB  CG1  sing N N 137 
ILE CB  CG2  sing N N 138 
ILE CB  HB   sing N N 139 
ILE CG1 CD1  sing N N 140 
ILE CG1 HG12 sing N N 141 
ILE CG1 HG13 sing N N 142 
ILE CG2 HG21 sing N N 143 
ILE CG2 HG22 sing N N 144 
ILE CG2 HG23 sing N N 145 
ILE CD1 HD11 sing N N 146 
ILE CD1 HD12 sing N N 147 
ILE CD1 HD13 sing N N 148 
ILE OXT HXT  sing N N 149 
LEU N   CA   sing N N 150 
LEU N   H    sing N N 151 
LEU N   H2   sing N N 152 
LEU CA  C    sing N N 153 
LEU CA  CB   sing N N 154 
LEU CA  HA   sing N N 155 
LEU C   O    doub N N 156 
LEU C   OXT  sing N N 157 
LEU CB  CG   sing N N 158 
LEU CB  HB2  sing N N 159 
LEU CB  HB3  sing N N 160 
LEU CG  CD1  sing N N 161 
LEU CG  CD2  sing N N 162 
LEU CG  HG   sing N N 163 
LEU CD1 HD11 sing N N 164 
LEU CD1 HD12 sing N N 165 
LEU CD1 HD13 sing N N 166 
LEU CD2 HD21 sing N N 167 
LEU CD2 HD22 sing N N 168 
LEU CD2 HD23 sing N N 169 
LEU OXT HXT  sing N N 170 
LYS N   CA   sing N N 171 
LYS N   H    sing N N 172 
LYS N   H2   sing N N 173 
LYS CA  C    sing N N 174 
LYS CA  CB   sing N N 175 
LYS CA  HA   sing N N 176 
LYS C   O    doub N N 177 
LYS C   OXT  sing N N 178 
LYS CB  CG   sing N N 179 
LYS CB  HB2  sing N N 180 
LYS CB  HB3  sing N N 181 
LYS CG  CD   sing N N 182 
LYS CG  HG2  sing N N 183 
LYS CG  HG3  sing N N 184 
LYS CD  CE   sing N N 185 
LYS CD  HD2  sing N N 186 
LYS CD  HD3  sing N N 187 
LYS CE  NZ   sing N N 188 
LYS CE  HE2  sing N N 189 
LYS CE  HE3  sing N N 190 
LYS NZ  HZ1  sing N N 191 
LYS NZ  HZ2  sing N N 192 
LYS NZ  HZ3  sing N N 193 
LYS OXT HXT  sing N N 194 
MET N   CA   sing N N 195 
MET N   H    sing N N 196 
MET N   H2   sing N N 197 
MET CA  C    sing N N 198 
MET CA  CB   sing N N 199 
MET CA  HA   sing N N 200 
MET C   O    doub N N 201 
MET C   OXT  sing N N 202 
MET CB  CG   sing N N 203 
MET CB  HB2  sing N N 204 
MET CB  HB3  sing N N 205 
MET CG  SD   sing N N 206 
MET CG  HG2  sing N N 207 
MET CG  HG3  sing N N 208 
MET SD  CE   sing N N 209 
MET CE  HE1  sing N N 210 
MET CE  HE2  sing N N 211 
MET CE  HE3  sing N N 212 
MET OXT HXT  sing N N 213 
PHE N   CA   sing N N 214 
PHE N   H    sing N N 215 
PHE N   H2   sing N N 216 
PHE CA  C    sing N N 217 
PHE CA  CB   sing N N 218 
PHE CA  HA   sing N N 219 
PHE C   O    doub N N 220 
PHE C   OXT  sing N N 221 
PHE CB  CG   sing N N 222 
PHE CB  HB2  sing N N 223 
PHE CB  HB3  sing N N 224 
PHE CG  CD1  doub Y N 225 
PHE CG  CD2  sing Y N 226 
PHE CD1 CE1  sing Y N 227 
PHE CD1 HD1  sing N N 228 
PHE CD2 CE2  doub Y N 229 
PHE CD2 HD2  sing N N 230 
PHE CE1 CZ   doub Y N 231 
PHE CE1 HE1  sing N N 232 
PHE CE2 CZ   sing Y N 233 
PHE CE2 HE2  sing N N 234 
PHE CZ  HZ   sing N N 235 
PHE OXT HXT  sing N N 236 
PRO N   CA   sing N N 237 
PRO N   CD   sing N N 238 
PRO N   H    sing N N 239 
PRO CA  C    sing N N 240 
PRO CA  CB   sing N N 241 
PRO CA  HA   sing N N 242 
PRO C   O    doub N N 243 
PRO C   OXT  sing N N 244 
PRO CB  CG   sing N N 245 
PRO CB  HB2  sing N N 246 
PRO CB  HB3  sing N N 247 
PRO CG  CD   sing N N 248 
PRO CG  HG2  sing N N 249 
PRO CG  HG3  sing N N 250 
PRO CD  HD2  sing N N 251 
PRO CD  HD3  sing N N 252 
PRO OXT HXT  sing N N 253 
SER N   CA   sing N N 254 
SER N   H    sing N N 255 
SER N   H2   sing N N 256 
SER CA  C    sing N N 257 
SER CA  CB   sing N N 258 
SER CA  HA   sing N N 259 
SER C   O    doub N N 260 
SER C   OXT  sing N N 261 
SER CB  OG   sing N N 262 
SER CB  HB2  sing N N 263 
SER CB  HB3  sing N N 264 
SER OG  HG   sing N N 265 
SER OXT HXT  sing N N 266 
THR N   CA   sing N N 267 
THR N   H    sing N N 268 
THR N   H2   sing N N 269 
THR CA  C    sing N N 270 
THR CA  CB   sing N N 271 
THR CA  HA   sing N N 272 
THR C   O    doub N N 273 
THR C   OXT  sing N N 274 
THR CB  OG1  sing N N 275 
THR CB  CG2  sing N N 276 
THR CB  HB   sing N N 277 
THR OG1 HG1  sing N N 278 
THR CG2 HG21 sing N N 279 
THR CG2 HG22 sing N N 280 
THR CG2 HG23 sing N N 281 
THR OXT HXT  sing N N 282 
TRP N   CA   sing N N 283 
TRP N   H    sing N N 284 
TRP N   H2   sing N N 285 
TRP CA  C    sing N N 286 
TRP CA  CB   sing N N 287 
TRP CA  HA   sing N N 288 
TRP C   O    doub N N 289 
TRP C   OXT  sing N N 290 
TRP CB  CG   sing N N 291 
TRP CB  HB2  sing N N 292 
TRP CB  HB3  sing N N 293 
TRP CG  CD1  doub Y N 294 
TRP CG  CD2  sing Y N 295 
TRP CD1 NE1  sing Y N 296 
TRP CD1 HD1  sing N N 297 
TRP CD2 CE2  doub Y N 298 
TRP CD2 CE3  sing Y N 299 
TRP NE1 CE2  sing Y N 300 
TRP NE1 HE1  sing N N 301 
TRP CE2 CZ2  sing Y N 302 
TRP CE3 CZ3  doub Y N 303 
TRP CE3 HE3  sing N N 304 
TRP CZ2 CH2  doub Y N 305 
TRP CZ2 HZ2  sing N N 306 
TRP CZ3 CH2  sing Y N 307 
TRP CZ3 HZ3  sing N N 308 
TRP CH2 HH2  sing N N 309 
TRP OXT HXT  sing N N 310 
TYR N   CA   sing N N 311 
TYR N   H    sing N N 312 
TYR N   H2   sing N N 313 
TYR CA  C    sing N N 314 
TYR CA  CB   sing N N 315 
TYR CA  HA   sing N N 316 
TYR C   O    doub N N 317 
TYR C   OXT  sing N N 318 
TYR CB  CG   sing N N 319 
TYR CB  HB2  sing N N 320 
TYR CB  HB3  sing N N 321 
TYR CG  CD1  doub Y N 322 
TYR CG  CD2  sing Y N 323 
TYR CD1 CE1  sing Y N 324 
TYR CD1 HD1  sing N N 325 
TYR CD2 CE2  doub Y N 326 
TYR CD2 HD2  sing N N 327 
TYR CE1 CZ   doub Y N 328 
TYR CE1 HE1  sing N N 329 
TYR CE2 CZ   sing Y N 330 
TYR CE2 HE2  sing N N 331 
TYR CZ  OH   sing N N 332 
TYR OH  HH   sing N N 333 
TYR OXT HXT  sing N N 334 
VAL N   CA   sing N N 335 
VAL N   H    sing N N 336 
VAL N   H2   sing N N 337 
VAL CA  C    sing N N 338 
VAL CA  CB   sing N N 339 
VAL CA  HA   sing N N 340 
VAL C   O    doub N N 341 
VAL C   OXT  sing N N 342 
VAL CB  CG1  sing N N 343 
VAL CB  CG2  sing N N 344 
VAL CB  HB   sing N N 345 
VAL CG1 HG11 sing N N 346 
VAL CG1 HG12 sing N N 347 
VAL CG1 HG13 sing N N 348 
VAL CG2 HG21 sing N N 349 
VAL CG2 HG22 sing N N 350 
VAL CG2 HG23 sing N N 351 
VAL OXT HXT  sing N N 352 
# 
_pdbx_audit_support.funding_organization   'Ministry of Science and Technology' 
_pdbx_audit_support.country                Taiwan 
_pdbx_audit_support.grant_number           105-2311-B-213-001-MY3 
_pdbx_audit_support.ordinal                1 
# 
_atom_sites.entry_id                    5YL1 
_atom_sites.fract_transf_matrix[1][1]   0.00103366 
_atom_sites.fract_transf_matrix[1][2]   0.00476138 
_atom_sites.fract_transf_matrix[1][3]   -0.00142715 
_atom_sites.fract_transf_matrix[2][1]   0.00036215 
_atom_sites.fract_transf_matrix[2][2]   0.00135720 
_atom_sites.fract_transf_matrix[2][3]   0.00479029 
_atom_sites.fract_transf_matrix[3][1]   0.00232863 
_atom_sites.fract_transf_matrix[3][2]   -0.00051460 
_atom_sites.fract_transf_matrix[3][3]   -0.00003025 
_atom_sites.fract_transf_vector[1]      0.223835 
_atom_sites.fract_transf_vector[2]      -0.104452 
_atom_sites.fract_transf_vector[3]      0.047630 
# 
loop_
_atom_type.symbol 
C  
CA 
N  
O  
S  
# 
loop_
_atom_site.group_PDB 
_atom_site.id 
_atom_site.type_symbol 
_atom_site.label_atom_id 
_atom_site.label_alt_id 
_atom_site.label_comp_id 
_atom_site.label_asym_id 
_atom_site.label_entity_id 
_atom_site.label_seq_id 
_atom_site.pdbx_PDB_ins_code 
_atom_site.Cartn_x 
_atom_site.Cartn_y 
_atom_site.Cartn_z 
_atom_site.occupancy 
_atom_site.B_iso_or_equiv 
_atom_site.pdbx_formal_charge 
_atom_site.auth_seq_id 
_atom_site.auth_comp_id 
_atom_site.auth_asym_id 
_atom_site.auth_atom_id 
_atom_site.pdbx_PDB_model_num 
ATOM   1    N  N   . ILE A 1 1   ? -8.142  13.543  21.797  1.00 83.00  ? 66  ILE A N   1 
ATOM   2    C  CA  . ILE A 1 1   ? -9.006  13.136  20.622  1.00 76.74  ? 66  ILE A CA  1 
ATOM   3    C  C   . ILE A 1 1   ? -9.014  14.217  19.560  1.00 66.79  ? 66  ILE A C   1 
ATOM   4    O  O   . ILE A 1 1   ? -9.875  15.061  19.566  1.00 63.51  ? 66  ILE A O   1 
ATOM   5    C  CB  . ILE A 1 1   ? -10.468 12.814  20.989  1.00 77.41  ? 66  ILE A CB  1 
ATOM   6    C  CG1 . ILE A 1 1   ? -10.733 12.891  22.574  1.00 80.65  ? 66  ILE A CG1 1 
ATOM   7    C  CG2 . ILE A 1 1   ? -10.834 11.532  20.193  1.00 64.90  ? 66  ILE A CG2 1 
ATOM   8    C  CD1 . ILE A 1 1   ? -10.540 14.232  23.338  1.00 65.51  ? 66  ILE A CD1 1 
ATOM   9    N  N   . SER A 1 2   ? -8.019  14.198  18.682  1.00 66.95  ? 67  SER A N   1 
ATOM   10   C  CA  . SER A 1 2   ? -7.776  15.277  17.733  1.00 64.74  ? 67  SER A CA  1 
ATOM   11   C  C   . SER A 1 2   ? -7.897  14.684  16.345  1.00 65.28  ? 67  SER A C   1 
ATOM   12   O  O   . SER A 1 2   ? -7.185  13.742  15.995  1.00 66.17  ? 67  SER A O   1 
ATOM   13   C  CB  . SER A 1 2   ? -6.383  15.874  17.930  1.00 61.79  ? 67  SER A CB  1 
ATOM   14   O  OG  . SER A 1 2   ? -6.170  16.195  19.283  1.00 61.56  ? 67  SER A OG  1 
ATOM   15   N  N   . ARG A 1 3   ? -8.808  15.238  15.563  1.00 62.42  ? 68  ARG A N   1 
ATOM   16   C  CA  . ARG A 1 3   ? -9.113  14.709  14.265  1.00 61.15  ? 68  ARG A CA  1 
ATOM   17   C  C   . ARG A 1 3   ? -8.367  15.539  13.249  1.00 60.09  ? 68  ARG A C   1 
ATOM   18   O  O   . ARG A 1 3   ? -8.665  16.698  13.053  1.00 62.07  ? 68  ARG A O   1 
ATOM   19   C  CB  . ARG A 1 3   ? -10.603 14.779  14.058  1.00 65.92  ? 68  ARG A CB  1 
ATOM   20   C  CG  . ARG A 1 3   ? -11.124 14.127  12.806  1.00 72.42  ? 68  ARG A CG  1 
ATOM   21   C  CD  . ARG A 1 3   ? -12.634 13.983  12.916  1.00 79.42  ? 68  ARG A CD  1 
ATOM   22   N  NE  . ARG A 1 3   ? -13.252 14.513  11.703  1.00 86.75  ? 68  ARG A NE  1 
ATOM   23   C  CZ  . ARG A 1 3   ? -14.170 13.894  10.958  1.00 96.57  ? 68  ARG A CZ  1 
ATOM   24   N  NH1 . ARG A 1 3   ? -14.621 14.509  9.865   1.00 102.11 ? 68  ARG A NH1 1 
ATOM   25   N  NH2 . ARG A 1 3   ? -14.662 12.690  11.287  1.00 95.41  ? 68  ARG A NH2 1 
ATOM   26   N  N   . LEU A 1 4   ? -7.362  14.945  12.629  1.00 60.58  ? 69  LEU A N   1 
ATOM   27   C  CA  . LEU A 1 4   ? -6.576  15.613  11.614  1.00 58.43  ? 69  LEU A CA  1 
ATOM   28   C  C   . LEU A 1 4   ? -6.907  15.106  10.236  1.00 58.66  ? 69  LEU A C   1 
ATOM   29   O  O   . LEU A 1 4   ? -7.065  13.889  10.026  1.00 60.22  ? 69  LEU A O   1 
ATOM   30   C  CB  . LEU A 1 4   ? -5.102  15.399  11.904  1.00 60.32  ? 69  LEU A CB  1 
ATOM   31   C  CG  . LEU A 1 4   ? -4.451  16.488  12.750  1.00 63.29  ? 69  LEU A CG  1 
ATOM   32   C  CD1 . LEU A 1 4   ? -5.427  17.264  13.615  1.00 63.28  ? 69  LEU A CD1 1 
ATOM   33   C  CD2 . LEU A 1 4   ? -3.297  15.955  13.593  1.00 61.50  ? 69  LEU A CD2 1 
ATOM   34   N  N   . GLY A 1 5   ? -7.006  16.051  9.302   1.00 57.65  ? 70  GLY A N   1 
ATOM   35   C  CA  . GLY A 1 5   ? -7.254  15.755  7.894   1.00 58.92  ? 70  GLY A CA  1 
ATOM   36   C  C   . GLY A 1 5   ? -8.538  16.400  7.396   1.00 58.93  ? 70  GLY A C   1 
ATOM   37   O  O   . GLY A 1 5   ? -9.182  17.111  8.145   1.00 60.95  ? 70  GLY A O   1 
ATOM   38   N  N   . PRO A 1 6   ? -8.947  16.143  6.156   1.00 61.82  ? 71  PRO A N   1 
ATOM   39   C  CA  . PRO A 1 6   ? -8.244  15.264  5.221   1.00 64.34  ? 71  PRO A CA  1 
ATOM   40   C  C   . PRO A 1 6   ? -7.004  15.942  4.651   1.00 63.06  ? 71  PRO A C   1 
ATOM   41   O  O   . PRO A 1 6   ? -7.026  17.139  4.410   1.00 61.28  ? 71  PRO A O   1 
ATOM   42   C  CB  . PRO A 1 6   ? -9.284  15.009  4.136   1.00 62.84  ? 71  PRO A CB  1 
ATOM   43   C  CG  . PRO A 1 6   ? -10.099 16.250  4.142   1.00 63.63  ? 71  PRO A CG  1 
ATOM   44   C  CD  . PRO A 1 6   ? -10.197 16.658  5.582   1.00 62.16  ? 71  PRO A CD  1 
ATOM   45   N  N   . ASP A 1 7   ? -5.936  15.168  4.487   1.00 66.09  ? 72  ASP A N   1 
ATOM   46   C  CA  . ASP A 1 7   ? -4.631  15.660  4.053   1.00 66.35  ? 72  ASP A CA  1 
ATOM   47   C  C   . ASP A 1 7   ? -3.906  14.568  3.278   1.00 64.15  ? 72  ASP A C   1 
ATOM   48   O  O   . ASP A 1 7   ? -4.297  13.404  3.326   1.00 66.28  ? 72  ASP A O   1 
ATOM   49   C  CB  . ASP A 1 7   ? -3.796  16.073  5.268   1.00 69.18  ? 72  ASP A CB  1 
ATOM   50   C  CG  . ASP A 1 7   ? -4.191  17.441  5.828   1.00 72.90  ? 72  ASP A CG  1 
ATOM   51   O  OD1 . ASP A 1 7   ? -4.342  18.393  5.026   1.00 74.88  ? 72  ASP A OD1 1 
ATOM   52   O  OD2 . ASP A 1 7   ? -4.320  17.567  7.071   1.00 72.43  ? 72  ASP A OD2 1 
ATOM   53   N  N   . SER A 1 8   ? -2.847  14.958  2.579   1.00 63.87  ? 73  SER A N   1 
ATOM   54   C  CA  . SER A 1 8   ? -2.081  14.048  1.728   1.00 62.69  ? 73  SER A CA  1 
ATOM   55   C  C   . SER A 1 8   ? -0.616  13.925  2.143   1.00 60.93  ? 73  SER A C   1 
ATOM   56   O  O   . SER A 1 8   ? -0.058  14.807  2.801   1.00 60.69  ? 73  SER A O   1 
ATOM   57   C  CB  . SER A 1 8   ? -2.157  14.505  0.274   1.00 64.50  ? 73  SER A CB  1 
ATOM   58   O  OG  . SER A 1 8   ? -3.429  14.234  -0.253  1.00 64.01  ? 73  SER A OG  1 
ATOM   59   N  N   . ASP A 1 9   ? -0.008  12.813  1.746   1.00 62.01  ? 74  ASP A N   1 
ATOM   60   C  CA  . ASP A 1 9   ? 1.420   12.578  1.952   1.00 64.33  ? 74  ASP A CA  1 
ATOM   61   C  C   . ASP A 1 9   ? 1.996   11.599  0.937   1.00 63.57  ? 74  ASP A C   1 
ATOM   62   O  O   . ASP A 1 9   ? 1.271   10.774  0.373   1.00 60.54  ? 74  ASP A O   1 
ATOM   63   C  CB  . ASP A 1 9   ? 1.685   12.104  3.382   1.00 66.15  ? 74  ASP A CB  1 
ATOM   64   C  CG  . ASP A 1 9   ? 2.172   13.220  4.275   1.00 69.44  ? 74  ASP A CG  1 
ATOM   65   O  OD1 . ASP A 1 9   ? 3.201   13.859  3.888   1.00 72.16  ? 74  ASP A OD1 1 
ATOM   66   O  OD2 . ASP A 1 9   ? 1.534   13.437  5.338   1.00 60.63  ? 74  ASP A OD2 1 
ATOM   67   N  N   . PHE A 1 10  ? 3.298   11.718  0.688   1.00 64.45  ? 75  PHE A N   1 
ATOM   68   C  CA  . PHE A 1 10  ? 3.945   10.904  -0.345  1.00 65.30  ? 75  PHE A CA  1 
ATOM   69   C  C   . PHE A 1 10  ? 4.493   9.618   0.275   1.00 64.47  ? 75  PHE A C   1 
ATOM   70   O  O   . PHE A 1 10  ? 5.218   9.668   1.267   1.00 62.84  ? 75  PHE A O   1 
ATOM   71   C  CB  . PHE A 1 10  ? 5.053   11.695  -1.051  1.00 66.90  ? 75  PHE A CB  1 
ATOM   72   C  CG  . PHE A 1 10  ? 5.929   10.853  -1.930  1.00 67.94  ? 75  PHE A CG  1 
ATOM   73   C  CD1 . PHE A 1 10  ? 5.384   10.127  -2.974  1.00 70.11  ? 75  PHE A CD1 1 
ATOM   74   C  CD2 . PHE A 1 10  ? 7.290   10.756  -1.697  1.00 68.24  ? 75  PHE A CD2 1 
ATOM   75   C  CE1 . PHE A 1 10  ? 6.181   9.323   -3.775  1.00 67.32  ? 75  PHE A CE1 1 
ATOM   76   C  CE2 . PHE A 1 10  ? 8.086   9.962   -2.500  1.00 65.03  ? 75  PHE A CE2 1 
ATOM   77   C  CZ  . PHE A 1 10  ? 7.532   9.248   -3.540  1.00 63.24  ? 75  PHE A CZ  1 
ATOM   78   N  N   . LEU A 1 11  ? 4.152   8.480   -0.324  1.00 63.96  ? 76  LEU A N   1 
ATOM   79   C  CA  . LEU A 1 11  ? 4.590   7.182   0.178   1.00 66.55  ? 76  LEU A CA  1 
ATOM   80   C  C   . LEU A 1 11  ? 5.867   6.713   -0.521  1.00 66.59  ? 76  LEU A C   1 
ATOM   81   O  O   . LEU A 1 11  ? 6.935   6.840   0.051   1.00 69.32  ? 76  LEU A O   1 
ATOM   82   C  CB  . LEU A 1 11  ? 3.455   6.155   0.081   1.00 69.29  ? 76  LEU A CB  1 
ATOM   83   C  CG  . LEU A 1 11  ? 2.509   5.997   1.283   1.00 69.53  ? 76  LEU A CG  1 
ATOM   84   C  CD1 . LEU A 1 11  ? 2.447   7.203   2.212   1.00 71.27  ? 76  LEU A CD1 1 
ATOM   85   C  CD2 . LEU A 1 11  ? 1.119   5.630   0.792   1.00 69.28  ? 76  LEU A CD2 1 
ATOM   86   N  N   . THR A 1 12  ? 5.771   6.176   -1.734  1.00 68.84  ? 77  THR A N   1 
ATOM   87   C  CA  . THR A 1 12  ? 6.953   5.674   -2.458  1.00 71.83  ? 77  THR A CA  1 
ATOM   88   C  C   . THR A 1 12  ? 6.737   5.776   -3.937  1.00 69.77  ? 77  THR A C   1 
ATOM   89   O  O   . THR A 1 12  ? 5.612   5.970   -4.413  1.00 66.34  ? 77  THR A O   1 
ATOM   90   C  CB  . THR A 1 12  ? 7.237   4.162   -2.236  1.00 74.77  ? 77  THR A CB  1 
ATOM   91   O  OG1 . THR A 1 12  ? 6.088   3.415   -2.648  1.00 72.79  ? 77  THR A OG1 1 
ATOM   92   C  CG2 . THR A 1 12  ? 7.590   3.822   -0.775  1.00 82.17  ? 77  THR A CG2 1 
ATOM   93   N  N   . SER A 1 13  ? 7.830   5.581   -4.664  1.00 70.80  ? 78  SER A N   1 
ATOM   94   C  CA  . SER A 1 13  ? 7.732   5.273   -6.077  1.00 69.13  ? 78  SER A CA  1 
ATOM   95   C  C   . SER A 1 13  ? 7.371   3.832   -6.203  1.00 64.84  ? 78  SER A C   1 
ATOM   96   O  O   . SER A 1 13  ? 7.481   3.090   -5.237  1.00 66.21  ? 78  SER A O   1 
ATOM   97   C  CB  . SER A 1 13  ? 9.017   5.561   -6.829  1.00 68.39  ? 78  SER A CB  1 
ATOM   98   O  OG  . SER A 1 13  ? 8.760   6.693   -7.624  1.00 75.56  ? 78  SER A OG  1 
ATOM   99   N  N   . VAL A 1 14  ? 6.911   3.448   -7.384  1.00 61.28  ? 79  VAL A N   1 
ATOM   100  C  CA  . VAL A 1 14  ? 6.586   2.052   -7.652  1.00 63.50  ? 79  VAL A CA  1 
ATOM   101  C  C   . VAL A 1 14  ? 7.189   1.647   -8.989  1.00 64.61  ? 79  VAL A C   1 
ATOM   102  O  O   . VAL A 1 14  ? 7.184   2.420   -9.956  1.00 61.70  ? 79  VAL A O   1 
ATOM   103  C  CB  . VAL A 1 14  ? 5.062   1.728   -7.492  1.00 64.82  ? 79  VAL A CB  1 
ATOM   104  C  CG1 . VAL A 1 14  ? 4.230   2.985   -7.302  1.00 68.00  ? 79  VAL A CG1 1 
ATOM   105  C  CG2 . VAL A 1 14  ? 4.496   0.863   -8.619  1.00 62.81  ? 79  VAL A CG2 1 
ATOM   106  N  N   . VAL A 1 15  ? 7.736   0.428   -9.005  1.00 66.57  ? 80  VAL A N   1 
ATOM   107  C  CA  . VAL A 1 15  ? 8.465   -0.094  -10.148 1.00 64.73  ? 80  VAL A CA  1 
ATOM   108  C  C   . VAL A 1 15  ? 7.808   -1.363  -10.663 1.00 64.12  ? 80  VAL A C   1 
ATOM   109  O  O   . VAL A 1 15  ? 7.838   -2.408  -10.000 1.00 62.78  ? 80  VAL A O   1 
ATOM   110  C  CB  . VAL A 1 15  ? 9.932   -0.413  -9.792  1.00 63.91  ? 80  VAL A CB  1 
ATOM   111  C  CG1 . VAL A 1 15  ? 10.667  -0.937  -11.025 1.00 67.10  ? 80  VAL A CG1 1 
ATOM   112  C  CG2 . VAL A 1 15  ? 10.643  0.807   -9.208  1.00 62.67  ? 80  VAL A CG2 1 
ATOM   113  N  N   . ALA A 1 16  ? 7.227   -1.262  -11.855 1.00 65.58  ? 81  ALA A N   1 
ATOM   114  C  CA  . ALA A 1 16  ? 6.791   -2.438  -12.604 1.00 69.60  ? 81  ALA A CA  1 
ATOM   115  C  C   . ALA A 1 16  ? 8.021   -3.179  -13.052 1.00 67.90  ? 81  ALA A C   1 
ATOM   116  O  O   . ALA A 1 16  ? 9.050   -2.557  -13.332 1.00 70.20  ? 81  ALA A O   1 
ATOM   117  C  CB  . ALA A 1 16  ? 5.962   -2.034  -13.817 1.00 73.01  ? 81  ALA A CB  1 
ATOM   118  N  N   . LYS A 1 17  ? 7.923   -4.497  -13.157 1.00 65.34  ? 82  LYS A N   1 
ATOM   119  C  CA  . LYS A 1 17  ? 9.085   -5.278  -13.510 1.00 68.64  ? 82  LYS A CA  1 
ATOM   120  C  C   . LYS A 1 17  ? 8.880   -6.249  -14.656 1.00 69.80  ? 82  LYS A C   1 
ATOM   121  O  O   . LYS A 1 17  ? 7.789   -6.786  -14.878 1.00 65.81  ? 82  LYS A O   1 
ATOM   122  C  CB  . LYS A 1 17  ? 9.665   -5.963  -12.280 1.00 67.97  ? 82  LYS A CB  1 
ATOM   123  C  CG  . LYS A 1 17  ? 8.807   -7.025  -11.668 1.00 67.83  ? 82  LYS A CG  1 
ATOM   124  C  CD  . LYS A 1 17  ? 8.804   -6.885  -10.150 1.00 68.89  ? 82  LYS A CD  1 
ATOM   125  C  CE  . LYS A 1 17  ? 10.132  -7.211  -9.493  1.00 65.47  ? 82  LYS A CE  1 
ATOM   126  N  NZ  . LYS A 1 17  ? 9.892   -7.764  -8.134  1.00 64.59  ? 82  LYS A NZ  1 
ATOM   127  N  N   . ALA A 1 18  ? 9.981   -6.442  -15.382 1.00 71.17  ? 83  ALA A N   1 
ATOM   128  C  CA  . ALA A 1 18  ? 10.010  -7.210  -16.609 1.00 71.39  ? 83  ALA A CA  1 
ATOM   129  C  C   . ALA A 1 18  ? 9.842   -8.686  -16.301 1.00 69.31  ? 83  ALA A C   1 
ATOM   130  O  O   . ALA A 1 18  ? 10.256  -9.140  -15.223 1.00 65.83  ? 83  ALA A O   1 
ATOM   131  C  CB  . ALA A 1 18  ? 11.330  -6.961  -17.322 1.00 73.08  ? 83  ALA A CB  1 
ATOM   132  N  N   . SER A 1 19  ? 9.251   -9.429  -17.242 1.00 70.93  ? 84  SER A N   1 
ATOM   133  C  CA  . SER A 1 19  ? 8.958   -10.867 -17.048 1.00 72.59  ? 84  SER A CA  1 
ATOM   134  C  C   . SER A 1 19  ? 10.142  -11.618 -16.438 1.00 71.33  ? 84  SER A C   1 
ATOM   135  O  O   . SER A 1 19  ? 9.972   -12.339 -15.451 1.00 71.90  ? 84  SER A O   1 
ATOM   136  C  CB  . SER A 1 19  ? 8.536   -11.533 -18.363 1.00 71.67  ? 84  SER A CB  1 
ATOM   137  O  OG  . SER A 1 19  ? 9.430   -11.221 -19.414 1.00 71.71  ? 84  SER A OG  1 
ATOM   138  N  N   . THR A 1 20  ? 11.327  -11.395 -17.014 1.00 70.40  ? 85  THR A N   1 
ATOM   139  C  CA  . THR A 1 20  ? 12.617  -11.920 -16.503 1.00 67.76  ? 85  THR A CA  1 
ATOM   140  C  C   . THR A 1 20  ? 12.818  -11.745 -14.967 1.00 69.48  ? 85  THR A C   1 
ATOM   141  O  O   . THR A 1 20  ? 13.407  -12.605 -14.318 1.00 74.06  ? 85  THR A O   1 
ATOM   142  C  CB  . THR A 1 20  ? 13.837  -11.223 -17.159 1.00 66.18  ? 85  THR A CB  1 
ATOM   143  O  OG1 . THR A 1 20  ? 14.059  -9.954  -16.518 1.00 70.79  ? 85  THR A OG1 1 
ATOM   144  C  CG2 . THR A 1 20  ? 13.689  -11.017 -18.678 1.00 63.26  ? 85  THR A CG2 1 
ATOM   145  N  N   . SER A 1 21  ? 12.361  -10.622 -14.407 1.00 67.89  ? 86  SER A N   1 
ATOM   146  C  CA  . SER A 1 21  ? 12.469  -10.346 -12.961 1.00 65.92  ? 86  SER A CA  1 
ATOM   147  C  C   . SER A 1 21  ? 11.422  -11.040 -12.082 1.00 64.87  ? 86  SER A C   1 
ATOM   148  O  O   . SER A 1 21  ? 11.486  -10.942 -10.853 1.00 64.08  ? 86  SER A O   1 
ATOM   149  C  CB  . SER A 1 21  ? 12.374  -8.837  -12.680 1.00 65.36  ? 86  SER A CB  1 
ATOM   150  O  OG  . SER A 1 21  ? 13.074  -8.100  -13.644 1.00 65.53  ? 86  SER A OG  1 
ATOM   151  N  N   . ILE A 1 22  ? 10.439  -11.692 -12.689 1.00 67.32  ? 87  ILE A N   1 
ATOM   152  C  CA  . ILE A 1 22  ? 9.384   -12.363 -11.940 1.00 70.52  ? 87  ILE A CA  1 
ATOM   153  C  C   . ILE A 1 22  ? 9.609   -13.839 -12.156 1.00 69.09  ? 87  ILE A C   1 
ATOM   154  O  O   . ILE A 1 22  ? 9.317   -14.365 -13.215 1.00 70.24  ? 87  ILE A O   1 
ATOM   155  C  CB  . ILE A 1 22  ? 7.979   -11.901 -12.398 1.00 72.22  ? 87  ILE A CB  1 
ATOM   156  C  CG1 . ILE A 1 22  ? 7.860   -10.380 -12.200 1.00 73.56  ? 87  ILE A CG1 1 
ATOM   157  C  CG2 . ILE A 1 22  ? 6.877   -12.609 -11.617 1.00 70.62  ? 87  ILE A CG2 1 
ATOM   158  C  CD1 . ILE A 1 22  ? 6.485   -9.806  -12.463 1.00 75.46  ? 87  ILE A CD1 1 
ATOM   159  N  N   . VAL A 1 23  ? 10.181  -14.481 -11.151 1.00 74.13  ? 88  VAL A N   1 
ATOM   160  C  CA  . VAL A 1 23  ? 10.512  -15.902 -11.197 1.00 76.89  ? 88  VAL A CA  1 
ATOM   161  C  C   . VAL A 1 23  ? 9.571   -16.723 -10.323 1.00 74.67  ? 88  VAL A C   1 
ATOM   162  O  O   . VAL A 1 23  ? 9.325   -17.873 -10.634 1.00 71.81  ? 88  VAL A O   1 
ATOM   163  C  CB  . VAL A 1 23  ? 11.970  -16.128 -10.737 1.00 80.79  ? 88  VAL A CB  1 
ATOM   164  C  CG1 . VAL A 1 23  ? 12.350  -17.606 -10.810 1.00 81.57  ? 88  VAL A CG1 1 
ATOM   165  C  CG2 . VAL A 1 23  ? 12.922  -15.262 -11.561 1.00 81.12  ? 88  VAL A CG2 1 
ATOM   166  N  N   . THR A 1 24  ? 9.084   -16.141 -9.225  1.00 78.36  ? 89  THR A N   1 
ATOM   167  C  CA  . THR A 1 24  ? 8.122   -16.783 -8.329  1.00 79.53  ? 89  THR A CA  1 
ATOM   168  C  C   . THR A 1 24  ? 6.980   -15.831 -8.008  1.00 79.62  ? 89  THR A C   1 
ATOM   169  O  O   . THR A 1 24  ? 7.134   -14.616 -8.132  1.00 81.48  ? 89  THR A O   1 
ATOM   170  C  CB  . THR A 1 24  ? 8.780   -17.191 -6.995  1.00 77.57  ? 89  THR A CB  1 
ATOM   171  O  OG1 . THR A 1 24  ? 9.319   -16.037 -6.330  1.00 71.57  ? 89  THR A OG1 1 
ATOM   172  C  CG2 . THR A 1 24  ? 9.888   -18.188 -7.252  1.00 78.83  ? 89  THR A CG2 1 
ATOM   173  N  N   . PRO A 1 25  ? 5.837   -16.371 -7.571  1.00 78.05  ? 90  PRO A N   1 
ATOM   174  C  CA  . PRO A 1 25  ? 4.729   -15.535 -7.121  1.00 77.39  ? 90  PRO A CA  1 
ATOM   175  C  C   . PRO A 1 25  ? 5.131   -14.374 -6.202  1.00 72.65  ? 90  PRO A C   1 
ATOM   176  O  O   . PRO A 1 25  ? 4.686   -13.246 -6.399  1.00 69.70  ? 90  PRO A O   1 
ATOM   177  C  CB  . PRO A 1 25  ? 3.847   -16.517 -6.372  1.00 80.03  ? 90  PRO A CB  1 
ATOM   178  C  CG  . PRO A 1 25  ? 4.110   -17.834 -6.997  1.00 79.61  ? 90  PRO A CG  1 
ATOM   179  C  CD  . PRO A 1 25  ? 5.466   -17.791 -7.626  1.00 78.95  ? 90  PRO A CD  1 
ATOM   180  N  N   . ALA A 1 26  ? 5.995   -14.631 -5.228  1.00 70.04  ? 91  ALA A N   1 
ATOM   181  C  CA  . ALA A 1 26  ? 6.450   -13.552 -4.338  1.00 69.13  ? 91  ALA A CA  1 
ATOM   182  C  C   . ALA A 1 26  ? 7.075   -12.367 -5.089  1.00 68.39  ? 91  ALA A C   1 
ATOM   183  O  O   . ALA A 1 26  ? 6.947   -11.221 -4.659  1.00 66.48  ? 91  ALA A O   1 
ATOM   184  C  CB  . ALA A 1 26  ? 7.422   -14.083 -3.304  1.00 72.44  ? 91  ALA A CB  1 
ATOM   185  N  N   . ASP A 1 27  ? 7.731   -12.640 -6.216  1.00 69.77  ? 92  ASP A N   1 
ATOM   186  C  CA  . ASP A 1 27  ? 8.333   -11.582 -7.034  1.00 71.53  ? 92  ASP A CA  1 
ATOM   187  C  C   . ASP A 1 27  ? 7.298   -10.614 -7.627  1.00 67.93  ? 92  ASP A C   1 
ATOM   188  O  O   . ASP A 1 27  ? 7.664   -9.526  -8.093  1.00 65.71  ? 92  ASP A O   1 
ATOM   189  C  CB  . ASP A 1 27  ? 9.199   -12.166 -8.175  1.00 77.07  ? 92  ASP A CB  1 
ATOM   190  C  CG  . ASP A 1 27  ? 10.411  -12.963 -7.673  1.00 78.08  ? 92  ASP A CG  1 
ATOM   191  O  OD1 . ASP A 1 27  ? 10.915  -12.672 -6.564  1.00 79.50  ? 92  ASP A OD1 1 
ATOM   192  O  OD2 . ASP A 1 27  ? 10.864  -13.874 -8.413  1.00 76.71  ? 92  ASP A OD2 1 
ATOM   193  N  N   . ARG A 1 28  ? 6.021   -10.992 -7.595  1.00 64.39  ? 93  ARG A N   1 
ATOM   194  C  CA  . ARG A 1 28  ? 4.948   -10.127 -8.089  1.00 65.10  ? 93  ARG A CA  1 
ATOM   195  C  C   . ARG A 1 28  ? 4.570   -9.010  -7.117  1.00 65.00  ? 93  ARG A C   1 
ATOM   196  O  O   . ARG A 1 28  ? 3.793   -8.126  -7.484  1.00 66.29  ? 93  ARG A O   1 
ATOM   197  C  CB  . ARG A 1 28  ? 3.696   -10.937 -8.397  1.00 63.37  ? 93  ARG A CB  1 
ATOM   198  C  CG  . ARG A 1 28  ? 3.946   -12.164 -9.253  1.00 65.35  ? 93  ARG A CG  1 
ATOM   199  C  CD  . ARG A 1 28  ? 2.648   -12.710 -9.806  1.00 66.40  ? 93  ARG A CD  1 
ATOM   200  N  NE  . ARG A 1 28  ? 2.468   -12.251 -11.179 1.00 68.28  ? 93  ARG A NE  1 
ATOM   201  C  CZ  . ARG A 1 28  ? 2.661   -12.953 -12.288 1.00 67.07  ? 93  ARG A CZ  1 
ATOM   202  N  NH1 . ARG A 1 28  ? 3.023   -14.219 -12.253 1.00 73.57  ? 93  ARG A NH1 1 
ATOM   203  N  NH2 . ARG A 1 28  ? 2.473   -12.365 -13.466 1.00 69.04  ? 93  ARG A NH2 1 
ATOM   204  N  N   . ILE A 1 29  ? 5.096   -9.055  -5.891  1.00 60.08  ? 94  ILE A N   1 
ATOM   205  C  CA  . ILE A 1 29  ? 4.776   -8.064  -4.887  1.00 58.80  ? 94  ILE A CA  1 
ATOM   206  C  C   . ILE A 1 29  ? 5.653   -6.849  -5.128  1.00 58.11  ? 94  ILE A C   1 
ATOM   207  O  O   . ILE A 1 29  ? 6.766   -6.784  -4.653  1.00 63.35  ? 94  ILE A O   1 
ATOM   208  C  CB  . ILE A 1 29  ? 4.974   -8.621  -3.461  1.00 57.64  ? 94  ILE A CB  1 
ATOM   209  C  CG1 . ILE A 1 29  ? 4.045   -9.814  -3.238  1.00 59.22  ? 94  ILE A CG1 1 
ATOM   210  C  CG2 . ILE A 1 29  ? 4.693   -7.552  -2.409  1.00 57.44  ? 94  ILE A CG2 1 
ATOM   211  C  CD1 . ILE A 1 29  ? 4.370   -10.607 -1.994  1.00 60.47  ? 94  ILE A CD1 1 
ATOM   212  N  N   . LEU A 1 30  ? 5.130   -5.875  -5.854  1.00 58.71  ? 95  LEU A N   1 
ATOM   213  C  CA  . LEU A 1 30  ? 5.903   -4.701  -6.221  1.00 58.27  ? 95  LEU A CA  1 
ATOM   214  C  C   . LEU A 1 30  ? 6.100   -3.756  -5.070  1.00 58.20  ? 95  LEU A C   1 
ATOM   215  O  O   . LEU A 1 30  ? 7.141   -3.129  -4.989  1.00 61.83  ? 95  LEU A O   1 
ATOM   216  C  CB  . LEU A 1 30  ? 5.239   -3.931  -7.349  1.00 61.07  ? 95  LEU A CB  1 
ATOM   217  C  CG  . LEU A 1 30  ? 4.829   -4.724  -8.578  1.00 64.12  ? 95  LEU A CG  1 
ATOM   218  C  CD1 . LEU A 1 30  ? 4.581   -3.760  -9.723  1.00 67.67  ? 95  LEU A CD1 1 
ATOM   219  C  CD2 . LEU A 1 30  ? 5.901   -5.734  -8.919  1.00 64.13  ? 95  LEU A CD2 1 
ATOM   220  N  N   . VAL A 1 31  ? 5.091   -3.584  -4.223  1.00 58.83  ? 96  VAL A N   1 
ATOM   221  C  CA  . VAL A 1 31  ? 5.279   -2.778  -3.011  1.00 61.25  ? 96  VAL A CA  1 
ATOM   222  C  C   . VAL A 1 31  ? 4.627   -3.484  -1.843  1.00 60.43  ? 96  VAL A C   1 
ATOM   223  O  O   . VAL A 1 31  ? 3.630   -4.189  -2.012  1.00 58.44  ? 96  VAL A O   1 
ATOM   224  C  CB  . VAL A 1 31  ? 4.819   -1.282  -3.134  1.00 61.74  ? 96  VAL A CB  1 
ATOM   225  C  CG1 . VAL A 1 31  ? 4.413   -0.909  -4.552  1.00 63.24  ? 96  VAL A CG1 1 
ATOM   226  C  CG2 . VAL A 1 31  ? 3.696   -0.912  -2.171  1.00 62.44  ? 96  VAL A CG2 1 
ATOM   227  N  N   . LYS A 1 32  ? 5.235   -3.289  -0.675  1.00 58.95  ? 97  LYS A N   1 
ATOM   228  C  CA  . LYS A 1 32  ? 4.703   -3.750  0.588   1.00 59.74  ? 97  LYS A CA  1 
ATOM   229  C  C   . LYS A 1 32  ? 4.948   -2.611  1.579   1.00 61.66  ? 97  LYS A C   1 
ATOM   230  O  O   . LYS A 1 32  ? 6.021   -2.500  2.154   1.00 62.47  ? 97  LYS A O   1 
ATOM   231  C  CB  . LYS A 1 32  ? 5.367   -5.057  1.027   1.00 59.53  ? 97  LYS A CB  1 
ATOM   232  C  CG  . LYS A 1 32  ? 5.114   -5.420  2.484   1.00 64.70  ? 97  LYS A CG  1 
ATOM   233  C  CD  . LYS A 1 32  ? 5.408   -6.873  2.804   1.00 67.92  ? 97  LYS A CD  1 
ATOM   234  C  CE  . LYS A 1 32  ? 5.258   -7.155  4.292   1.00 69.77  ? 97  LYS A CE  1 
ATOM   235  N  NZ  . LYS A 1 32  ? 5.107   -8.618  4.531   1.00 74.90  ? 97  LYS A NZ  1 
ATOM   236  N  N   . GLN A 1 33  ? 3.927   -1.778  1.755   1.00 64.45  ? 98  GLN A N   1 
ATOM   237  C  CA  . GLN A 1 33  ? 4.005   -0.540  2.512   1.00 64.09  ? 98  GLN A CA  1 
ATOM   238  C  C   . GLN A 1 33  ? 3.201   -0.661  3.800   1.00 64.70  ? 98  GLN A C   1 
ATOM   239  O  O   . GLN A 1 33  ? 1.970   -0.668  3.753   1.00 68.97  ? 98  GLN A O   1 
ATOM   240  C  CB  . GLN A 1 33  ? 3.390   0.599   1.681   1.00 67.20  ? 98  GLN A CB  1 
ATOM   241  C  CG  . GLN A 1 33  ? 4.208   1.873   1.567   1.00 69.68  ? 98  GLN A CG  1 
ATOM   242  C  CD  . GLN A 1 33  ? 4.925   2.273   2.821   1.00 68.46  ? 98  GLN A CD  1 
ATOM   243  O  OE1 . GLN A 1 33  ? 4.570   1.872   3.930   1.00 67.30  ? 98  GLN A OE1 1 
ATOM   244  N  NE2 . GLN A 1 33  ? 5.962   3.072   2.646   1.00 74.15  ? 98  GLN A NE2 1 
ATOM   245  N  N   . PRO A 1 34  ? 3.868   -0.751  4.959   1.00 62.61  ? 99  PRO A N   1 
ATOM   246  C  CA  . PRO A 1 34  ? 3.087   -0.638  6.199   1.00 64.43  ? 99  PRO A CA  1 
ATOM   247  C  C   . PRO A 1 34  ? 2.377   0.722   6.349   1.00 64.17  ? 99  PRO A C   1 
ATOM   248  O  O   . PRO A 1 34  ? 2.969   1.753   6.041   1.00 62.16  ? 99  PRO A O   1 
ATOM   249  C  CB  . PRO A 1 34  ? 4.135   -0.841  7.301   1.00 62.79  ? 99  PRO A CB  1 
ATOM   250  C  CG  . PRO A 1 34  ? 5.451   -0.688  6.632   1.00 62.02  ? 99  PRO A CG  1 
ATOM   251  C  CD  . PRO A 1 34  ? 5.249   -1.160  5.231   1.00 60.50  ? 99  PRO A CD  1 
ATOM   252  N  N   . LEU A 1 35  ? 1.124   0.698   6.816   1.00 65.14  ? 100 LEU A N   1 
ATOM   253  C  CA  . LEU A 1 35  ? 0.302   1.899   6.985   1.00 63.77  ? 100 LEU A CA  1 
ATOM   254  C  C   . LEU A 1 35  ? -0.002  2.214   8.442   1.00 63.26  ? 100 LEU A C   1 
ATOM   255  O  O   . LEU A 1 35  ? -1.160  2.339   8.810   1.00 66.77  ? 100 LEU A O   1 
ATOM   256  C  CB  . LEU A 1 35  ? -1.032  1.759   6.248   1.00 65.67  ? 100 LEU A CB  1 
ATOM   257  C  CG  . LEU A 1 35  ? -1.083  1.808   4.732   1.00 69.70  ? 100 LEU A CG  1 
ATOM   258  C  CD1 . LEU A 1 35  ? -2.541  1.817   4.318   1.00 71.56  ? 100 LEU A CD1 1 
ATOM   259  C  CD2 . LEU A 1 35  ? -0.391  3.030   4.156   1.00 71.24  ? 100 LEU A CD2 1 
ATOM   260  N  N   . SER A 1 36  ? 1.016   2.339   9.283   1.00 64.91  ? 101 SER A N   1 
ATOM   261  C  CA  . SER A 1 36  ? 0.834   3.076   10.537  1.00 62.84  ? 101 SER A CA  1 
ATOM   262  C  C   . SER A 1 36  ? 0.938   4.550   10.219  1.00 60.81  ? 101 SER A C   1 
ATOM   263  O  O   . SER A 1 36  ? 1.580   4.952   9.252   1.00 63.27  ? 101 SER A O   1 
ATOM   264  C  CB  . SER A 1 36  ? 1.872   2.705   11.605  1.00 65.28  ? 101 SER A CB  1 
ATOM   265  O  OG  . SER A 1 36  ? 1.977   3.718   12.602  1.00 63.08  ? 101 SER A OG  1 
ATOM   266  N  N   . ALA A 1 37  ? 0.327   5.364   11.060  1.00 60.86  ? 102 ALA A N   1 
ATOM   267  C  CA  . ALA A 1 37  ? 0.531   6.804   11.005  1.00 61.63  ? 102 ALA A CA  1 
ATOM   268  C  C   . ALA A 1 37  ? 2.021   7.138   11.076  1.00 60.75  ? 102 ALA A C   1 
ATOM   269  O  O   . ALA A 1 37  ? 2.456   8.155   10.532  1.00 56.29  ? 102 ALA A O   1 
ATOM   270  C  CB  . ALA A 1 37  ? -0.207  7.479   12.152  1.00 63.54  ? 102 ALA A CB  1 
ATOM   271  N  N   . SER A 1 38  ? 2.783   6.268   11.746  1.00 60.47  ? 103 SER A N   1 
ATOM   272  C  CA  . SER A 1 38  ? 4.194   6.487   11.996  1.00 60.36  ? 103 SER A CA  1 
ATOM   273  C  C   . SER A 1 38  ? 5.160   5.779   11.050  1.00 61.09  ? 103 SER A C   1 
ATOM   274  O  O   . SER A 1 38  ? 6.330   5.664   11.393  1.00 63.60  ? 103 SER A O   1 
ATOM   275  C  CB  . SER A 1 38  ? 4.527   6.048   13.429  1.00 59.51  ? 103 SER A CB  1 
ATOM   276  O  OG  . SER A 1 38  ? 3.794   6.775   14.391  1.00 60.19  ? 103 SER A OG  1 
ATOM   277  N  N   . SER A 1 39  ? 4.735   5.318   9.874   1.00 62.34  ? 104 SER A N   1 
ATOM   278  C  CA  . SER A 1 39  ? 5.644   4.474   9.068   1.00 66.23  ? 104 SER A CA  1 
ATOM   279  C  C   . SER A 1 39  ? 6.144   5.105   7.757   1.00 64.27  ? 104 SER A C   1 
ATOM   280  O  O   . SER A 1 39  ? 6.551   4.395   6.840   1.00 68.37  ? 104 SER A O   1 
ATOM   281  C  CB  . SER A 1 39  ? 5.065   3.040   8.899   1.00 66.10  ? 104 SER A CB  1 
ATOM   282  O  OG  . SER A 1 39  ? 3.708   3.066   8.539   1.00 66.02  ? 104 SER A OG  1 
ATOM   283  N  N   . PHE A 1 40  ? 6.164   6.431   7.686   1.00 65.99  ? 105 PHE A N   1 
ATOM   284  C  CA  . PHE A 1 40  ? 6.618   7.146   6.475   1.00 68.62  ? 105 PHE A CA  1 
ATOM   285  C  C   . PHE A 1 40  ? 7.547   8.255   6.908   1.00 71.04  ? 105 PHE A C   1 
ATOM   286  O  O   . PHE A 1 40  ? 7.124   9.402   7.043   1.00 70.51  ? 105 PHE A O   1 
ATOM   287  C  CB  . PHE A 1 40  ? 5.447   7.742   5.677   1.00 66.77  ? 105 PHE A CB  1 
ATOM   288  C  CG  . PHE A 1 40  ? 4.235   6.891   5.663   1.00 63.85  ? 105 PHE A CG  1 
ATOM   289  C  CD1 . PHE A 1 40  ? 4.258   5.673   5.032   1.00 63.99  ? 105 PHE A CD1 1 
ATOM   290  C  CD2 . PHE A 1 40  ? 3.078   7.302   6.298   1.00 63.98  ? 105 PHE A CD2 1 
ATOM   291  C  CE1 . PHE A 1 40  ? 3.147   4.867   5.028   1.00 65.54  ? 105 PHE A CE1 1 
ATOM   292  C  CE2 . PHE A 1 40  ? 1.958   6.510   6.293   1.00 64.61  ? 105 PHE A CE2 1 
ATOM   293  C  CZ  . PHE A 1 40  ? 1.992   5.290   5.659   1.00 66.12  ? 105 PHE A CZ  1 
ATOM   294  N  N   . PRO A 1 41  ? 8.825   7.927   7.138   1.00 74.68  ? 106 PRO A N   1 
ATOM   295  C  CA  . PRO A 1 41  ? 9.674   8.945   7.742   1.00 70.29  ? 106 PRO A CA  1 
ATOM   296  C  C   . PRO A 1 41  ? 9.826   10.115  6.779   1.00 65.41  ? 106 PRO A C   1 
ATOM   297  O  O   . PRO A 1 41  ? 9.845   9.909   5.558   1.00 60.27  ? 106 PRO A O   1 
ATOM   298  C  CB  . PRO A 1 41  ? 11.000  8.218   7.981   1.00 71.42  ? 106 PRO A CB  1 
ATOM   299  C  CG  . PRO A 1 41  ? 10.791  6.807   7.513   1.00 74.35  ? 106 PRO A CG  1 
ATOM   300  C  CD  . PRO A 1 41  ? 9.618   6.819   6.596   1.00 74.85  ? 106 PRO A CD  1 
ATOM   301  N  N   . GLY A 1 42  ? 9.837   11.324  7.337   1.00 63.20  ? 107 GLY A N   1 
ATOM   302  C  CA  . GLY A 1 42  ? 9.894   12.555  6.557   1.00 64.29  ? 107 GLY A CA  1 
ATOM   303  C  C   . GLY A 1 42  ? 8.555   13.177  6.215   1.00 64.15  ? 107 GLY A C   1 
ATOM   304  O  O   . GLY A 1 42  ? 8.493   14.361  5.860   1.00 65.59  ? 107 GLY A O   1 
ATOM   305  N  N   . THR A 1 43  ? 7.486   12.386  6.295   1.00 64.73  ? 108 THR A N   1 
ATOM   306  C  CA  . THR A 1 43  ? 6.151   12.866  5.968   1.00 63.21  ? 108 THR A CA  1 
ATOM   307  C  C   . THR A 1 43  ? 5.578   13.689  7.093   1.00 62.48  ? 108 THR A C   1 
ATOM   308  O  O   . THR A 1 43  ? 6.030   13.624  8.244   1.00 64.40  ? 108 THR A O   1 
ATOM   309  C  CB  . THR A 1 43  ? 5.166   11.720  5.726   1.00 63.45  ? 108 THR A CB  1 
ATOM   310  O  OG1 . THR A 1 43  ? 5.073   10.914  6.906   1.00 65.67  ? 108 THR A OG1 1 
ATOM   311  C  CG2 . THR A 1 43  ? 5.604   10.899  4.536   1.00 64.76  ? 108 THR A CG2 1 
ATOM   312  N  N   . ARG A 1 44  ? 4.558   14.452  6.737   1.00 60.65  ? 109 ARG A N   1 
ATOM   313  C  CA  . ARG A 1 44  ? 3.830   15.270  7.682   1.00 62.39  ? 109 ARG A CA  1 
ATOM   314  C  C   . ARG A 1 44  ? 3.110   14.396  8.723   1.00 60.68  ? 109 ARG A C   1 
ATOM   315  O  O   . ARG A 1 44  ? 3.148   14.680  9.919   1.00 57.71  ? 109 ARG A O   1 
ATOM   316  C  CB  . ARG A 1 44  ? 2.848   16.168  6.912   1.00 64.43  ? 109 ARG A CB  1 
ATOM   317  C  CG  . ARG A 1 44  ? 2.054   17.097  7.788   1.00 65.60  ? 109 ARG A CG  1 
ATOM   318  C  CD  . ARG A 1 44  ? 1.382   18.211  7.015   1.00 65.69  ? 109 ARG A CD  1 
ATOM   319  N  NE  . ARG A 1 44  ? 0.482   18.896  7.931   1.00 65.24  ? 109 ARG A NE  1 
ATOM   320  C  CZ  . ARG A 1 44  ? -0.735  18.466  8.263   1.00 67.46  ? 109 ARG A CZ  1 
ATOM   321  N  NH1 . ARG A 1 44  ? -1.255  17.369  7.704   1.00 70.19  ? 109 ARG A NH1 1 
ATOM   322  N  NH2 . ARG A 1 44  ? -1.459  19.163  9.135   1.00 67.49  ? 109 ARG A NH2 1 
ATOM   323  N  N   . ILE A 1 45  ? 2.491   13.314  8.264   1.00 61.00  ? 110 ILE A N   1 
ATOM   324  C  CA  . ILE A 1 45  ? 1.645   12.499  9.128   1.00 60.20  ? 110 ILE A CA  1 
ATOM   325  C  C   . ILE A 1 45  ? 2.504   11.758  10.154  1.00 58.47  ? 110 ILE A C   1 
ATOM   326  O  O   . ILE A 1 45  ? 2.188   11.734  11.334  1.00 57.40  ? 110 ILE A O   1 
ATOM   327  C  CB  . ILE A 1 45  ? 0.718   11.571  8.288   1.00 62.37  ? 110 ILE A CB  1 
ATOM   328  C  CG1 . ILE A 1 45  ? -0.614  11.277  9.023   1.00 64.16  ? 110 ILE A CG1 1 
ATOM   329  C  CG2 . ILE A 1 45  ? 1.441   10.333  7.775   1.00 61.60  ? 110 ILE A CG2 1 
ATOM   330  C  CD1 . ILE A 1 45  ? -0.541  10.450  10.275  1.00 63.88  ? 110 ILE A CD1 1 
ATOM   331  N  N   . THR A 1 46  ? 3.626   11.211  9.712   1.00 59.86  ? 111 THR A N   1 
ATOM   332  C  CA  . THR A 1 46  ? 4.529   10.522  10.621  1.00 60.62  ? 111 THR A CA  1 
ATOM   333  C  C   . THR A 1 46  ? 5.188   11.529  11.566  1.00 60.03  ? 111 THR A C   1 
ATOM   334  O  O   . THR A 1 46  ? 5.438   11.229  12.735  1.00 59.48  ? 111 THR A O   1 
ATOM   335  C  CB  . THR A 1 46  ? 5.568   9.703   9.837   1.00 59.74  ? 111 THR A CB  1 
ATOM   336  O  OG1 . THR A 1 46  ? 4.886   8.738   9.023   1.00 62.21  ? 111 THR A OG1 1 
ATOM   337  C  CG2 . THR A 1 46  ? 6.511   8.981   10.769  1.00 60.05  ? 111 THR A CG2 1 
ATOM   338  N  N   . GLY A 1 47  ? 5.442   12.729  11.059  1.00 61.22  ? 112 GLY A N   1 
ATOM   339  C  CA  . GLY A 1 47  ? 5.932   13.818  11.895  1.00 63.19  ? 112 GLY A CA  1 
ATOM   340  C  C   . GLY A 1 47  ? 5.015   14.078  13.072  1.00 61.78  ? 112 GLY A C   1 
ATOM   341  O  O   . GLY A 1 47  ? 5.466   14.153  14.213  1.00 60.13  ? 112 GLY A O   1 
ATOM   342  N  N   . LEU A 1 48  ? 3.725   14.186  12.768  1.00 61.36  ? 113 LEU A N   1 
ATOM   343  C  CA  . LEU A 1 48  ? 2.682   14.393  13.763  1.00 60.29  ? 113 LEU A CA  1 
ATOM   344  C  C   . LEU A 1 48  ? 2.592   13.253  14.754  1.00 60.80  ? 113 LEU A C   1 
ATOM   345  O  O   . LEU A 1 48  ? 2.466   13.475  15.957  1.00 60.64  ? 113 LEU A O   1 
ATOM   346  C  CB  . LEU A 1 48  ? 1.330   14.539  13.061  1.00 62.15  ? 113 LEU A CB  1 
ATOM   347  C  CG  . LEU A 1 48  ? 1.189   15.820  12.221  1.00 63.76  ? 113 LEU A CG  1 
ATOM   348  C  CD1 . LEU A 1 48  ? -0.023  15.832  11.300  1.00 63.61  ? 113 LEU A CD1 1 
ATOM   349  C  CD2 . LEU A 1 48  ? 1.139   16.972  13.181  1.00 63.08  ? 113 LEU A CD2 1 
ATOM   350  N  N   . SER A 1 49  ? 2.700   12.034  14.239  1.00 62.25  ? 114 SER A N   1 
ATOM   351  C  CA  . SER A 1 49  ? 2.372   10.824  14.991  1.00 60.97  ? 114 SER A CA  1 
ATOM   352  C  C   . SER A 1 49  ? 3.193   10.594  16.244  1.00 59.70  ? 114 SER A C   1 
ATOM   353  O  O   . SER A 1 49  ? 2.804   9.807   17.100  1.00 61.97  ? 114 SER A O   1 
ATOM   354  C  CB  . SER A 1 49  ? 2.487   9.597   14.086  1.00 60.63  ? 114 SER A CB  1 
ATOM   355  O  OG  . SER A 1 49  ? 3.821   9.408   13.669  1.00 61.02  ? 114 SER A OG  1 
ATOM   356  N  N   . SER A 1 50  ? 4.326   11.270  16.367  1.00 62.15  ? 115 SER A N   1 
ATOM   357  C  CA  . SER A 1 50  ? 5.118   11.159  17.583  1.00 65.95  ? 115 SER A CA  1 
ATOM   358  C  C   . SER A 1 50  ? 4.536   11.972  18.759  1.00 62.12  ? 115 SER A C   1 
ATOM   359  O  O   . SER A 1 50  ? 5.082   11.922  19.841  1.00 65.51  ? 115 SER A O   1 
ATOM   360  C  CB  . SER A 1 50  ? 6.586   11.536  17.300  1.00 67.37  ? 115 SER A CB  1 
ATOM   361  O  OG  . SER A 1 50  ? 6.690   12.877  16.856  1.00 70.00  ? 115 SER A OG  1 
ATOM   362  N  N   . TYR A 1 51  ? 3.423   12.678  18.584  1.00 61.98  ? 116 TYR A N   1 
ATOM   363  C  CA  . TYR A 1 51  ? 2.923   13.571  19.635  1.00 61.61  ? 116 TYR A CA  1 
ATOM   364  C  C   . TYR A 1 51  ? 1.557   13.189  20.209  1.00 61.48  ? 116 TYR A C   1 
ATOM   365  O  O   . TYR A 1 51  ? 0.898   13.990  20.881  1.00 61.25  ? 116 TYR A O   1 
ATOM   366  C  CB  . TYR A 1 51  ? 2.925   14.990  19.093  1.00 61.57  ? 116 TYR A CB  1 
ATOM   367  C  CG  . TYR A 1 51  ? 4.310   15.449  18.711  1.00 61.11  ? 116 TYR A CG  1 
ATOM   368  C  CD1 . TYR A 1 51  ? 5.312   15.556  19.672  1.00 61.54  ? 116 TYR A CD1 1 
ATOM   369  C  CD2 . TYR A 1 51  ? 4.624   15.783  17.400  1.00 62.60  ? 116 TYR A CD2 1 
ATOM   370  C  CE1 . TYR A 1 51  ? 6.586   15.986  19.338  1.00 61.28  ? 116 TYR A CE1 1 
ATOM   371  C  CE2 . TYR A 1 51  ? 5.901   16.216  17.056  1.00 63.40  ? 116 TYR A CE2 1 
ATOM   372  C  CZ  . TYR A 1 51  ? 6.873   16.314  18.034  1.00 61.09  ? 116 TYR A CZ  1 
ATOM   373  O  OH  . TYR A 1 51  ? 8.131   16.736  17.714  1.00 61.94  ? 116 TYR A OH  1 
ATOM   374  N  N   . TRP A 1 52  ? 1.148   11.952  19.938  1.00 62.29  ? 117 TRP A N   1 
ATOM   375  C  CA  . TRP A 1 52  ? -0.027  11.338  20.550  1.00 63.22  ? 117 TRP A CA  1 
ATOM   376  C  C   . TRP A 1 52  ? 0.298   9.869   20.769  1.00 63.69  ? 117 TRP A C   1 
ATOM   377  O  O   . TRP A 1 52  ? 1.081   9.304   20.017  1.00 66.94  ? 117 TRP A O   1 
ATOM   378  C  CB  . TRP A 1 52  ? -1.246  11.457  19.635  1.00 63.15  ? 117 TRP A CB  1 
ATOM   379  C  CG  . TRP A 1 52  ? -1.859  12.809  19.576  1.00 60.43  ? 117 TRP A CG  1 
ATOM   380  C  CD1 . TRP A 1 52  ? -2.827  13.289  20.388  1.00 60.95  ? 117 TRP A CD1 1 
ATOM   381  C  CD2 . TRP A 1 52  ? -1.591  13.832  18.617  1.00 58.72  ? 117 TRP A CD2 1 
ATOM   382  N  NE1 . TRP A 1 52  ? -3.166  14.568  20.020  1.00 60.66  ? 117 TRP A NE1 1 
ATOM   383  C  CE2 . TRP A 1 52  ? -2.420  14.927  18.933  1.00 57.79  ? 117 TRP A CE2 1 
ATOM   384  C  CE3 . TRP A 1 52  ? -0.723  13.932  17.525  1.00 60.08  ? 117 TRP A CE3 1 
ATOM   385  C  CZ2 . TRP A 1 52  ? -2.413  16.110  18.204  1.00 59.24  ? 117 TRP A CZ2 1 
ATOM   386  C  CZ3 . TRP A 1 52  ? -0.705  15.115  16.800  1.00 62.40  ? 117 TRP A CZ3 1 
ATOM   387  C  CH2 . TRP A 1 52  ? -1.550  16.191  17.144  1.00 62.15  ? 117 TRP A CH2 1 
ATOM   388  N  N   . GLU A 1 53  ? -0.292  9.258   21.792  1.00 65.99  ? 118 GLU A N   1 
ATOM   389  C  CA  . GLU A 1 53  ? 0.051   7.878   22.143  1.00 68.18  ? 118 GLU A CA  1 
ATOM   390  C  C   . GLU A 1 53  ? -0.437  6.886   21.114  1.00 64.33  ? 118 GLU A C   1 
ATOM   391  O  O   . GLU A 1 53  ? 0.258   5.885   20.824  1.00 68.75  ? 118 GLU A O   1 
ATOM   392  C  CB  . GLU A 1 53  ? -0.521  7.479   23.501  1.00 70.55  ? 118 GLU A CB  1 
ATOM   393  C  CG  . GLU A 1 53  ? 0.206   6.294   24.112  1.00 71.47  ? 118 GLU A CG  1 
ATOM   394  C  CD  . GLU A 1 53  ? 1.550   6.689   24.663  1.00 73.63  ? 118 GLU A CD  1 
ATOM   395  O  OE1 . GLU A 1 53  ? 2.573   6.351   24.017  1.00 69.47  ? 118 GLU A OE1 1 
ATOM   396  O  OE2 . GLU A 1 53  ? 1.547   7.355   25.733  1.00 80.56  ? 118 GLU A OE2 1 
ATOM   397  N  N   . ARG A 1 54  ? -1.626  7.163   20.577  1.00 60.30  ? 119 ARG A N   1 
ATOM   398  C  CA  . ARG A 1 54  ? -2.311  6.256   19.660  1.00 60.77  ? 119 ARG A CA  1 
ATOM   399  C  C   . ARG A 1 54  ? -3.015  6.943   18.531  1.00 60.36  ? 119 ARG A C   1 
ATOM   400  O  O   . ARG A 1 54  ? -3.334  8.123   18.617  1.00 61.14  ? 119 ARG A O   1 
ATOM   401  C  CB  . ARG A 1 54  ? -3.370  5.487   20.415  1.00 62.48  ? 119 ARG A CB  1 
ATOM   402  C  CG  . ARG A 1 54  ? -2.748  4.751   21.550  1.00 66.43  ? 119 ARG A CG  1 
ATOM   403  C  CD  . ARG A 1 54  ? -3.679  3.778   22.160  1.00 67.02  ? 119 ARG A CD  1 
ATOM   404  N  NE  . ARG A 1 54  ? -3.150  3.254   23.435  1.00 65.97  ? 119 ARG A NE  1 
ATOM   405  C  CZ  . ARG A 1 54  ? -3.166  3.908   24.597  1.00 66.65  ? 119 ARG A CZ  1 
ATOM   406  N  NH1 . ARG A 1 54  ? -3.696  5.131   24.695  1.00 70.30  ? 119 ARG A NH1 1 
ATOM   407  N  NH2 . ARG A 1 54  ? -2.645  3.330   25.666  1.00 65.63  ? 119 ARG A NH2 1 
ATOM   408  N  N   . TYR A 1 55  ? -3.308  6.162   17.497  1.00 59.20  ? 120 TYR A N   1 
ATOM   409  C  CA  . TYR A 1 55  ? -3.956  6.667   16.299  1.00 57.52  ? 120 TYR A CA  1 
ATOM   410  C  C   . TYR A 1 55  ? -4.973  5.669   15.795  1.00 56.70  ? 120 TYR A C   1 
ATOM   411  O  O   . TYR A 1 55  ? -4.906  4.493   16.117  1.00 54.36  ? 120 TYR A O   1 
ATOM   412  C  CB  . TYR A 1 55  ? -2.929  6.918   15.195  1.00 56.76  ? 120 TYR A CB  1 
ATOM   413  C  CG  . TYR A 1 55  ? -2.472  5.643   14.534  1.00 56.18  ? 120 TYR A CG  1 
ATOM   414  C  CD1 . TYR A 1 55  ? -1.493  4.849   15.119  1.00 57.43  ? 120 TYR A CD1 1 
ATOM   415  C  CD2 . TYR A 1 55  ? -3.048  5.205   13.348  1.00 57.82  ? 120 TYR A CD2 1 
ATOM   416  C  CE1 . TYR A 1 55  ? -1.083  3.663   14.533  1.00 58.00  ? 120 TYR A CE1 1 
ATOM   417  C  CE2 . TYR A 1 55  ? -2.645  4.020   12.751  1.00 59.22  ? 120 TYR A CE2 1 
ATOM   418  C  CZ  . TYR A 1 55  ? -1.658  3.253   13.349  1.00 58.46  ? 120 TYR A CZ  1 
ATOM   419  O  OH  . TYR A 1 55  ? -1.250  2.078   12.775  1.00 58.14  ? 120 TYR A OH  1 
ATOM   420  N  N   . LYS A 1 56  ? -5.899  6.167   14.984  1.00 60.00  ? 121 LYS A N   1 
ATOM   421  C  CA  . LYS A 1 56  ? -6.788  5.337   14.192  1.00 59.07  ? 121 LYS A CA  1 
ATOM   422  C  C   . LYS A 1 56  ? -7.171  6.075   12.913  1.00 57.83  ? 121 LYS A C   1 
ATOM   423  O  O   . LYS A 1 56  ? -7.674  7.210   12.971  1.00 55.20  ? 121 LYS A O   1 
ATOM   424  C  CB  . LYS A 1 56  ? -8.032  5.005   14.981  1.00 59.44  ? 121 LYS A CB  1 
ATOM   425  C  CG  . LYS A 1 56  ? -9.035  4.177   14.192  1.00 63.15  ? 121 LYS A CG  1 
ATOM   426  C  CD  . LYS A 1 56  ? -10.249 3.868   15.050  1.00 68.31  ? 121 LYS A CD  1 
ATOM   427  C  CE  . LYS A 1 56  ? -11.184 5.067   15.172  1.00 69.62  ? 121 LYS A CE  1 
ATOM   428  N  NZ  . LYS A 1 56  ? -12.377 4.869   14.309  1.00 72.60  ? 121 LYS A NZ  1 
ATOM   429  N  N   . TRP A 1 57  ? -6.923  5.438   11.770  1.00 56.28  ? 122 TRP A N   1 
ATOM   430  C  CA  . TRP A 1 57  ? -7.379  5.969   10.493  1.00 57.08  ? 122 TRP A CA  1 
ATOM   431  C  C   . TRP A 1 57  ? -8.910  5.946   10.456  1.00 56.53  ? 122 TRP A C   1 
ATOM   432  O  O   . TRP A 1 57  ? -9.537  4.953   10.851  1.00 55.27  ? 122 TRP A O   1 
ATOM   433  C  CB  . TRP A 1 57  ? -6.874  5.146   9.309   1.00 58.43  ? 122 TRP A CB  1 
ATOM   434  C  CG  . TRP A 1 57  ? -5.403  5.007   9.160   1.00 58.54  ? 122 TRP A CG  1 
ATOM   435  C  CD1 . TRP A 1 57  ? -4.702  3.850   9.191   1.00 59.65  ? 122 TRP A CD1 1 
ATOM   436  C  CD2 . TRP A 1 57  ? -4.453  6.046   8.897   1.00 58.31  ? 122 TRP A CD2 1 
ATOM   437  N  NE1 . TRP A 1 57  ? -3.371  4.098   8.984   1.00 60.79  ? 122 TRP A NE1 1 
ATOM   438  C  CE2 . TRP A 1 57  ? -3.189  5.439   8.798   1.00 58.64  ? 122 TRP A CE2 1 
ATOM   439  C  CE3 . TRP A 1 57  ? -4.546  7.430   8.728   1.00 59.89  ? 122 TRP A CE3 1 
ATOM   440  C  CZ2 . TRP A 1 57  ? -2.020  6.163   8.559   1.00 59.92  ? 122 TRP A CZ2 1 
ATOM   441  C  CZ3 . TRP A 1 57  ? -3.370  8.160   8.489   1.00 60.59  ? 122 TRP A CZ3 1 
ATOM   442  C  CH2 . TRP A 1 57  ? -2.130  7.520   8.409   1.00 60.24  ? 122 TRP A CH2 1 
ATOM   443  N  N   . LEU A 1 58  ? -9.496  7.050   10.008  1.00 55.32  ? 123 LEU A N   1 
ATOM   444  C  CA  . LEU A 1 58  ? -10.923 7.107   9.706   1.00 55.47  ? 123 LEU A CA  1 
ATOM   445  C  C   . LEU A 1 58  ? -11.099 6.793   8.251   1.00 54.74  ? 123 LEU A C   1 
ATOM   446  O  O   . LEU A 1 58  ? -11.975 6.019   7.880   1.00 54.75  ? 123 LEU A O   1 
ATOM   447  C  CB  . LEU A 1 58  ? -11.501 8.489   10.008  1.00 55.54  ? 123 LEU A CB  1 
ATOM   448  C  CG  . LEU A 1 58  ? -12.141 8.753   11.374  1.00 54.61  ? 123 LEU A CG  1 
ATOM   449  C  CD1 . LEU A 1 58  ? -11.621 7.843   12.462  1.00 55.17  ? 123 LEU A CD1 1 
ATOM   450  C  CD2 . LEU A 1 58  ? -11.943 10.214  11.772  1.00 56.77  ? 123 LEU A CD2 1 
ATOM   451  N  N   . SER A 1 59  ? -10.293 7.455   7.436   1.00 56.09  ? 124 SER A N   1 
ATOM   452  C  CA  . SER A 1 59  ? -10.112 7.101   6.043   1.00 59.72  ? 124 SER A CA  1 
ATOM   453  C  C   . SER A 1 59  ? -8.613  7.154   5.803   1.00 61.02  ? 124 SER A C   1 
ATOM   454  O  O   . SER A 1 59  ? -7.924  8.061   6.281   1.00 60.61  ? 124 SER A O   1 
ATOM   455  C  CB  . SER A 1 59  ? -10.863 8.064   5.110   1.00 60.66  ? 124 SER A CB  1 
ATOM   456  O  OG  . SER A 1 59  ? -10.093 8.383   3.952   1.00 63.81  ? 124 SER A OG  1 
ATOM   457  N  N   . ALA A 1 60  ? -8.118  6.155   5.089   1.00 62.07  ? 125 ALA A N   1 
ATOM   458  C  CA  . ALA A 1 60  ? -6.738  6.125   4.637   1.00 62.76  ? 125 ALA A CA  1 
ATOM   459  C  C   . ALA A 1 60  ? -6.806  5.486   3.277   1.00 62.13  ? 125 ALA A C   1 
ATOM   460  O  O   . ALA A 1 60  ? -7.005  4.274   3.163   1.00 65.67  ? 125 ALA A O   1 
ATOM   461  C  CB  . ALA A 1 60  ? -5.874  5.301   5.577   1.00 64.17  ? 125 ALA A CB  1 
ATOM   462  N  N   . VAL A 1 61  ? -6.694  6.307   2.246   1.00 59.73  ? 126 VAL A N   1 
ATOM   463  C  CA  . VAL A 1 61  ? -6.859  5.815   0.895   1.00 59.00  ? 126 VAL A CA  1 
ATOM   464  C  C   . VAL A 1 61  ? -5.553  6.041   0.131   1.00 57.52  ? 126 VAL A C   1 
ATOM   465  O  O   . VAL A 1 61  ? -5.041  7.161   0.027   1.00 53.36  ? 126 VAL A O   1 
ATOM   466  C  CB  . VAL A 1 61  ? -8.143  6.348   0.178   1.00 57.69  ? 126 VAL A CB  1 
ATOM   467  C  CG1 . VAL A 1 61  ? -8.636  7.676   0.746   1.00 61.11  ? 126 VAL A CG1 1 
ATOM   468  C  CG2 . VAL A 1 61  ? -7.935  6.441   -1.329  1.00 58.67  ? 126 VAL A CG2 1 
ATOM   469  N  N   . ALA A 1 62  ? -5.031  4.927   -0.370  1.00 57.20  ? 127 ALA A N   1 
ATOM   470  C  CA  . ALA A 1 62  ? -3.841  4.891   -1.181  1.00 58.47  ? 127 ALA A CA  1 
ATOM   471  C  C   . ALA A 1 62  ? -4.211  5.254   -2.614  1.00 58.11  ? 127 ALA A C   1 
ATOM   472  O  O   . ALA A 1 62  ? -5.125  4.662   -3.185  1.00 57.30  ? 127 ALA A O   1 
ATOM   473  C  CB  . ALA A 1 62  ? -3.240  3.496   -1.128  1.00 60.36  ? 127 ALA A CB  1 
ATOM   474  N  N   . ARG A 1 63  ? -3.489  6.218   -3.180  1.00 58.76  ? 128 ARG A N   1 
ATOM   475  C  CA  . ARG A 1 63  ? -3.758  6.738   -4.513  1.00 59.96  ? 128 ARG A CA  1 
ATOM   476  C  C   . ARG A 1 63  ? -2.522  6.538   -5.388  1.00 59.87  ? 128 ARG A C   1 
ATOM   477  O  O   . ARG A 1 63  ? -1.471  7.146   -5.143  1.00 60.53  ? 128 ARG A O   1 
ATOM   478  C  CB  . ARG A 1 63  ? -4.127  8.228   -4.437  1.00 61.81  ? 128 ARG A CB  1 
ATOM   479  C  CG  . ARG A 1 63  ? -4.963  8.704   -5.624  1.00 64.48  ? 128 ARG A CG  1 
ATOM   480  C  CD  . ARG A 1 63  ? -4.771  10.156  -6.012  1.00 63.37  ? 128 ARG A CD  1 
ATOM   481  N  NE  . ARG A 1 63  ? -4.665  10.969  -4.809  1.00 61.47  ? 128 ARG A NE  1 
ATOM   482  C  CZ  . ARG A 1 63  ? -3.684  11.824  -4.551  1.00 65.08  ? 128 ARG A CZ  1 
ATOM   483  N  NH1 . ARG A 1 63  ? -2.708  12.049  -5.418  1.00 61.75  ? 128 ARG A NH1 1 
ATOM   484  N  NH2 . ARG A 1 63  ? -3.694  12.493  -3.413  1.00 72.23  ? 128 ARG A NH2 1 
ATOM   485  N  N   . TYR A 1 64  ? -2.653  5.666   -6.386  1.00 59.51  ? 129 TYR A N   1 
ATOM   486  C  CA  . TYR A 1 64  ? -1.608  5.438   -7.385  1.00 58.49  ? 129 TYR A CA  1 
ATOM   487  C  C   . TYR A 1 64  ? -1.810  6.421   -8.516  1.00 57.44  ? 129 TYR A C   1 
ATOM   488  O  O   . TYR A 1 64  ? -2.937  6.572   -8.998  1.00 56.86  ? 129 TYR A O   1 
ATOM   489  C  CB  . TYR A 1 64  ? -1.678  4.006   -7.930  1.00 59.48  ? 129 TYR A CB  1 
ATOM   490  C  CG  . TYR A 1 64  ? -0.787  3.750   -9.124  1.00 60.34  ? 129 TYR A CG  1 
ATOM   491  C  CD1 . TYR A 1 64  ? 0.529   3.350   -8.958  1.00 61.47  ? 129 TYR A CD1 1 
ATOM   492  C  CD2 . TYR A 1 64  ? -1.264  3.904   -10.420 1.00 62.07  ? 129 TYR A CD2 1 
ATOM   493  C  CE1 . TYR A 1 64  ? 1.352   3.114   -10.046 1.00 63.59  ? 129 TYR A CE1 1 
ATOM   494  C  CE2 . TYR A 1 64  ? -0.449  3.673   -11.519 1.00 64.29  ? 129 TYR A CE2 1 
ATOM   495  C  CZ  . TYR A 1 64  ? 0.863   3.273   -11.326 1.00 64.23  ? 129 TYR A CZ  1 
ATOM   496  O  OH  . TYR A 1 64  ? 1.700   3.033   -12.393 1.00 63.34  ? 129 TYR A OH  1 
ATOM   497  N  N   . VAL A 1 65  ? -0.736  7.086   -8.937  1.00 57.11  ? 130 VAL A N   1 
ATOM   498  C  CA  . VAL A 1 65  ? -0.806  7.956   -10.115 1.00 59.77  ? 130 VAL A CA  1 
ATOM   499  C  C   . VAL A 1 65  ? 0.332   7.565   -11.053 1.00 61.13  ? 130 VAL A C   1 
ATOM   500  O  O   . VAL A 1 65  ? 1.476   7.432   -10.615 1.00 60.21  ? 130 VAL A O   1 
ATOM   501  C  CB  . VAL A 1 65  ? -0.886  9.488   -9.781  1.00 59.62  ? 130 VAL A CB  1 
ATOM   502  C  CG1 . VAL A 1 65  ? -1.052  9.723   -8.290  1.00 60.16  ? 130 VAL A CG1 1 
ATOM   503  C  CG2 . VAL A 1 65  ? 0.282   10.302  -10.318 1.00 60.35  ? 130 VAL A CG2 1 
ATOM   504  N  N   . PRO A 1 66  ? 0.009   7.352   -12.342 1.00 61.65  ? 131 PRO A N   1 
ATOM   505  C  CA  . PRO A 1 66  ? 0.990   6.865   -13.285 1.00 64.31  ? 131 PRO A CA  1 
ATOM   506  C  C   . PRO A 1 66  ? 2.057   7.896   -13.660 1.00 65.02  ? 131 PRO A C   1 
ATOM   507  O  O   . PRO A 1 66  ? 1.890   9.107   -13.443 1.00 59.35  ? 131 PRO A O   1 
ATOM   508  C  CB  . PRO A 1 66  ? 0.139   6.512   -14.510 1.00 66.69  ? 131 PRO A CB  1 
ATOM   509  C  CG  . PRO A 1 66  ? -0.976  7.481   -14.471 1.00 65.36  ? 131 PRO A CG  1 
ATOM   510  C  CD  . PRO A 1 66  ? -1.285  7.607   -13.002 1.00 63.65  ? 131 PRO A CD  1 
ATOM   511  N  N   . ALA A 1 67  ? 3.153   7.376   -14.206 1.00 66.52  ? 132 ALA A N   1 
ATOM   512  C  CA  . ALA A 1 67  ? 4.291   8.176   -14.653 1.00 66.77  ? 132 ALA A CA  1 
ATOM   513  C  C   . ALA A 1 67  ? 4.833   7.615   -15.961 1.00 63.43  ? 132 ALA A C   1 
ATOM   514  O  O   . ALA A 1 67  ? 6.022   7.755   -16.269 1.00 67.10  ? 132 ALA A O   1 
ATOM   515  C  CB  . ALA A 1 67  ? 5.369   8.176   -13.580 1.00 66.71  ? 132 ALA A CB  1 
ATOM   516  N  N   . VAL A 1 68  ? 3.914   7.073   -16.751 1.00 58.90  ? 133 VAL A N   1 
ATOM   517  C  CA  . VAL A 1 68  ? 4.209   6.120   -17.783 1.00 58.58  ? 133 VAL A CA  1 
ATOM   518  C  C   . VAL A 1 68  ? 3.251   6.422   -18.953 1.00 57.64  ? 133 VAL A C   1 
ATOM   519  O  O   . VAL A 1 68  ? 2.117   6.797   -18.731 1.00 62.42  ? 133 VAL A O   1 
ATOM   520  C  CB  . VAL A 1 68  ? 4.030   4.713   -17.151 1.00 61.96  ? 133 VAL A CB  1 
ATOM   521  C  CG1 . VAL A 1 68  ? 2.755   4.008   -17.590 1.00 63.02  ? 133 VAL A CG1 1 
ATOM   522  C  CG2 . VAL A 1 68  ? 5.228   3.835   -17.423 1.00 65.50  ? 133 VAL A CG2 1 
ATOM   523  N  N   . PRO A 1 69  ? 3.692   6.283   -20.202 1.00 58.92  ? 134 PRO A N   1 
ATOM   524  C  CA  . PRO A 1 69  ? 2.809   6.662   -21.312 1.00 60.96  ? 134 PRO A CA  1 
ATOM   525  C  C   . PRO A 1 69  ? 1.809   5.557   -21.653 1.00 61.21  ? 134 PRO A C   1 
ATOM   526  O  O   . PRO A 1 69  ? 1.892   4.473   -21.077 1.00 59.76  ? 134 PRO A O   1 
ATOM   527  C  CB  . PRO A 1 69  ? 3.794   6.853   -22.457 1.00 63.48  ? 134 PRO A CB  1 
ATOM   528  C  CG  . PRO A 1 69  ? 4.819   5.801   -22.195 1.00 64.08  ? 134 PRO A CG  1 
ATOM   529  C  CD  . PRO A 1 69  ? 4.936   5.680   -20.694 1.00 62.23  ? 134 PRO A CD  1 
ATOM   530  N  N   . ASN A 1 70  ? 0.903   5.801   -22.606 1.00 62.37  ? 135 ASN A N   1 
ATOM   531  C  CA  . ASN A 1 70  ? -0.136  4.791   -22.955 1.00 64.02  ? 135 ASN A CA  1 
ATOM   532  C  C   . ASN A 1 70  ? 0.298   3.829   -24.041 1.00 62.43  ? 135 ASN A C   1 
ATOM   533  O  O   . ASN A 1 70  ? -0.536  3.202   -24.714 1.00 60.23  ? 135 ASN A O   1 
ATOM   534  C  CB  . ASN A 1 70  ? -1.447  5.448   -23.385 1.00 66.19  ? 135 ASN A CB  1 
ATOM   535  C  CG  . ASN A 1 70  ? -1.982  6.427   -22.332 1.00 63.50  ? 135 ASN A CG  1 
ATOM   536  O  OD1 . ASN A 1 70  ? -1.415  6.603   -21.252 1.00 60.47  ? 135 ASN A OD1 1 
ATOM   537  N  ND2 . ASN A 1 70  ? -3.096  7.040   -22.644 1.00 69.14  ? 135 ASN A ND2 1 
ATOM   538  N  N   . THR A 1 71  ? 1.609   3.723   -24.204 1.00 66.18  ? 136 THR A N   1 
ATOM   539  C  CA  . THR A 1 71  ? 2.220   2.807   -25.132 1.00 65.29  ? 136 THR A CA  1 
ATOM   540  C  C   . THR A 1 71  ? 2.926   1.677   -24.430 1.00 64.39  ? 136 THR A C   1 
ATOM   541  O  O   . THR A 1 71  ? 3.612   0.885   -25.062 1.00 76.43  ? 136 THR A O   1 
ATOM   542  C  CB  . THR A 1 71  ? 3.199   3.599   -26.002 1.00 64.46  ? 136 THR A CB  1 
ATOM   543  O  OG1 . THR A 1 71  ? 3.868   4.598   -25.220 1.00 59.80  ? 136 THR A OG1 1 
ATOM   544  C  CG2 . THR A 1 71  ? 2.406   4.275   -27.133 1.00 63.61  ? 136 THR A CG2 1 
ATOM   545  N  N   . VAL A 1 72  ? 2.768   1.610   -23.118 1.00 64.42  ? 137 VAL A N   1 
ATOM   546  C  CA  . VAL A 1 72  ? 3.140   0.437   -22.350 1.00 64.16  ? 137 VAL A CA  1 
ATOM   547  C  C   . VAL A 1 72  ? 1.931   0.048   -21.531 1.00 64.32  ? 137 VAL A C   1 
ATOM   548  O  O   . VAL A 1 72  ? 1.004   0.853   -21.326 1.00 66.16  ? 137 VAL A O   1 
ATOM   549  C  CB  . VAL A 1 72  ? 4.351   0.680   -21.431 1.00 64.01  ? 137 VAL A CB  1 
ATOM   550  C  CG1 . VAL A 1 72  ? 5.599   0.868   -22.265 1.00 66.84  ? 137 VAL A CG1 1 
ATOM   551  C  CG2 . VAL A 1 72  ? 4.149   1.888   -20.523 1.00 65.94  ? 137 VAL A CG2 1 
ATOM   552  N  N   . ALA A 1 73  ? 1.944   -1.186  -21.060 1.00 61.54  ? 138 ALA A N   1 
ATOM   553  C  CA  . ALA A 1 73  ? 0.818   -1.714  -20.325 1.00 62.65  ? 138 ALA A CA  1 
ATOM   554  C  C   . ALA A 1 73  ? 1.275   -2.758  -19.323 1.00 62.67  ? 138 ALA A C   1 
ATOM   555  O  O   . ALA A 1 73  ? 2.244   -3.462  -19.541 1.00 63.61  ? 138 ALA A O   1 
ATOM   556  C  CB  . ALA A 1 73  ? -0.220  -2.280  -21.286 1.00 62.57  ? 138 ALA A CB  1 
ATOM   557  N  N   . CYS A 1 74  ? 0.568   -2.824  -18.206 1.00 66.57  ? 139 CYS A N   1 
ATOM   558  C  CA  . CYS A 1 74  ? 0.859   -3.771  -17.147 1.00 67.28  ? 139 CYS A CA  1 
ATOM   559  C  C   . CYS A 1 74  ? -0.271  -3.669  -16.133 1.00 65.91  ? 139 CYS A C   1 
ATOM   560  O  O   . CYS A 1 74  ? -0.575  -2.577  -15.664 1.00 70.30  ? 139 CYS A O   1 
ATOM   561  C  CB  . CYS A 1 74  ? 2.190   -3.439  -16.475 1.00 66.13  ? 139 CYS A CB  1 
ATOM   562  S  SG  . CYS A 1 74  ? 2.698   -4.726  -15.339 1.00 71.59  ? 139 CYS A SG  1 
ATOM   563  N  N   . GLN A 1 75  ? -0.907  -4.786  -15.810 1.00 62.66  ? 140 GLN A N   1 
ATOM   564  C  CA  . GLN A 1 75  ? -2.030  -4.775  -14.868 1.00 62.25  ? 140 GLN A CA  1 
ATOM   565  C  C   . GLN A 1 75  ? -1.606  -5.083  -13.427 1.00 62.47  ? 140 GLN A C   1 
ATOM   566  O  O   . GLN A 1 75  ? -1.022  -6.139  -13.145 1.00 58.99  ? 140 GLN A O   1 
ATOM   567  C  CB  . GLN A 1 75  ? -3.091  -5.761  -15.318 1.00 60.21  ? 140 GLN A CB  1 
ATOM   568  C  CG  . GLN A 1 75  ? -4.405  -5.701  -14.570 1.00 55.38  ? 140 GLN A CG  1 
ATOM   569  C  CD  . GLN A 1 75  ? -5.395  -6.681  -15.173 1.00 57.84  ? 140 GLN A CD  1 
ATOM   570  O  OE1 . GLN A 1 75  ? -5.867  -6.504  -16.302 1.00 60.00  ? 140 GLN A OE1 1 
ATOM   571  N  NE2 . GLN A 1 75  ? -5.694  -7.734  -14.440 1.00 57.36  ? 140 GLN A NE2 1 
ATOM   572  N  N   . PHE A 1 76  ? -1.909  -4.138  -12.534 1.00 63.73  ? 141 PHE A N   1 
ATOM   573  C  CA  . PHE A 1 76  ? -1.754  -4.309  -11.090 1.00 62.29  ? 141 PHE A CA  1 
ATOM   574  C  C   . PHE A 1 76  ? -3.067  -4.667  -10.422 1.00 60.09  ? 141 PHE A C   1 
ATOM   575  O  O   . PHE A 1 76  ? -4.132  -4.385  -10.938 1.00 59.47  ? 141 PHE A O   1 
ATOM   576  C  CB  . PHE A 1 76  ? -1.287  -3.011  -10.430 1.00 61.48  ? 141 PHE A CB  1 
ATOM   577  C  CG  . PHE A 1 76  ? 0.053   -2.513  -10.887 1.00 62.19  ? 141 PHE A CG  1 
ATOM   578  C  CD1 . PHE A 1 76  ? 0.939   -3.306  -11.618 1.00 62.63  ? 141 PHE A CD1 1 
ATOM   579  C  CD2 . PHE A 1 76  ? 0.450   -1.230  -10.531 1.00 62.38  ? 141 PHE A CD2 1 
ATOM   580  C  CE1 . PHE A 1 76  ? 2.167   -2.810  -12.004 1.00 63.97  ? 141 PHE A CE1 1 
ATOM   581  C  CE2 . PHE A 1 76  ? 1.677   -0.733  -10.913 1.00 64.34  ? 141 PHE A CE2 1 
ATOM   582  C  CZ  . PHE A 1 76  ? 2.540   -1.523  -11.649 1.00 64.61  ? 141 PHE A CZ  1 
ATOM   583  N  N   . VAL A 1 77  ? -2.962  -5.275  -9.251  1.00 58.95  ? 142 VAL A N   1 
ATOM   584  C  CA  . VAL A 1 77  ? -4.043  -5.265  -8.274  1.00 58.26  ? 142 VAL A CA  1 
ATOM   585  C  C   . VAL A 1 77  ? -3.450  -4.739  -6.972  1.00 57.27  ? 142 VAL A C   1 
ATOM   586  O  O   . VAL A 1 77  ? -2.351  -5.118  -6.576  1.00 59.95  ? 142 VAL A O   1 
ATOM   587  C  CB  . VAL A 1 77  ? -4.729  -6.631  -8.070  1.00 58.71  ? 142 VAL A CB  1 
ATOM   588  C  CG1 . VAL A 1 77  ? -3.736  -7.731  -7.785  1.00 61.32  ? 142 VAL A CG1 1 
ATOM   589  C  CG2 . VAL A 1 77  ? -5.703  -6.561  -6.910  1.00 61.41  ? 142 VAL A CG2 1 
ATOM   590  N  N   . MET A 1 78  ? -4.194  -3.855  -6.322  1.00 58.31  ? 143 MET A N   1 
ATOM   591  C  CA  . MET A 1 78  ? -3.723  -3.124  -5.151  1.00 57.55  ? 143 MET A CA  1 
ATOM   592  C  C   . MET A 1 78  ? -4.721  -3.330  -4.019  1.00 55.92  ? 143 MET A C   1 
ATOM   593  O  O   . MET A 1 78  ? -5.932  -3.323  -4.242  1.00 54.42  ? 143 MET A O   1 
ATOM   594  C  CB  . MET A 1 78  ? -3.602  -1.653  -5.509  1.00 57.56  ? 143 MET A CB  1 
ATOM   595  C  CG  . MET A 1 78  ? -2.987  -0.752  -4.461  1.00 56.26  ? 143 MET A CG  1 
ATOM   596  S  SD  . MET A 1 78  ? -3.051  0.948   -5.073  1.00 58.76  ? 143 MET A SD  1 
ATOM   597  C  CE  . MET A 1 78  ? -1.579  1.499   -4.274  1.00 63.56  ? 143 MET A CE  1 
ATOM   598  N  N   . TYR A 1 79  ? -4.206  -3.533  -2.814  1.00 55.43  ? 144 TYR A N   1 
ATOM   599  C  CA  . TYR A 1 79  ? -5.050  -3.858  -1.673  1.00 57.61  ? 144 TYR A CA  1 
ATOM   600  C  C   . TYR A 1 79  ? -4.350  -3.586  -0.358  1.00 59.18  ? 144 TYR A C   1 
ATOM   601  O  O   . TYR A 1 79  ? -3.116  -3.536  -0.306  1.00 58.82  ? 144 TYR A O   1 
ATOM   602  C  CB  . TYR A 1 79  ? -5.490  -5.321  -1.745  1.00 58.95  ? 144 TYR A CB  1 
ATOM   603  C  CG  . TYR A 1 79  ? -4.479  -6.350  -1.280  1.00 60.37  ? 144 TYR A CG  1 
ATOM   604  C  CD1 . TYR A 1 79  ? -3.504  -6.852  -2.134  1.00 62.93  ? 144 TYR A CD1 1 
ATOM   605  C  CD2 . TYR A 1 79  ? -4.519  -6.849  0.006   1.00 62.31  ? 144 TYR A CD2 1 
ATOM   606  C  CE1 . TYR A 1 79  ? -2.594  -7.828  -1.712  1.00 61.18  ? 144 TYR A CE1 1 
ATOM   607  C  CE2 . TYR A 1 79  ? -3.606  -7.809  0.434   1.00 65.05  ? 144 TYR A CE2 1 
ATOM   608  C  CZ  . TYR A 1 79  ? -2.644  -8.293  -0.430  1.00 62.24  ? 144 TYR A CZ  1 
ATOM   609  O  OH  . TYR A 1 79  ? -1.737  -9.224  0.023   1.00 64.31  ? 144 TYR A OH  1 
ATOM   610  N  N   . ILE A 1 80  ? -5.141  -3.427  0.704   1.00 60.26  ? 145 ILE A N   1 
ATOM   611  C  CA  . ILE A 1 80  ? -4.585  -3.199  2.037   1.00 59.50  ? 145 ILE A CA  1 
ATOM   612  C  C   . ILE A 1 80  ? -5.065  -4.279  2.985   1.00 58.16  ? 145 ILE A C   1 
ATOM   613  O  O   . ILE A 1 80  ? -6.237  -4.307  3.329   1.00 68.15  ? 145 ILE A O   1 
ATOM   614  C  CB  . ILE A 1 80  ? -4.955  -1.808  2.599   1.00 59.05  ? 145 ILE A CB  1 
ATOM   615  C  CG1 . ILE A 1 80  ? -4.430  -0.708  1.677   1.00 57.27  ? 145 ILE A CG1 1 
ATOM   616  C  CG2 . ILE A 1 80  ? -4.364  -1.614  3.999   1.00 58.90  ? 145 ILE A CG2 1 
ATOM   617  C  CD1 . ILE A 1 80  ? -5.013  0.662   1.953   1.00 56.97  ? 145 ILE A CD1 1 
ATOM   618  N  N   . ASP A 1 81  ? -4.135  -5.128  3.415   1.00 59.59  ? 146 ASP A N   1 
ATOM   619  C  CA  . ASP A 1 81  ? -4.377  -6.142  4.436   1.00 64.24  ? 146 ASP A CA  1 
ATOM   620  C  C   . ASP A 1 81  ? -4.460  -5.429  5.773   1.00 61.20  ? 146 ASP A C   1 
ATOM   621  O  O   . ASP A 1 81  ? -3.575  -4.645  6.101   1.00 59.07  ? 146 ASP A O   1 
ATOM   622  C  CB  . ASP A 1 81  ? -3.232  -7.175  4.456   1.00 70.67  ? 146 ASP A CB  1 
ATOM   623  C  CG  . ASP A 1 81  ? -3.668  -8.528  4.959   1.00 81.45  ? 146 ASP A CG  1 
ATOM   624  O  OD1 . ASP A 1 81  ? -4.471  -8.580  5.917   1.00 95.77  ? 146 ASP A OD1 1 
ATOM   625  O  OD2 . ASP A 1 81  ? -3.222  -9.556  4.397   1.00 96.66  ? 146 ASP A OD2 1 
ATOM   626  N  N   . THR A 1 82  ? -5.532  -5.678  6.523   1.00 61.13  ? 147 THR A N   1 
ATOM   627  C  CA  . THR A 1 82  ? -5.693  -5.121  7.874   1.00 60.44  ? 147 THR A CA  1 
ATOM   628  C  C   . THR A 1 82  ? -4.961  -5.951  8.933   1.00 60.31  ? 147 THR A C   1 
ATOM   629  O  O   . THR A 1 82  ? -4.843  -5.529  10.081  1.00 68.27  ? 147 THR A O   1 
ATOM   630  C  CB  . THR A 1 82  ? -7.178  -5.015  8.250   1.00 58.77  ? 147 THR A CB  1 
ATOM   631  O  OG1 . THR A 1 82  ? -7.851  -6.213  7.840   1.00 59.47  ? 147 THR A OG1 1 
ATOM   632  C  CG2 . THR A 1 82  ? -7.795  -3.864  7.514   1.00 61.03  ? 147 THR A CG2 1 
ATOM   633  N  N   . ASP A 1 83  ? -4.466  -7.124  8.549   1.00 58.49  ? 148 ASP A N   1 
ATOM   634  C  CA  . ASP A 1 83  ? -3.718  -7.987  9.446   1.00 58.92  ? 148 ASP A CA  1 
ATOM   635  C  C   . ASP A 1 83  ? -2.239  -7.940  9.071   1.00 60.17  ? 148 ASP A C   1 
ATOM   636  O  O   . ASP A 1 83  ? -1.819  -8.538  8.077   1.00 63.20  ? 148 ASP A O   1 
ATOM   637  C  CB  . ASP A 1 83  ? -4.244  -9.416  9.333   1.00 58.80  ? 148 ASP A CB  1 
ATOM   638  C  CG  . ASP A 1 83  ? -3.596  -10.359 10.309  1.00 57.47  ? 148 ASP A CG  1 
ATOM   639  O  OD1 . ASP A 1 83  ? -2.668  -9.940  11.061  1.00 55.07  ? 148 ASP A OD1 1 
ATOM   640  O  OD2 . ASP A 1 83  ? -4.050  -11.529 10.311  1.00 56.21  ? 148 ASP A OD2 1 
ATOM   641  N  N   . PRO A 1 84  ? -1.425  -7.263  9.881   1.00 60.00  ? 149 PRO A N   1 
ATOM   642  C  CA  . PRO A 1 84  ? -0.033  -7.112  9.489   1.00 61.88  ? 149 PRO A CA  1 
ATOM   643  C  C   . PRO A 1 84  ? 0.841   -8.356  9.694   1.00 59.83  ? 149 PRO A C   1 
ATOM   644  O  O   . PRO A 1 84  ? 2.045   -8.268  9.452   1.00 63.74  ? 149 PRO A O   1 
ATOM   645  C  CB  . PRO A 1 84  ? 0.449   -5.981  10.403  1.00 64.38  ? 149 PRO A CB  1 
ATOM   646  C  CG  . PRO A 1 84  ? -0.327  -6.192  11.651  1.00 64.33  ? 149 PRO A CG  1 
ATOM   647  C  CD  . PRO A 1 84  ? -1.677  -6.711  11.222  1.00 62.63  ? 149 PRO A CD  1 
ATOM   648  N  N   . LEU A 1 85  ? 0.272   -9.461  10.177  1.00 57.49  ? 150 LEU A N   1 
ATOM   649  C  CA  . LEU A 1 85  ? 1.001   -10.716 10.340  1.00 59.13  ? 150 LEU A CA  1 
ATOM   650  C  C   . LEU A 1 85  ? 0.624   -11.751 9.314   1.00 62.92  ? 150 LEU A C   1 
ATOM   651  O  O   . LEU A 1 85  ? 1.213   -12.827 9.295   1.00 68.39  ? 150 LEU A O   1 
ATOM   652  C  CB  . LEU A 1 85  ? 0.738   -11.312 11.721  1.00 57.97  ? 150 LEU A CB  1 
ATOM   653  C  CG  . LEU A 1 85  ? 1.094   -10.471 12.934  1.00 57.88  ? 150 LEU A CG  1 
ATOM   654  C  CD1 . LEU A 1 85  ? 1.145   -11.367 14.154  1.00 59.90  ? 150 LEU A CD1 1 
ATOM   655  C  CD2 . LEU A 1 85  ? 2.424   -9.755  12.763  1.00 59.29  ? 150 LEU A CD2 1 
ATOM   656  N  N   . ASP A 1 86  ? -0.397  -11.463 8.508   1.00 67.57  ? 151 ASP A N   1 
ATOM   657  C  CA  . ASP A 1 86  ? -0.636  -12.223 7.295   1.00 66.00  ? 151 ASP A CA  1 
ATOM   658  C  C   . ASP A 1 86  ? 0.523   -11.857 6.399   1.00 64.96  ? 151 ASP A C   1 
ATOM   659  O  O   . ASP A 1 86  ? 1.048   -10.750 6.464   1.00 63.29  ? 151 ASP A O   1 
ATOM   660  C  CB  . ASP A 1 86  ? -1.935  -11.812 6.597   1.00 64.68  ? 151 ASP A CB  1 
ATOM   661  C  CG  . ASP A 1 86  ? -3.200  -12.345 7.273   1.00 63.56  ? 151 ASP A CG  1 
ATOM   662  O  OD1 . ASP A 1 86  ? -3.173  -13.161 8.229   1.00 56.71  ? 151 ASP A OD1 1 
ATOM   663  O  OD2 . ASP A 1 86  ? -4.266  -11.921 6.793   1.00 67.79  ? 151 ASP A OD2 1 
ATOM   664  N  N   . ASP A 1 87  ? 0.932   -12.785 5.561   1.00 67.51  ? 152 ASP A N   1 
ATOM   665  C  CA  . ASP A 1 87  ? 2.011   -12.499 4.647   1.00 71.72  ? 152 ASP A CA  1 
ATOM   666  C  C   . ASP A 1 87  ? 1.921   -13.407 3.419   1.00 69.36  ? 152 ASP A C   1 
ATOM   667  O  O   . ASP A 1 87  ? 2.101   -14.608 3.536   1.00 69.03  ? 152 ASP A O   1 
ATOM   668  C  CB  . ASP A 1 87  ? 3.336   -12.656 5.393   1.00 76.10  ? 152 ASP A CB  1 
ATOM   669  C  CG  . ASP A 1 87  ? 4.517   -12.838 4.474   1.00 76.62  ? 152 ASP A CG  1 
ATOM   670  O  OD1 . ASP A 1 87  ? 4.355   -12.827 3.248   1.00 88.16  ? 152 ASP A OD1 1 
ATOM   671  O  OD2 . ASP A 1 87  ? 5.623   -13.002 4.995   1.00 71.74  ? 152 ASP A OD2 1 
ATOM   672  N  N   . PRO A 1 88  ? 1.665   -12.820 2.234   1.00 67.76  ? 153 PRO A N   1 
ATOM   673  C  CA  . PRO A 1 88  ? 1.629   -13.578 0.992   1.00 69.48  ? 153 PRO A CA  1 
ATOM   674  C  C   . PRO A 1 88  ? 2.990   -13.813 0.368   1.00 74.38  ? 153 PRO A C   1 
ATOM   675  O  O   . PRO A 1 88  ? 3.070   -14.516 -0.619  1.00 67.51  ? 153 PRO A O   1 
ATOM   676  C  CB  . PRO A 1 88  ? 0.843   -12.658 0.075   1.00 70.10  ? 153 PRO A CB  1 
ATOM   677  C  CG  . PRO A 1 88  ? 1.258   -11.291 0.508   1.00 67.04  ? 153 PRO A CG  1 
ATOM   678  C  CD  . PRO A 1 88  ? 1.538   -11.372 1.978   1.00 65.47  ? 153 PRO A CD  1 
ATOM   679  N  N   . SER A 1 89  ? 4.049   -13.206 0.910   1.00 86.07  ? 154 SER A N   1 
ATOM   680  C  CA  . SER A 1 89  ? 5.398   -13.441 0.409   1.00 81.89  ? 154 SER A CA  1 
ATOM   681  C  C   . SER A 1 89  ? 5.624   -14.929 0.171   1.00 78.95  ? 154 SER A C   1 
ATOM   682  O  O   . SER A 1 89  ? 6.496   -15.285 -0.592  1.00 81.67  ? 154 SER A O   1 
ATOM   683  C  CB  . SER A 1 89  ? 6.490   -12.825 1.324   1.00 83.52  ? 154 SER A CB  1 
ATOM   684  O  OG  . SER A 1 89  ? 7.483   -13.776 1.680   1.00 91.75  ? 154 SER A OG  1 
ATOM   685  N  N   . ASN A 1 90  ? 4.812   -15.797 0.769   1.00 78.94  ? 155 ASN A N   1 
ATOM   686  C  CA  . ASN A 1 90  ? 5.020   -17.232 0.647   1.00 83.19  ? 155 ASN A CA  1 
ATOM   687  C  C   . ASN A 1 90  ? 3.806   -18.051 0.197   1.00 75.38  ? 155 ASN A C   1 
ATOM   688  O  O   . ASN A 1 90  ? 3.366   -18.954 0.894   1.00 71.86  ? 155 ASN A O   1 
ATOM   689  C  CB  . ASN A 1 90  ? 5.502   -17.740 2.002   1.00 92.86  ? 155 ASN A CB  1 
ATOM   690  C  CG  . ASN A 1 90  ? 4.430   -17.632 3.067   1.00 91.60  ? 155 ASN A CG  1 
ATOM   691  O  OD1 . ASN A 1 90  ? 3.340   -17.122 2.823   1.00 97.95  ? 155 ASN A OD1 1 
ATOM   692  N  ND2 . ASN A 1 90  ? 4.731   -18.114 4.239   1.00 91.80  ? 155 ASN A ND2 1 
ATOM   693  N  N   . ILE A 1 91  ? 3.278   -17.721 -0.967  1.00 74.93  ? 156 ILE A N   1 
ATOM   694  C  CA  . ILE A 1 91  ? 2.296   -18.543 -1.656  1.00 76.43  ? 156 ILE A CA  1 
ATOM   695  C  C   . ILE A 1 91  ? 2.979   -19.029 -2.909  1.00 76.69  ? 156 ILE A C   1 
ATOM   696  O  O   . ILE A 1 91  ? 3.678   -18.265 -3.565  1.00 76.26  ? 156 ILE A O   1 
ATOM   697  C  CB  . ILE A 1 91  ? 1.049   -17.742 -2.060  1.00 78.46  ? 156 ILE A CB  1 
ATOM   698  C  CG1 . ILE A 1 91  ? 0.667   -16.776 -0.936  1.00 72.22  ? 156 ILE A CG1 1 
ATOM   699  C  CG2 . ILE A 1 91  ? -0.109  -18.689 -2.397  1.00 87.81  ? 156 ILE A CG2 1 
ATOM   700  C  CD1 . ILE A 1 91  ? -0.662  -16.095 -1.155  1.00 71.64  ? 156 ILE A CD1 1 
ATOM   701  N  N   . SER A 1 92  ? 2.774   -20.292 -3.246  1.00 81.95  ? 157 SER A N   1 
ATOM   702  C  CA  . SER A 1 92  ? 3.486   -20.904 -4.360  1.00 82.78  ? 157 SER A CA  1 
ATOM   703  C  C   . SER A 1 92  ? 2.760   -20.806 -5.701  1.00 80.04  ? 157 SER A C   1 
ATOM   704  O  O   . SER A 1 92  ? 3.357   -21.133 -6.714  1.00 92.93  ? 157 SER A O   1 
ATOM   705  C  CB  . SER A 1 92  ? 3.776   -22.359 -4.025  1.00 86.31  ? 157 SER A CB  1 
ATOM   706  O  OG  . SER A 1 92  ? 2.633   -22.950 -3.445  1.00 94.64  ? 157 SER A OG  1 
ATOM   707  N  N   . ASP A 1 93  ? 1.509   -20.344 -5.720  1.00 76.88  ? 158 ASP A N   1 
ATOM   708  C  CA  . ASP A 1 93  ? 0.729   -20.223 -6.958  1.00 76.92  ? 158 ASP A CA  1 
ATOM   709  C  C   . ASP A 1 93  ? 0.441   -18.751 -7.323  1.00 76.16  ? 158 ASP A C   1 
ATOM   710  O  O   . ASP A 1 93  ? -0.039  -17.965 -6.502  1.00 81.77  ? 158 ASP A O   1 
ATOM   711  C  CB  . ASP A 1 93  ? -0.578  -21.012 -6.825  1.00 78.07  ? 158 ASP A CB  1 
ATOM   712  C  CG  . ASP A 1 93  ? -1.393  -21.043 -8.114  1.00 84.39  ? 158 ASP A CG  1 
ATOM   713  O  OD1 . ASP A 1 93  ? -1.284  -20.145 -8.977  1.00 100.47 ? 158 ASP A OD1 1 
ATOM   714  O  OD2 . ASP A 1 93  ? -2.188  -21.979 -8.267  1.00 89.98  ? 158 ASP A OD2 1 
ATOM   715  N  N   . ASP A 1 94  ? 0.722   -18.414 -8.579  1.00 74.92  ? 159 ASP A N   1 
ATOM   716  C  CA  . ASP A 1 94  ? 0.448   -17.091 -9.152  1.00 74.63  ? 159 ASP A CA  1 
ATOM   717  C  C   . ASP A 1 94  ? -1.031  -16.689 -9.060  1.00 71.41  ? 159 ASP A C   1 
ATOM   718  O  O   . ASP A 1 94  ? -1.414  -15.610 -8.558  1.00 71.83  ? 159 ASP A O   1 
ATOM   719  C  CB  . ASP A 1 94  ? 0.897   -17.081 -10.627 1.00 78.58  ? 159 ASP A CB  1 
ATOM   720  C  CG  . ASP A 1 94  ? 2.351   -16.689 -10.786 1.00 82.48  ? 159 ASP A CG  1 
ATOM   721  O  OD1 . ASP A 1 94  ? 3.212   -17.534 -11.089 1.00 85.20  ? 159 ASP A OD1 1 
ATOM   722  O  OD2 . ASP A 1 94  ? 2.640   -15.499 -10.599 1.00 92.95  ? 159 ASP A OD2 1 
ATOM   723  N  N   . ASN A 1 95  ? -1.879  -17.563 -9.563  1.00 71.47  ? 160 ASN A N   1 
ATOM   724  C  CA  . ASN A 1 95  ? -3.306  -17.304 -9.466  1.00 72.51  ? 160 ASN A CA  1 
ATOM   725  C  C   . ASN A 1 95  ? -3.750  -17.107 -8.027  1.00 69.99  ? 160 ASN A C   1 
ATOM   726  O  O   . ASN A 1 95  ? -4.495  -16.175 -7.716  1.00 70.97  ? 160 ASN A O   1 
ATOM   727  C  CB  . ASN A 1 95  ? -4.094  -18.431 -10.101 1.00 72.22  ? 160 ASN A CB  1 
ATOM   728  C  CG  . ASN A 1 95  ? -4.011  -18.419 -11.605 1.00 71.46  ? 160 ASN A CG  1 
ATOM   729  O  OD1 . ASN A 1 95  ? -4.212  -19.441 -12.221 1.00 75.72  ? 160 ASN A OD1 1 
ATOM   730  N  ND2 . ASN A 1 95  ? -3.715  -17.262 -12.206 1.00 72.32  ? 160 ASN A ND2 1 
ATOM   731  N  N   . GLN A 1 96  ? -3.264  -17.967 -7.138  1.00 66.60  ? 161 GLN A N   1 
ATOM   732  C  CA  . GLN A 1 96  ? -3.672  -17.861 -5.756  1.00 71.52  ? 161 GLN A CA  1 
ATOM   733  C  C   . GLN A 1 96  ? -3.300  -16.517 -5.150  1.00 67.80  ? 161 GLN A C   1 
ATOM   734  O  O   . GLN A 1 96  ? -4.116  -15.920 -4.451  1.00 71.13  ? 161 GLN A O   1 
ATOM   735  C  CB  . GLN A 1 96  ? -3.133  -19.005 -4.900  1.00 79.62  ? 161 GLN A CB  1 
ATOM   736  C  CG  . GLN A 1 96  ? -3.861  -19.122 -3.559  1.00 86.83  ? 161 GLN A CG  1 
ATOM   737  C  CD  . GLN A 1 96  ? -5.403  -18.967 -3.665  1.00 89.20  ? 161 GLN A CD  1 
ATOM   738  O  OE1 . GLN A 1 96  ? -6.001  -18.182 -2.913  1.00 83.51  ? 161 GLN A OE1 1 
ATOM   739  N  NE2 . GLN A 1 96  ? -6.047  -19.705 -4.605  1.00 78.05  ? 161 GLN A NE2 1 
ATOM   740  N  N   . ILE A 1 97  ? -2.096  -16.029 -5.431  1.00 66.29  ? 162 ILE A N   1 
ATOM   741  C  CA  . ILE A 1 97  ? -1.708  -14.726 -4.912  1.00 65.57  ? 162 ILE A CA  1 
ATOM   742  C  C   . ILE A 1 97  ? -2.669  -13.637 -5.385  1.00 63.41  ? 162 ILE A C   1 
ATOM   743  O  O   . ILE A 1 97  ? -3.188  -12.894 -4.572  1.00 69.14  ? 162 ILE A O   1 
ATOM   744  C  CB  . ILE A 1 97  ? -0.242  -14.349 -5.208  1.00 66.57  ? 162 ILE A CB  1 
ATOM   745  C  CG1 . ILE A 1 97  ? 0.190   -13.186 -4.315  1.00 68.20  ? 162 ILE A CG1 1 
ATOM   746  C  CG2 . ILE A 1 97  ? -0.022  -13.956 -6.663  1.00 71.14  ? 162 ILE A CG2 1 
ATOM   747  C  CD1 . ILE A 1 97  ? 1.608   -13.313 -3.811  1.00 67.59  ? 162 ILE A CD1 1 
ATOM   748  N  N   . VAL A 1 98  ? -2.964  -13.588 -6.677  1.00 62.12  ? 163 VAL A N   1 
ATOM   749  C  CA  . VAL A 1 98  ? -3.856  -12.530 -7.179  1.00 64.84  ? 163 VAL A CA  1 
ATOM   750  C  C   . VAL A 1 98  ? -5.274  -12.687 -6.666  1.00 62.80  ? 163 VAL A C   1 
ATOM   751  O  O   . VAL A 1 98  ? -5.967  -11.702 -6.520  1.00 69.55  ? 163 VAL A O   1 
ATOM   752  C  CB  . VAL A 1 98  ? -3.934  -12.418 -8.714  1.00 64.56  ? 163 VAL A CB  1 
ATOM   753  C  CG1 . VAL A 1 98  ? -2.555  -12.187 -9.277  1.00 64.33  ? 163 VAL A CG1 1 
ATOM   754  C  CG2 . VAL A 1 98  ? -4.519  -13.665 -9.340  1.00 74.38  ? 163 VAL A CG2 1 
ATOM   755  N  N   . ARG A 1 99  ? -5.711  -13.915 -6.416  1.00 61.10  ? 164 ARG A N   1 
ATOM   756  C  CA  . ARG A 1 99  ? -7.061  -14.124 -5.905  1.00 65.20  ? 164 ARG A CA  1 
ATOM   757  C  C   . ARG A 1 99  ? -7.158  -13.555 -4.512  1.00 64.25  ? 164 ARG A C   1 
ATOM   758  O  O   . ARG A 1 99  ? -7.998  -12.710 -4.237  1.00 64.90  ? 164 ARG A O   1 
ATOM   759  C  CB  . ARG A 1 99  ? -7.397  -15.599 -5.849  1.00 68.36  ? 164 ARG A CB  1 
ATOM   760  C  CG  . ARG A 1 99  ? -7.625  -16.231 -7.201  1.00 70.58  ? 164 ARG A CG  1 
ATOM   761  C  CD  . ARG A 1 99  ? -8.172  -17.640 -7.015  1.00 74.37  ? 164 ARG A CD  1 
ATOM   762  N  NE  . ARG A 1 99  ? -7.205  -18.704 -7.300  1.00 73.52  ? 164 ARG A NE  1 
ATOM   763  C  CZ  . ARG A 1 99  ? -7.206  -19.446 -8.406  1.00 74.59  ? 164 ARG A CZ  1 
ATOM   764  N  NH1 . ARG A 1 99  ? -6.284  -20.388 -8.545  1.00 77.17  ? 164 ARG A NH1 1 
ATOM   765  N  NH2 . ARG A 1 99  ? -8.086  -19.242 -9.396  1.00 77.99  ? 164 ARG A NH2 1 
ATOM   766  N  N   . GLN A 1 100 ? -6.252  -14.017 -3.654  1.00 63.01  ? 165 GLN A N   1 
ATOM   767  C  CA  . GLN A 1 100 ? -6.161  -13.555 -2.284  1.00 62.16  ? 165 GLN A CA  1 
ATOM   768  C  C   . GLN A 1 100 ? -6.137  -12.040 -2.276  1.00 62.96  ? 165 GLN A C   1 
ATOM   769  O  O   . GLN A 1 100 ? -6.572  -11.429 -1.325  1.00 59.08  ? 165 GLN A O   1 
ATOM   770  C  CB  . GLN A 1 100 ? -4.926  -14.196 -1.575  1.00 66.39  ? 165 GLN A CB  1 
ATOM   771  C  CG  . GLN A 1 100 ? -4.269  -13.404 -0.443  1.00 66.32  ? 165 GLN A CG  1 
ATOM   772  C  CD  . GLN A 1 100 ? -3.467  -12.216 -0.948  1.00 67.82  ? 165 GLN A CD  1 
ATOM   773  O  OE1 . GLN A 1 100 ? -3.246  -12.050 -2.141  1.00 74.29  ? 165 GLN A OE1 1 
ATOM   774  N  NE2 . GLN A 1 100 ? -3.052  -11.368 -0.035  1.00 72.35  ? 165 GLN A NE2 1 
ATOM   775  N  N   . ALA A 1 101 ? -5.582  -11.449 -3.329  1.00 66.78  ? 166 ALA A N   1 
ATOM   776  C  CA  . ALA A 1 101 ? -5.468  -10.014 -3.427  1.00 64.30  ? 166 ALA A CA  1 
ATOM   777  C  C   . ALA A 1 101 ? -6.804  -9.401  -3.730  1.00 63.72  ? 166 ALA A C   1 
ATOM   778  O  O   . ALA A 1 101 ? -7.303  -8.664  -2.923  1.00 68.75  ? 166 ALA A O   1 
ATOM   779  C  CB  . ALA A 1 101 ? -4.463  -9.625  -4.491  1.00 68.98  ? 166 ALA A CB  1 
ATOM   780  N  N   . VAL A 1 102 ? -7.427  -9.761  -4.847  1.00 62.34  ? 167 VAL A N   1 
ATOM   781  C  CA  . VAL A 1 102 ? -8.690  -9.103  -5.220  1.00 61.92  ? 167 VAL A CA  1 
ATOM   782  C  C   . VAL A 1 102 ? -9.773  -9.347  -4.160  1.00 61.66  ? 167 VAL A C   1 
ATOM   783  O  O   . VAL A 1 102 ? -10.600 -8.486  -3.917  1.00 67.05  ? 167 VAL A O   1 
ATOM   784  C  CB  . VAL A 1 102 ? -9.213  -9.400  -6.662  1.00 62.80  ? 167 VAL A CB  1 
ATOM   785  C  CG1 . VAL A 1 102 ? -8.106  -9.850  -7.597  1.00 63.53  ? 167 VAL A CG1 1 
ATOM   786  C  CG2 . VAL A 1 102 ? -10.378 -10.375 -6.695  1.00 66.46  ? 167 VAL A CG2 1 
ATOM   787  N  N   . SER A 1 103 ? -9.746  -10.494 -3.501  1.00 63.47  ? 168 SER A N   1 
ATOM   788  C  CA  . SER A 1 103 ? -10.729 -10.789 -2.468  1.00 63.61  ? 168 SER A CA  1 
ATOM   789  C  C   . SER A 1 103 ? -10.671 -9.916  -1.237  1.00 63.23  ? 168 SER A C   1 
ATOM   790  O  O   . SER A 1 103 ? -11.675 -9.827  -0.559  1.00 66.68  ? 168 SER A O   1 
ATOM   791  C  CB  . SER A 1 103 ? -10.674 -12.248 -2.078  1.00 66.85  ? 168 SER A CB  1 
ATOM   792  O  OG  . SER A 1 103 ? -10.874 -13.021 -3.257  1.00 86.13  ? 168 SER A OG  1 
ATOM   793  N  N   . GLN A 1 104 ? -9.563  -9.230  -0.938  1.00 64.74  ? 169 GLN A N   1 
ATOM   794  C  CA  . GLN A 1 104 ? -9.613  -8.175  0.113   1.00 64.30  ? 169 GLN A CA  1 
ATOM   795  C  C   . GLN A 1 104 ? -10.674 -7.187  -0.223  1.00 65.11  ? 169 GLN A C   1 
ATOM   796  O  O   . GLN A 1 104 ? -11.136 -7.144  -1.340  1.00 74.31  ? 169 GLN A O   1 
ATOM   797  C  CB  . GLN A 1 104 ? -8.307  -7.414  0.331   1.00 64.71  ? 169 GLN A CB  1 
ATOM   798  C  CG  . GLN A 1 104 ? -7.704  -7.638  1.716   1.00 68.78  ? 169 GLN A CG  1 
ATOM   799  C  CD  . GLN A 1 104 ? -8.347  -6.819  2.823   1.00 71.62  ? 169 GLN A CD  1 
ATOM   800  O  OE1 . GLN A 1 104 ? -8.856  -5.711  2.606   1.00 75.00  ? 169 GLN A OE1 1 
ATOM   801  N  NE2 . GLN A 1 104 ? -8.286  -7.353  4.043   1.00 74.99  ? 169 GLN A NE2 1 
ATOM   802  N  N   . ALA A 1 105 ? -11.098 -6.420  0.760   1.00 66.35  ? 170 ALA A N   1 
ATOM   803  C  CA  . ALA A 1 105 ? -12.135 -5.461  0.525   1.00 64.85  ? 170 ALA A CA  1 
ATOM   804  C  C   . ALA A 1 105 ? -11.480 -4.137  0.164   1.00 67.20  ? 170 ALA A C   1 
ATOM   805  O  O   . ALA A 1 105 ? -10.389 -3.780  0.664   1.00 76.49  ? 170 ALA A O   1 
ATOM   806  C  CB  . ALA A 1 105 ? -13.022 -5.360  1.734   1.00 65.60  ? 170 ALA A CB  1 
ATOM   807  N  N   . GLY A 1 106 ? -12.114 -3.444  -0.771  1.00 70.66  ? 171 GLY A N   1 
ATOM   808  C  CA  . GLY A 1 106 ? -11.567 -2.212  -1.308  1.00 72.97  ? 171 GLY A CA  1 
ATOM   809  C  C   . GLY A 1 106 ? -10.477 -2.457  -2.314  1.00 71.49  ? 171 GLY A C   1 
ATOM   810  O  O   . GLY A 1 106 ? -10.014 -1.516  -2.943  1.00 74.27  ? 171 GLY A O   1 
ATOM   811  N  N   . SER A 1 107 ? -10.083 -3.712  -2.502  1.00 70.01  ? 172 SER A N   1 
ATOM   812  C  CA  . SER A 1 107 ? -9.113  -4.029  -3.524  1.00 68.88  ? 172 SER A CA  1 
ATOM   813  C  C   . SER A 1 107 ? -9.548  -3.367  -4.799  1.00 65.77  ? 172 SER A C   1 
ATOM   814  O  O   . SER A 1 107 ? -10.739 -3.140  -5.024  1.00 70.33  ? 172 SER A O   1 
ATOM   815  C  CB  . SER A 1 107 ? -9.077  -5.504  -3.839  1.00 68.93  ? 172 SER A CB  1 
ATOM   816  O  OG  . SER A 1 107 ? -10.030 -5.759  -4.861  1.00 75.91  ? 172 SER A OG  1 
ATOM   817  N  N   . ASN A 1 108 ? -8.585  -3.129  -5.661  1.00 62.28  ? 173 ASN A N   1 
ATOM   818  C  CA  . ASN A 1 108 ? -8.869  -2.528  -6.935  1.00 62.51  ? 173 ASN A CA  1 
ATOM   819  C  C   . ASN A 1 108 ? -7.837  -2.996  -7.949  1.00 60.11  ? 173 ASN A C   1 
ATOM   820  O  O   . ASN A 1 108 ? -6.695  -3.265  -7.586  1.00 61.05  ? 173 ASN A O   1 
ATOM   821  C  CB  . ASN A 1 108 ? -8.859  -1.012  -6.755  1.00 64.73  ? 173 ASN A CB  1 
ATOM   822  C  CG  . ASN A 1 108 ? -9.510  -0.280  -7.897  1.00 65.89  ? 173 ASN A CG  1 
ATOM   823  O  OD1 . ASN A 1 108 ? -9.966  -0.868  -8.860  1.00 66.33  ? 173 ASN A OD1 1 
ATOM   824  N  ND2 . ASN A 1 108 ? -9.544  1.023   -7.789  1.00 73.42  ? 173 ASN A ND2 1 
ATOM   825  N  N   . GLN A 1 109 ? -8.255  -3.114  -9.207  1.00 56.61  ? 174 GLN A N   1 
ATOM   826  C  CA  . GLN A 1 109 ? -7.416  -3.688  -10.260 1.00 58.97  ? 174 GLN A CA  1 
ATOM   827  C  C   . GLN A 1 109 ? -7.428  -2.797  -11.500 1.00 59.70  ? 174 GLN A C   1 
ATOM   828  O  O   . GLN A 1 109 ? -8.462  -2.336  -11.955 1.00 60.02  ? 174 GLN A O   1 
ATOM   829  C  CB  . GLN A 1 109 ? -7.821  -5.136  -10.606 1.00 60.96  ? 174 GLN A CB  1 
ATOM   830  C  CG  . GLN A 1 109 ? -9.281  -5.482  -10.358 1.00 62.77  ? 174 GLN A CG  1 
ATOM   831  C  CD  . GLN A 1 109 ? -9.591  -5.667  -8.890  1.00 63.91  ? 174 GLN A CD  1 
ATOM   832  O  OE1 . GLN A 1 109 ? -8.711  -5.972  -8.116  1.00 65.00  ? 174 GLN A OE1 1 
ATOM   833  N  NE2 . GLN A 1 109 ? -10.828 -5.438  -8.497  1.00 68.43  ? 174 GLN A NE2 1 
ATOM   834  N  N   . PHE A 1 110 ? -6.253  -2.560  -12.058 1.00 62.65  ? 175 PHE A N   1 
ATOM   835  C  CA  . PHE A 1 110 ? -6.116  -1.547  -13.075 1.00 62.97  ? 175 PHE A CA  1 
ATOM   836  C  C   . PHE A 1 110 ? -4.839  -1.659  -13.876 1.00 62.70  ? 175 PHE A C   1 
ATOM   837  O  O   . PHE A 1 110 ? -3.877  -2.306  -13.465 1.00 64.45  ? 175 PHE A O   1 
ATOM   838  C  CB  . PHE A 1 110 ? -6.158  -0.183  -12.408 1.00 63.40  ? 175 PHE A CB  1 
ATOM   839  C  CG  . PHE A 1 110 ? -5.144  -0.010  -11.321 1.00 60.87  ? 175 PHE A CG  1 
ATOM   840  C  CD1 . PHE A 1 110 ? -5.397  -0.465  -10.037 1.00 61.28  ? 175 PHE A CD1 1 
ATOM   841  C  CD2 . PHE A 1 110 ? -3.937  0.622   -11.577 1.00 62.17  ? 175 PHE A CD2 1 
ATOM   842  C  CE1 . PHE A 1 110 ? -4.457  -0.304  -9.029  1.00 61.97  ? 175 PHE A CE1 1 
ATOM   843  C  CE2 . PHE A 1 110 ? -2.992  0.794   -10.570 1.00 61.54  ? 175 PHE A CE2 1 
ATOM   844  C  CZ  . PHE A 1 110 ? -3.255  0.329   -9.293  1.00 61.67  ? 175 PHE A CZ  1 
ATOM   845  N  N   . ASN A 1 111 ? -4.855  -0.986  -15.016 1.00 62.72  ? 176 ASN A N   1 
ATOM   846  C  CA  . ASN A 1 111 ? -3.708  -0.899  -15.885 1.00 61.46  ? 176 ASN A CA  1 
ATOM   847  C  C   . ASN A 1 111 ? -2.833  0.238   -15.377 1.00 60.62  ? 176 ASN A C   1 
ATOM   848  O  O   . ASN A 1 111 ? -3.321  1.332   -15.088 1.00 62.08  ? 176 ASN A O   1 
ATOM   849  C  CB  . ASN A 1 111 ? -4.180  -0.648  -17.315 1.00 63.96  ? 176 ASN A CB  1 
ATOM   850  C  CG  . ASN A 1 111 ? -3.138  -0.985  -18.350 1.00 65.91  ? 176 ASN A CG  1 
ATOM   851  O  OD1 . ASN A 1 111 ? -1.974  -1.235  -18.039 1.00 70.26  ? 176 ASN A OD1 1 
ATOM   852  N  ND2 . ASN A 1 111 ? -3.556  -0.978  -19.603 1.00 69.01  ? 176 ASN A ND2 1 
ATOM   853  N  N   . PHE A 1 112 ? -1.534  -0.013  -15.290 1.00 61.86  ? 177 PHE A N   1 
ATOM   854  C  CA  . PHE A 1 112 ? -0.624  0.872   -14.556 1.00 61.15  ? 177 PHE A CA  1 
ATOM   855  C  C   . PHE A 1 112 ? -0.407  2.254   -15.163 1.00 58.77  ? 177 PHE A C   1 
ATOM   856  O  O   . PHE A 1 112 ? 0.347   3.035   -14.616 1.00 60.89  ? 177 PHE A O   1 
ATOM   857  C  CB  . PHE A 1 112 ? 0.719   0.158   -14.267 1.00 62.89  ? 177 PHE A CB  1 
ATOM   858  C  CG  . PHE A 1 112 ? 1.712   0.156   -15.416 1.00 63.77  ? 177 PHE A CG  1 
ATOM   859  C  CD1 . PHE A 1 112 ? 1.314   0.185   -16.760 1.00 64.08  ? 177 PHE A CD1 1 
ATOM   860  C  CD2 . PHE A 1 112 ? 3.072   0.079   -15.134 1.00 62.90  ? 177 PHE A CD2 1 
ATOM   861  C  CE1 . PHE A 1 112 ? 2.258   0.165   -17.777 1.00 64.13  ? 177 PHE A CE1 1 
ATOM   862  C  CE2 . PHE A 1 112 ? 4.011   0.064   -16.149 1.00 63.53  ? 177 PHE A CE2 1 
ATOM   863  C  CZ  . PHE A 1 112 ? 3.604   0.105   -17.472 1.00 64.16  ? 177 PHE A CZ  1 
ATOM   864  N  N   . ASN A 1 113 ? -1.065  2.555   -16.275 1.00 59.99  ? 178 ASN A N   1 
ATOM   865  C  CA  . ASN A 1 113 ? -0.988  3.877   -16.895 1.00 63.99  ? 178 ASN A CA  1 
ATOM   866  C  C   . ASN A 1 113 ? -2.203  4.748   -16.576 1.00 62.69  ? 178 ASN A C   1 
ATOM   867  O  O   . ASN A 1 113 ? -2.610  5.578   -17.386 1.00 60.21  ? 178 ASN A O   1 
ATOM   868  C  CB  . ASN A 1 113 ? -0.838  3.712   -18.409 1.00 68.98  ? 178 ASN A CB  1 
ATOM   869  C  CG  . ASN A 1 113 ? -2.043  3.063   -19.041 1.00 69.29  ? 178 ASN A CG  1 
ATOM   870  O  OD1 . ASN A 1 113 ? -2.632  2.142   -18.479 1.00 66.48  ? 178 ASN A OD1 1 
ATOM   871  N  ND2 . ASN A 1 113 ? -2.430  3.561   -20.195 1.00 74.42  ? 178 ASN A ND2 1 
ATOM   872  N  N   . THR A 1 114 ? -2.740  4.573   -15.372 1.00 66.48  ? 179 THR A N   1 
ATOM   873  C  CA  . THR A 1 114 ? -4.054  5.086   -14.983 1.00 67.30  ? 179 THR A CA  1 
ATOM   874  C  C   . THR A 1 114 ? -4.055  5.334   -13.505 1.00 67.57  ? 179 THR A C   1 
ATOM   875  O  O   . THR A 1 114 ? -3.535  4.512   -12.753 1.00 70.46  ? 179 THR A O   1 
ATOM   876  C  CB  . THR A 1 114 ? -5.131  4.027   -15.207 1.00 68.20  ? 179 THR A CB  1 
ATOM   877  O  OG1 . THR A 1 114 ? -4.984  3.512   -16.528 1.00 78.18  ? 179 THR A OG1 1 
ATOM   878  C  CG2 . THR A 1 114 ? -6.536  4.610   -15.009 1.00 69.81  ? 179 THR A CG2 1 
ATOM   879  N  N   . SER A 1 115 ? -4.655  6.435   -13.070 1.00 65.62  ? 180 SER A N   1 
ATOM   880  C  CA  . SER A 1 115 ? -4.762  6.676   -11.645 1.00 63.28  ? 180 SER A CA  1 
ATOM   881  C  C   . SER A 1 115 ? -5.901  5.846   -11.062 1.00 61.29  ? 180 SER A C   1 
ATOM   882  O  O   . SER A 1 115 ? -6.963  5.746   -11.669 1.00 61.98  ? 180 SER A O   1 
ATOM   883  C  CB  . SER A 1 115 ? -4.982  8.142   -11.360 1.00 64.02  ? 180 SER A CB  1 
ATOM   884  O  OG  . SER A 1 115 ? -4.885  8.346   -9.966  1.00 71.97  ? 180 SER A OG  1 
ATOM   885  N  N   . LYS A 1 116 ? -5.664  5.236   -9.906  1.00 61.09  ? 181 LYS A N   1 
ATOM   886  C  CA  . LYS A 1 116 ? -6.687  4.460   -9.197  1.00 64.78  ? 181 LYS A CA  1 
ATOM   887  C  C   . LYS A 1 116 ? -6.456  4.546   -7.701  1.00 64.91  ? 181 LYS A C   1 
ATOM   888  O  O   . LYS A 1 116 ? -5.365  4.935   -7.265  1.00 62.95  ? 181 LYS A O   1 
ATOM   889  C  CB  . LYS A 1 116 ? -6.683  3.006   -9.655  1.00 66.75  ? 181 LYS A CB  1 
ATOM   890  C  CG  . LYS A 1 116 ? -7.526  2.755   -10.895 1.00 74.69  ? 181 LYS A CG  1 
ATOM   891  C  CD  . LYS A 1 116 ? -9.014  2.558   -10.580 1.00 83.51  ? 181 LYS A CD  1 
ATOM   892  C  CE  . LYS A 1 116 ? -9.855  2.159   -11.798 1.00 82.92  ? 181 LYS A CE  1 
ATOM   893  N  NZ  . LYS A 1 116 ? -9.613  3.104   -12.932 1.00 86.96  ? 181 LYS A NZ  1 
ATOM   894  N  N   . THR A 1 117 ? -7.485  4.202   -6.918  1.00 64.02  ? 182 THR A N   1 
ATOM   895  C  CA  . THR A 1 117 ? -7.386  4.284   -5.457  1.00 62.21  ? 182 THR A CA  1 
ATOM   896  C  C   . THR A 1 117 ? -7.884  3.073   -4.725  1.00 61.07  ? 182 THR A C   1 
ATOM   897  O  O   . THR A 1 117 ? -8.714  2.329   -5.221  1.00 62.05  ? 182 THR A O   1 
ATOM   898  C  CB  . THR A 1 117 ? -8.179  5.463   -4.887  1.00 59.50  ? 182 THR A CB  1 
ATOM   899  O  OG1 . THR A 1 117 ? -9.551  5.312   -5.224  1.00 61.21  ? 182 THR A OG1 1 
ATOM   900  C  CG2 . THR A 1 117 ? -7.690  6.743   -5.445  1.00 60.30  ? 182 THR A CG2 1 
ATOM   901  N  N   . VAL A 1 118 ? -7.379  2.909   -3.511  1.00 62.61  ? 183 VAL A N   1 
ATOM   902  C  CA  . VAL A 1 118 ? -7.759  1.803   -2.662  1.00 62.45  ? 183 VAL A CA  1 
ATOM   903  C  C   . VAL A 1 118 ? -7.916  2.304   -1.235  1.00 60.95  ? 183 VAL A C   1 
ATOM   904  O  O   . VAL A 1 118 ? -6.955  2.802   -0.654  1.00 56.91  ? 183 VAL A O   1 
ATOM   905  C  CB  . VAL A 1 118 ? -6.715  0.672   -2.712  1.00 64.28  ? 183 VAL A CB  1 
ATOM   906  C  CG1 . VAL A 1 118 ? -6.928  -0.331  -1.580  1.00 67.22  ? 183 VAL A CG1 1 
ATOM   907  C  CG2 . VAL A 1 118 ? -6.779  -0.035  -4.061  1.00 65.31  ? 183 VAL A CG2 1 
ATOM   908  N  N   . PRO A 1 119 ? -9.121  2.146   -0.665  1.00 61.90  ? 184 PRO A N   1 
ATOM   909  C  CA  . PRO A 1 119 ? -9.360  2.492   0.719   1.00 59.86  ? 184 PRO A CA  1 
ATOM   910  C  C   . PRO A 1 119 ? -8.892  1.418   1.667   1.00 60.41  ? 184 PRO A C   1 
ATOM   911  O  O   . PRO A 1 119 ? -8.866  0.225   1.314   1.00 63.81  ? 184 PRO A O   1 
ATOM   912  C  CB  . PRO A 1 119 ? -10.873 2.564   0.783   1.00 60.33  ? 184 PRO A CB  1 
ATOM   913  C  CG  . PRO A 1 119 ? -11.316 1.532   -0.170  1.00 61.35  ? 184 PRO A CG  1 
ATOM   914  C  CD  . PRO A 1 119 ? -10.332 1.589   -1.295  1.00 62.76  ? 184 PRO A CD  1 
ATOM   915  N  N   . LEU A 1 120 ? -8.527  1.852   2.869   1.00 63.03  ? 185 LEU A N   1 
ATOM   916  C  CA  . LEU A 1 120 ? -8.291  0.942   3.981   1.00 64.57  ? 185 LEU A CA  1 
ATOM   917  C  C   . LEU A 1 120 ? -9.657  0.688   4.546   1.00 63.39  ? 185 LEU A C   1 
ATOM   918  O  O   . LEU A 1 120 ? -10.364 1.641   4.813   1.00 61.79  ? 185 LEU A O   1 
ATOM   919  C  CB  . LEU A 1 120 ? -7.404  1.593   5.041   1.00 63.26  ? 185 LEU A CB  1 
ATOM   920  C  CG  . LEU A 1 120 ? -7.149  0.763   6.299   1.00 65.09  ? 185 LEU A CG  1 
ATOM   921  C  CD1 . LEU A 1 120 ? -5.758  1.011   6.838   1.00 70.38  ? 185 LEU A CD1 1 
ATOM   922  C  CD2 . LEU A 1 120 ? -8.150  1.054   7.400   1.00 67.88  ? 185 LEU A CD2 1 
ATOM   923  N  N   . ILE A 1 121 ? -10.046 -0.570  4.728   1.00 65.20  ? 186 ILE A N   1 
ATOM   924  C  CA  . ILE A 1 121 ? -11.343 -0.850  5.360   1.00 63.95  ? 186 ILE A CA  1 
ATOM   925  C  C   . ILE A 1 121 ? -11.190 -0.690  6.869   1.00 64.22  ? 186 ILE A C   1 
ATOM   926  O  O   . ILE A 1 121 ? -10.305 -1.292  7.464   1.00 62.34  ? 186 ILE A O   1 
ATOM   927  C  CB  . ILE A 1 121 ? -11.882 -2.261  5.027   1.00 63.87  ? 186 ILE A CB  1 
ATOM   928  C  CG1 . ILE A 1 121 ? -12.687 -2.270  3.728   1.00 60.25  ? 186 ILE A CG1 1 
ATOM   929  C  CG2 . ILE A 1 121 ? -12.874 -2.734  6.084   1.00 65.90  ? 186 ILE A CG2 1 
ATOM   930  C  CD1 . ILE A 1 121 ? -12.095 -1.512  2.574   1.00 62.58  ? 186 ILE A CD1 1 
ATOM   931  N  N   . VAL A 1 122 ? -12.063 0.097   7.488   1.00 69.24  ? 187 VAL A N   1 
ATOM   932  C  CA  . VAL A 1 122 ? -12.012 0.262   8.952   1.00 72.93  ? 187 VAL A CA  1 
ATOM   933  C  C   . VAL A 1 122 ? -12.612 -0.909  9.712   1.00 70.86  ? 187 VAL A C   1 
ATOM   934  O  O   . VAL A 1 122 ? -13.567 -1.529  9.256   1.00 64.33  ? 187 VAL A O   1 
ATOM   935  C  CB  . VAL A 1 122 ? -12.721 1.537   9.434   1.00 74.22  ? 187 VAL A CB  1 
ATOM   936  C  CG1 . VAL A 1 122 ? -11.876 2.753   9.065   1.00 71.76  ? 187 VAL A CG1 1 
ATOM   937  C  CG2 . VAL A 1 122 ? -14.173 1.613   8.918   1.00 72.29  ? 187 VAL A CG2 1 
ATOM   938  N  N   . ARG A 1 123 ? -12.058 -1.160  10.895  1.00 72.83  ? 188 ARG A N   1 
ATOM   939  C  CA  . ARG A 1 123 ? -12.493 -2.261  11.759  1.00 74.96  ? 188 ARG A CA  1 
ATOM   940  C  C   . ARG A 1 123 ? -13.959 -2.102  12.223  1.00 72.31  ? 188 ARG A C   1 
ATOM   941  O  O   . ARG A 1 123 ? -14.484 -0.998  12.263  1.00 62.84  ? 188 ARG A O   1 
ATOM   942  C  CB  . ARG A 1 123 ? -11.510 -2.425  12.953  1.00 75.12  ? 188 ARG A CB  1 
ATOM   943  C  CG  . ARG A 1 123 ? -10.599 -3.633  12.791  1.00 78.80  ? 188 ARG A CG  1 
ATOM   944  C  CD  . ARG A 1 123 ? -9.219  -3.539  13.439  1.00 78.76  ? 188 ARG A CD  1 
ATOM   945  N  NE  . ARG A 1 123 ? -9.121  -3.808  14.873  1.00 73.67  ? 188 ARG A NE  1 
ATOM   946  C  CZ  . ARG A 1 123 ? -9.171  -5.004  15.463  1.00 81.03  ? 188 ARG A CZ  1 
ATOM   947  N  NH1 . ARG A 1 123 ? -9.501  -6.156  14.825  1.00 98.06  ? 188 ARG A NH1 1 
ATOM   948  N  NH2 . ARG A 1 123 ? -9.012  -5.042  16.778  1.00 83.44  ? 188 ARG A NH2 1 
ATOM   949  N  N   . ALA A 1 124 ? -14.613 -3.219  12.538  1.00 77.06  ? 189 ALA A N   1 
ATOM   950  C  CA  . ALA A 1 124 ? -15.981 -3.190  13.064  1.00 76.63  ? 189 ALA A CA  1 
ATOM   951  C  C   . ALA A 1 124 ? -15.990 -2.701  14.506  1.00 73.81  ? 189 ALA A C   1 
ATOM   952  O  O   . ALA A 1 124 ? -16.828 -1.902  14.875  1.00 71.42  ? 189 ALA A O   1 
ATOM   953  C  CB  . ALA A 1 124 ? -16.623 -4.567  12.969  1.00 84.71  ? 189 ALA A CB  1 
ATOM   954  N  N   . ASP A 1 125 ? -15.063 -3.207  15.320  1.00 77.14  ? 190 ASP A N   1 
ATOM   955  C  CA  . ASP A 1 125 ? -14.767 -2.613  16.632  1.00 73.96  ? 190 ASP A CA  1 
ATOM   956  C  C   . ASP A 1 125 ? -14.066 -1.288  16.440  1.00 72.68  ? 190 ASP A C   1 
ATOM   957  O  O   . ASP A 1 125 ? -13.737 -0.909  15.322  1.00 78.01  ? 190 ASP A O   1 
ATOM   958  C  CB  . ASP A 1 125 ? -13.959 -3.554  17.566  1.00 77.80  ? 190 ASP A CB  1 
ATOM   959  C  CG  . ASP A 1 125 ? -12.665 -4.117  16.949  1.00 78.51  ? 190 ASP A CG  1 
ATOM   960  O  OD1 . ASP A 1 125 ? -12.458 -4.000  15.727  1.00 76.82  ? 190 ASP A OD1 1 
ATOM   961  O  OD2 . ASP A 1 125 ? -11.880 -4.726  17.720  1.00 79.70  ? 190 ASP A OD2 1 
ATOM   962  N  N   . ASN A 1 126 ? -13.859 -0.571  17.525  1.00 72.39  ? 191 ASN A N   1 
ATOM   963  C  CA  . ASN A 1 126 ? -13.263 0.738   17.444  1.00 76.82  ? 191 ASN A CA  1 
ATOM   964  C  C   . ASN A 1 126 ? -11.842 0.664   17.982  1.00 77.90  ? 191 ASN A C   1 
ATOM   965  O  O   . ASN A 1 126 ? -11.529 1.222   19.033  1.00 93.30  ? 191 ASN A O   1 
ATOM   966  C  CB  . ASN A 1 126 ? -14.134 1.723   18.236  1.00 81.93  ? 191 ASN A CB  1 
ATOM   967  C  CG  . ASN A 1 126 ? -13.591 3.138   18.222  1.00 83.54  ? 191 ASN A CG  1 
ATOM   968  O  OD1 . ASN A 1 126 ? -13.568 3.822   19.247  1.00 81.81  ? 191 ASN A OD1 1 
ATOM   969  N  ND2 . ASN A 1 126 ? -13.141 3.577   17.070  1.00 85.77  ? 191 ASN A ND2 1 
ATOM   970  N  N   . GLN A 1 127 ? -10.971 -0.041  17.282  1.00 74.93  ? 192 GLN A N   1 
ATOM   971  C  CA  . GLN A 1 127 ? -9.627  -0.223  17.809  1.00 74.58  ? 192 GLN A CA  1 
ATOM   972  C  C   . GLN A 1 127 ? -8.710  0.901   17.430  1.00 71.22  ? 192 GLN A C   1 
ATOM   973  O  O   . GLN A 1 127 ? -8.614  1.241   16.254  1.00 70.64  ? 192 GLN A O   1 
ATOM   974  C  CB  . GLN A 1 127 ? -9.007  -1.527  17.342  1.00 78.30  ? 192 GLN A CB  1 
ATOM   975  C  CG  . GLN A 1 127 ? -7.706  -1.869  18.061  1.00 78.80  ? 192 GLN A CG  1 
ATOM   976  C  CD  . GLN A 1 127 ? -7.875  -2.547  19.409  1.00 78.85  ? 192 GLN A CD  1 
ATOM   977  O  OE1 . GLN A 1 127 ? -6.953  -3.201  19.873  1.00 87.12  ? 192 GLN A OE1 1 
ATOM   978  N  NE2 . GLN A 1 127 ? -9.046  -2.439  20.042  1.00 78.36  ? 192 GLN A NE2 1 
ATOM   979  N  N   . TYR A 1 128 ? -8.015  1.434   18.434  1.00 67.48  ? 193 TYR A N   1 
ATOM   980  C  CA  . TYR A 1 128 ? -6.901  2.351   18.220  1.00 67.00  ? 193 TYR A CA  1 
ATOM   981  C  C   . TYR A 1 128 ? -5.589  1.580   18.285  1.00 65.89  ? 193 TYR A C   1 
ATOM   982  O  O   . TYR A 1 128 ? -5.526  0.495   18.837  1.00 67.53  ? 193 TYR A O   1 
ATOM   983  C  CB  . TYR A 1 128 ? -6.911  3.489   19.243  1.00 66.97  ? 193 TYR A CB  1 
ATOM   984  C  CG  . TYR A 1 128 ? -7.899  4.589   18.919  1.00 64.82  ? 193 TYR A CG  1 
ATOM   985  C  CD1 . TYR A 1 128 ? -9.268  4.339   18.916  1.00 65.15  ? 193 TYR A CD1 1 
ATOM   986  C  CD2 . TYR A 1 128 ? -7.469  5.880   18.614  1.00 64.06  ? 193 TYR A CD2 1 
ATOM   987  C  CE1 . TYR A 1 128 ? -10.178 5.344   18.621  1.00 67.22  ? 193 TYR A CE1 1 
ATOM   988  C  CE2 . TYR A 1 128 ? -8.374  6.891   18.322  1.00 62.96  ? 193 TYR A CE2 1 
ATOM   989  C  CZ  . TYR A 1 128 ? -9.726  6.616   18.327  1.00 63.99  ? 193 TYR A CZ  1 
ATOM   990  O  OH  . TYR A 1 128 ? -10.642 7.590   18.036  1.00 62.97  ? 193 TYR A OH  1 
ATOM   991  N  N   . TYR A 1 129 ? -4.548  2.172   17.711  1.00 65.63  ? 194 TYR A N   1 
ATOM   992  C  CA  . TYR A 1 129 ? -3.262  1.523   17.502  1.00 61.94  ? 194 TYR A CA  1 
ATOM   993  C  C   . TYR A 1 129 ? -2.149  2.418   18.038  1.00 63.62  ? 194 TYR A C   1 
ATOM   994  O  O   . TYR A 1 129 ? -2.249  3.648   17.994  1.00 66.48  ? 194 TYR A O   1 
ATOM   995  C  CB  . TYR A 1 129 ? -3.051  1.289   16.011  1.00 60.56  ? 194 TYR A CB  1 
ATOM   996  C  CG  . TYR A 1 129 ? -3.840  0.135   15.419  1.00 61.75  ? 194 TYR A CG  1 
ATOM   997  C  CD1 . TYR A 1 129 ? -5.171  0.282   15.034  1.00 62.74  ? 194 TYR A CD1 1 
ATOM   998  C  CD2 . TYR A 1 129 ? -3.240  -1.103  15.207  1.00 64.24  ? 194 TYR A CD2 1 
ATOM   999  C  CE1 . TYR A 1 129 ? -5.885  -0.783  14.474  1.00 63.21  ? 194 TYR A CE1 1 
ATOM   1000 C  CE2 . TYR A 1 129 ? -3.944  -2.166  14.642  1.00 64.33  ? 194 TYR A CE2 1 
ATOM   1001 C  CZ  . TYR A 1 129 ? -5.262  -2.005  14.277  1.00 62.78  ? 194 TYR A CZ  1 
ATOM   1002 O  OH  . TYR A 1 129 ? -5.924  -3.069  13.719  1.00 66.14  ? 194 TYR A OH  1 
ATOM   1003 N  N   . TYR A 1 130 ? -1.078  1.792   18.513  1.00 63.59  ? 195 TYR A N   1 
ATOM   1004 C  CA  . TYR A 1 130 ? 0.032   2.524   19.110  1.00 63.53  ? 195 TYR A CA  1 
ATOM   1005 C  C   . TYR A 1 130 ? 0.872   3.230   18.038  1.00 63.99  ? 195 TYR A C   1 
ATOM   1006 O  O   . TYR A 1 130 ? 1.259   2.640   17.015  1.00 59.97  ? 195 TYR A O   1 
ATOM   1007 C  CB  . TYR A 1 130 ? 0.899   1.604   19.990  1.00 64.52  ? 195 TYR A CB  1 
ATOM   1008 C  CG  . TYR A 1 130 ? 0.234   1.229   21.296  1.00 61.03  ? 195 TYR A CG  1 
ATOM   1009 C  CD1 . TYR A 1 130 ? -0.679  0.198   21.353  1.00 61.61  ? 195 TYR A CD1 1 
ATOM   1010 C  CD2 . TYR A 1 130 ? 0.508   1.922   22.473  1.00 60.65  ? 195 TYR A CD2 1 
ATOM   1011 C  CE1 . TYR A 1 130 ? -1.307  -0.148  22.541  1.00 65.63  ? 195 TYR A CE1 1 
ATOM   1012 C  CE2 . TYR A 1 130 ? -0.110  1.580   23.675  1.00 59.47  ? 195 TYR A CE2 1 
ATOM   1013 C  CZ  . TYR A 1 130 ? -1.019  0.537   23.704  1.00 63.01  ? 195 TYR A CZ  1 
ATOM   1014 O  OH  . TYR A 1 130 ? -1.682  0.169   24.862  1.00 65.35  ? 195 TYR A OH  1 
ATOM   1015 N  N   . THR A 1 131 ? 1.140   4.507   18.284  1.00 66.65  ? 196 THR A N   1 
ATOM   1016 C  CA  . THR A 1 131 ? 2.020   5.281   17.434  1.00 65.83  ? 196 THR A CA  1 
ATOM   1017 C  C   . THR A 1 131 ? 3.440   4.917   17.729  1.00 67.19  ? 196 THR A C   1 
ATOM   1018 O  O   . THR A 1 131 ? 3.757   4.398   18.807  1.00 66.46  ? 196 THR A O   1 
ATOM   1019 C  CB  . THR A 1 131 ? 1.902   6.781   17.704  1.00 64.16  ? 196 THR A CB  1 
ATOM   1020 O  OG1 . THR A 1 131 ? 1.617   6.981   19.084  1.00 72.82  ? 196 THR A OG1 1 
ATOM   1021 C  CG2 . THR A 1 131 ? 0.791   7.361   16.882  1.00 64.41  ? 196 THR A CG2 1 
ATOM   1022 N  N   . GLY A 1 132 ? 4.284   5.224   16.755  1.00 68.26  ? 197 GLY A N   1 
ATOM   1023 C  CA  . GLY A 1 132 ? 5.720   5.126   16.900  1.00 68.95  ? 197 GLY A CA  1 
ATOM   1024 C  C   . GLY A 1 132 ? 6.225   3.810   16.389  1.00 63.71  ? 197 GLY A C   1 
ATOM   1025 O  O   . GLY A 1 132 ? 5.488   3.034   15.811  1.00 66.66  ? 197 GLY A O   1 
ATOM   1026 N  N   . VAL A 1 133 ? 7.502   3.567   16.619  1.00 64.90  ? 198 VAL A N   1 
ATOM   1027 C  CA  . VAL A 1 133 ? 8.146   2.372   16.131  1.00 66.83  ? 198 VAL A CA  1 
ATOM   1028 C  C   . VAL A 1 133 ? 7.504   1.093   16.706  1.00 63.71  ? 198 VAL A C   1 
ATOM   1029 O  O   . VAL A 1 133 ? 6.974   1.080   17.811  1.00 58.85  ? 198 VAL A O   1 
ATOM   1030 C  CB  . VAL A 1 133 ? 9.657   2.429   16.444  1.00 69.26  ? 198 VAL A CB  1 
ATOM   1031 C  CG1 . VAL A 1 133 ? 9.910   2.176   17.931  1.00 70.83  ? 198 VAL A CG1 1 
ATOM   1032 C  CG2 . VAL A 1 133 ? 10.430  1.456   15.557  1.00 75.87  ? 198 VAL A CG2 1 
ATOM   1033 N  N   . ASP A 1 134 ? 7.567   0.017   15.940  1.00 64.56  ? 199 ASP A N   1 
ATOM   1034 C  CA  . ASP A 1 134 ? 6.980   -1.261  16.366  1.00 64.95  ? 199 ASP A CA  1 
ATOM   1035 C  C   . ASP A 1 134 ? 7.735   -1.860  17.546  1.00 62.51  ? 199 ASP A C   1 
ATOM   1036 O  O   . ASP A 1 134 ? 8.950   -1.788  17.583  1.00 65.93  ? 199 ASP A O   1 
ATOM   1037 C  CB  . ASP A 1 134 ? 6.988   -2.250  15.203  1.00 68.34  ? 199 ASP A CB  1 
ATOM   1038 C  CG  . ASP A 1 134 ? 6.076   -1.821  14.060  1.00 74.99  ? 199 ASP A CG  1 
ATOM   1039 O  OD1 . ASP A 1 134 ? 4.876   -1.534  14.321  1.00 79.88  ? 199 ASP A OD1 1 
ATOM   1040 O  OD2 . ASP A 1 134 ? 6.556   -1.803  12.900  1.00 73.18  ? 199 ASP A OD2 1 
ATOM   1041 N  N   . LYS A 1 135 ? 7.022   -2.419  18.520  1.00 63.77  ? 200 LYS A N   1 
ATOM   1042 C  CA  . LYS A 1 135 ? 7.640   -3.117  19.669  1.00 65.27  ? 200 LYS A CA  1 
ATOM   1043 C  C   . LYS A 1 135 ? 7.466   -4.630  19.455  1.00 62.51  ? 200 LYS A C   1 
ATOM   1044 O  O   . LYS A 1 135 ? 7.930   -5.119  18.450  1.00 61.71  ? 200 LYS A O   1 
ATOM   1045 C  CB  . LYS A 1 135 ? 7.030   -2.667  20.989  1.00 70.31  ? 200 LYS A CB  1 
ATOM   1046 C  CG  . LYS A 1 135 ? 7.037   -1.185  21.257  1.00 74.37  ? 200 LYS A CG  1 
ATOM   1047 C  CD  . LYS A 1 135 ? 8.425   -0.584  21.300  1.00 80.94  ? 200 LYS A CD  1 
ATOM   1048 C  CE  . LYS A 1 135 ? 8.331   0.867   21.753  1.00 88.06  ? 200 LYS A CE  1 
ATOM   1049 N  NZ  . LYS A 1 135 ? 9.548   1.308   22.476  1.00 96.43  ? 200 LYS A NZ  1 
ATOM   1050 N  N   . GLN A 1 136 ? 6.765   -5.364  20.328  1.00 63.56  ? 201 GLN A N   1 
ATOM   1051 C  CA  . GLN A 1 136 ? 6.754   -6.837  20.258  1.00 61.99  ? 201 GLN A CA  1 
ATOM   1052 C  C   . GLN A 1 136 ? 5.894   -7.396  19.139  1.00 59.96  ? 201 GLN A C   1 
ATOM   1053 O  O   . GLN A 1 136 ? 6.269   -8.351  18.485  1.00 60.63  ? 201 GLN A O   1 
ATOM   1054 C  CB  . GLN A 1 136 ? 6.314   -7.456  21.594  1.00 60.15  ? 201 GLN A CB  1 
ATOM   1055 C  CG  . GLN A 1 136 ? 7.228   -7.071  22.752  1.00 63.11  ? 201 GLN A CG  1 
ATOM   1056 C  CD  . GLN A 1 136 ? 6.613   -7.333  24.106  1.00 63.30  ? 201 GLN A CD  1 
ATOM   1057 O  OE1 . GLN A 1 136 ? 6.710   -6.509  25.032  1.00 67.23  ? 201 GLN A OE1 1 
ATOM   1058 N  NE2 . GLN A 1 136 ? 5.961   -8.477  24.231  1.00 60.57  ? 201 GLN A NE2 1 
ATOM   1059 N  N   . ASN A 1 137 ? 4.736   -6.804  18.915  1.00 65.07  ? 202 ASN A N   1 
ATOM   1060 C  CA  . ASN A 1 137 ? 3.737   -7.400  18.016  1.00 65.04  ? 202 ASN A CA  1 
ATOM   1061 C  C   . ASN A 1 137 ? 3.178   -6.337  17.079  1.00 63.43  ? 202 ASN A C   1 
ATOM   1062 O  O   . ASN A 1 137 ? 2.855   -5.245  17.509  1.00 65.99  ? 202 ASN A O   1 
ATOM   1063 C  CB  . ASN A 1 137 ? 2.638   -8.017  18.878  1.00 66.86  ? 202 ASN A CB  1 
ATOM   1064 C  CG  . ASN A 1 137 ? 1.704   -8.905  18.101  1.00 66.38  ? 202 ASN A CG  1 
ATOM   1065 O  OD1 . ASN A 1 137 ? 1.252   -9.952  18.590  1.00 71.65  ? 202 ASN A OD1 1 
ATOM   1066 N  ND2 . ASN A 1 137 ? 1.366   -8.477  16.921  1.00 65.19  ? 202 ASN A ND2 1 
ATOM   1067 N  N   . LEU A 1 138 ? 3.098   -6.632  15.793  1.00 62.60  ? 203 LEU A N   1 
ATOM   1068 C  CA  . LEU A 1 138 ? 2.631   -5.622  14.838  1.00 60.85  ? 203 LEU A CA  1 
ATOM   1069 C  C   . LEU A 1 138 ? 1.151   -5.286  14.976  1.00 60.36  ? 203 LEU A C   1 
ATOM   1070 O  O   . LEU A 1 138 ? 0.753   -4.143  14.783  1.00 64.92  ? 203 LEU A O   1 
ATOM   1071 C  CB  . LEU A 1 138 ? 2.918   -6.049  13.397  1.00 61.56  ? 203 LEU A CB  1 
ATOM   1072 C  CG  . LEU A 1 138 ? 4.376   -6.028  12.942  1.00 58.04  ? 203 LEU A CG  1 
ATOM   1073 C  CD1 . LEU A 1 138 ? 4.438   -6.449  11.478  1.00 58.58  ? 203 LEU A CD1 1 
ATOM   1074 C  CD2 . LEU A 1 138 ? 4.967   -4.637  13.147  1.00 58.94  ? 203 LEU A CD2 1 
ATOM   1075 N  N   . ARG A 1 139 ? 0.337   -6.290  15.245  1.00 60.32  ? 204 ARG A N   1 
ATOM   1076 C  CA  . ARG A 1 139 ? -1.074  -6.099  15.595  1.00 62.23  ? 204 ARG A CA  1 
ATOM   1077 C  C   . ARG A 1 139 ? -1.430  -5.030  16.625  1.00 61.60  ? 204 ARG A C   1 
ATOM   1078 O  O   . ARG A 1 139 ? -2.587  -4.633  16.673  1.00 63.08  ? 204 ARG A O   1 
ATOM   1079 C  CB  . ARG A 1 139 ? -1.735  -7.428  15.983  1.00 63.10  ? 204 ARG A CB  1 
ATOM   1080 C  CG  . ARG A 1 139 ? -1.812  -8.389  14.813  1.00 63.78  ? 204 ARG A CG  1 
ATOM   1081 C  CD  . ARG A 1 139 ? -2.266  -9.764  15.230  1.00 65.34  ? 204 ARG A CD  1 
ATOM   1082 N  NE  . ARG A 1 139 ? -2.623  -10.582 14.072  1.00 62.89  ? 204 ARG A NE  1 
ATOM   1083 C  CZ  . ARG A 1 139 ? -2.922  -11.874 14.130  1.00 60.17  ? 204 ARG A CZ  1 
ATOM   1084 N  NH1 . ARG A 1 139 ? -2.880  -12.536 15.284  1.00 66.04  ? 204 ARG A NH1 1 
ATOM   1085 N  NH2 . ARG A 1 139 ? -3.250  -12.515 13.028  1.00 60.33  ? 204 ARG A NH2 1 
ATOM   1086 N  N   . PHE A 1 140 ? -0.477  -4.587  17.443  1.00 58.56  ? 205 PHE A N   1 
ATOM   1087 C  CA  . PHE A 1 140 ? -0.654  -3.380  18.258  1.00 60.21  ? 205 PHE A CA  1 
ATOM   1088 C  C   . PHE A 1 140 ? -0.301  -2.038  17.597  1.00 59.81  ? 205 PHE A C   1 
ATOM   1089 O  O   . PHE A 1 140 ? -0.678  -0.989  18.106  1.00 63.66  ? 205 PHE A O   1 
ATOM   1090 C  CB  . PHE A 1 140 ? 0.167   -3.523  19.539  1.00 64.08  ? 205 PHE A CB  1 
ATOM   1091 C  CG  . PHE A 1 140 ? -0.555  -4.226  20.626  1.00 65.37  ? 205 PHE A CG  1 
ATOM   1092 C  CD1 . PHE A 1 140 ? -1.738  -3.662  21.065  1.00 71.75  ? 205 PHE A CD1 1 
ATOM   1093 C  CD2 . PHE A 1 140 ? -0.093  -5.433  21.213  1.00 61.92  ? 205 PHE A CD2 1 
ATOM   1094 C  CE1 . PHE A 1 140 ? -2.462  -4.217  22.057  1.00 72.44  ? 205 PHE A CE1 1 
ATOM   1095 C  CE2 . PHE A 1 140 ? -0.799  -6.005  22.251  1.00 57.73  ? 205 PHE A CE2 1 
ATOM   1096 C  CZ  . PHE A 1 140 ? -2.016  -5.387  22.638  1.00 62.39  ? 205 PHE A CZ  1 
ATOM   1097 N  N   . SER A 1 141 ? 0.428   -2.064  16.494  1.00 60.82  ? 206 SER A N   1 
ATOM   1098 C  CA  . SER A 1 141 ? 0.961   -0.848  15.889  1.00 59.27  ? 206 SER A CA  1 
ATOM   1099 C  C   . SER A 1 141 ? 0.544   -0.609  14.432  1.00 61.32  ? 206 SER A C   1 
ATOM   1100 O  O   . SER A 1 141 ? 0.346   0.547   14.062  1.00 61.81  ? 206 SER A O   1 
ATOM   1101 C  CB  . SER A 1 141 ? 2.491   -0.819  16.043  1.00 60.97  ? 206 SER A CB  1 
ATOM   1102 O  OG  . SER A 1 141 ? 3.069   -2.111  16.251  1.00 60.15  ? 206 SER A OG  1 
ATOM   1103 N  N   . LEU A 1 142 ? 0.414   -1.665  13.618  1.00 63.03  ? 207 LEU A N   1 
ATOM   1104 C  CA  . LEU A 1 142 ? 0.044   -1.527  12.194  1.00 65.66  ? 207 LEU A CA  1 
ATOM   1105 C  C   . LEU A 1 142 ? -1.444  -1.731  11.943  1.00 64.80  ? 207 LEU A C   1 
ATOM   1106 O  O   . LEU A 1 142 ? -1.960  -2.860  12.019  1.00 66.60  ? 207 LEU A O   1 
ATOM   1107 C  CB  . LEU A 1 142 ? 0.829   -2.511  11.322  1.00 71.06  ? 207 LEU A CB  1 
ATOM   1108 C  CG  . LEU A 1 142 ? 2.138   -2.027  10.705  1.00 74.25  ? 207 LEU A CG  1 
ATOM   1109 C  CD1 . LEU A 1 142 ? 3.018   -1.322  11.730  1.00 81.73  ? 207 LEU A CD1 1 
ATOM   1110 C  CD2 . LEU A 1 142 ? 2.859   -3.234  10.114  1.00 73.94  ? 207 LEU A CD2 1 
ATOM   1111 N  N   . GLN A 1 143 ? -2.138  -0.645  11.617  1.00 63.69  ? 208 GLN A N   1 
ATOM   1112 C  CA  . GLN A 1 143 ? -3.551  -0.749  11.259  1.00 65.91  ? 208 GLN A CA  1 
ATOM   1113 C  C   . GLN A 1 143 ? -3.732  -1.475  9.933   1.00 65.15  ? 208 GLN A C   1 
ATOM   1114 O  O   . GLN A 1 143 ? -4.778  -2.082  9.697   1.00 70.25  ? 208 GLN A O   1 
ATOM   1115 C  CB  . GLN A 1 143 ? -4.231  0.619   11.229  1.00 64.54  ? 208 GLN A CB  1 
ATOM   1116 C  CG  . GLN A 1 143 ? -5.752  0.528   11.237  1.00 63.81  ? 208 GLN A CG  1 
ATOM   1117 C  CD  . GLN A 1 143 ? -6.429  1.874   11.421  1.00 62.89  ? 208 GLN A CD  1 
ATOM   1118 O  OE1 . GLN A 1 143 ? -5.910  2.772   12.082  1.00 63.48  ? 208 GLN A OE1 1 
ATOM   1119 N  NE2 . GLN A 1 143 ? -7.592  2.024   10.827  1.00 65.93  ? 208 GLN A NE2 1 
ATOM   1120 N  N   . GLY A 1 144 ? -2.713  -1.412  9.080   1.00 63.00  ? 209 GLY A N   1 
ATOM   1121 C  CA  . GLY A 1 144 ? -2.705  -2.185  7.851   1.00 64.10  ? 209 GLY A CA  1 
ATOM   1122 C  C   . GLY A 1 144 ? -1.393  -2.138  7.087   1.00 62.88  ? 209 GLY A C   1 
ATOM   1123 O  O   . GLY A 1 144 ? -0.462  -1.419  7.458   1.00 62.23  ? 209 GLY A O   1 
ATOM   1124 N  N   . ILE A 1 145 ? -1.328  -2.944  6.029   1.00 60.28  ? 210 ILE A N   1 
ATOM   1125 C  CA  . ILE A 1 145 ? -0.200  -2.965  5.112   1.00 59.23  ? 210 ILE A CA  1 
ATOM   1126 C  C   . ILE A 1 145 ? -0.755  -2.938  3.694   1.00 58.96  ? 210 ILE A C   1 
ATOM   1127 O  O   . ILE A 1 145 ? -1.632  -3.725  3.348   1.00 58.76  ? 210 ILE A O   1 
ATOM   1128 C  CB  . ILE A 1 145 ? 0.679   -4.221  5.294   1.00 61.62  ? 210 ILE A CB  1 
ATOM   1129 C  CG1 . ILE A 1 145 ? 1.276   -4.256  6.705   1.00 62.06  ? 210 ILE A CG1 1 
ATOM   1130 C  CG2 . ILE A 1 145 ? 1.799   -4.249  4.255   1.00 62.74  ? 210 ILE A CG2 1 
ATOM   1131 C  CD1 . ILE A 1 145 ? 2.021   -5.533  7.039   1.00 61.39  ? 210 ILE A CD1 1 
ATOM   1132 N  N   . LEU A 1 146 ? -0.209  -2.035  2.886   1.00 58.45  ? 211 LEU A N   1 
ATOM   1133 C  CA  . LEU A 1 146 ? -0.610  -1.820  1.494   1.00 57.31  ? 211 LEU A CA  1 
ATOM   1134 C  C   . LEU A 1 146 ? 0.267   -2.640  0.549   1.00 57.17  ? 211 LEU A C   1 
ATOM   1135 O  O   . LEU A 1 146 ? 1.477   -2.647  0.689   1.00 56.84  ? 211 LEU A O   1 
ATOM   1136 C  CB  . LEU A 1 146 ? -0.481  -0.331  1.170   1.00 58.06  ? 211 LEU A CB  1 
ATOM   1137 C  CG  . LEU A 1 146 ? -0.424  0.141   -0.278  1.00 59.70  ? 211 LEU A CG  1 
ATOM   1138 C  CD1 . LEU A 1 146 ? -1.709  -0.213  -1.016  1.00 62.82  ? 211 LEU A CD1 1 
ATOM   1139 C  CD2 . LEU A 1 146 ? -0.159  1.639   -0.296  1.00 60.15  ? 211 LEU A CD2 1 
ATOM   1140 N  N   . TYR A 1 147 ? -0.349  -3.316  -0.414  1.00 60.14  ? 212 TYR A N   1 
ATOM   1141 C  CA  . TYR A 1 147 ? 0.363   -4.155  -1.379  1.00 60.19  ? 212 TYR A CA  1 
ATOM   1142 C  C   . TYR A 1 147 ? 0.003   -3.767  -2.795  1.00 60.51  ? 212 TYR A C   1 
ATOM   1143 O  O   . TYR A 1 147 ? -1.155  -3.472  -3.067  1.00 63.10  ? 212 TYR A O   1 
ATOM   1144 C  CB  . TYR A 1 147 ? -0.044  -5.609  -1.199  1.00 59.42  ? 212 TYR A CB  1 
ATOM   1145 C  CG  . TYR A 1 147 ? 0.420   -6.225  0.080   1.00 62.04  ? 212 TYR A CG  1 
ATOM   1146 C  CD1 . TYR A 1 147 ? 1.658   -6.851  0.169   1.00 63.26  ? 212 TYR A CD1 1 
ATOM   1147 C  CD2 . TYR A 1 147 ? -0.379  -6.190  1.209   1.00 65.17  ? 212 TYR A CD2 1 
ATOM   1148 C  CE1 . TYR A 1 147 ? 2.083   -7.426  1.357   1.00 64.12  ? 212 TYR A CE1 1 
ATOM   1149 C  CE2 . TYR A 1 147 ? 0.034   -6.768  2.398   1.00 67.86  ? 212 TYR A CE2 1 
ATOM   1150 C  CZ  . TYR A 1 147 ? 1.260   -7.385  2.469   1.00 65.18  ? 212 TYR A CZ  1 
ATOM   1151 O  OH  . TYR A 1 147 ? 1.633   -7.930  3.665   1.00 62.48  ? 212 TYR A OH  1 
ATOM   1152 N  N   . ILE A 1 148 ? 0.978   -3.778  -3.700  1.00 61.02  ? 213 ILE A N   1 
ATOM   1153 C  CA  . ILE A 1 148 ? 0.668   -3.866  -5.129  1.00 59.86  ? 213 ILE A CA  1 
ATOM   1154 C  C   . ILE A 1 148 ? 1.202   -5.189  -5.645  1.00 59.72  ? 213 ILE A C   1 
ATOM   1155 O  O   . ILE A 1 148 ? 2.384   -5.483  -5.483  1.00 60.91  ? 213 ILE A O   1 
ATOM   1156 C  CB  . ILE A 1 148 ? 1.268   -2.718  -5.938  1.00 60.48  ? 213 ILE A CB  1 
ATOM   1157 C  CG1 . ILE A 1 148 ? 0.656   -1.388  -5.484  1.00 61.66  ? 213 ILE A CG1 1 
ATOM   1158 C  CG2 . ILE A 1 148 ? 1.030   -2.956  -7.428  1.00 61.46  ? 213 ILE A CG2 1 
ATOM   1159 C  CD1 . ILE A 1 148 ? 1.214   -0.166  -6.183  1.00 63.49  ? 213 ILE A CD1 1 
ATOM   1160 N  N   . ILE A 1 149 ? 0.317   -5.988  -6.236  1.00 60.30  ? 214 ILE A N   1 
ATOM   1161 C  CA  . ILE A 1 149 ? 0.687   -7.239  -6.872  1.00 61.22  ? 214 ILE A CA  1 
ATOM   1162 C  C   . ILE A 1 149 ? 0.587   -7.018  -8.375  1.00 62.53  ? 214 ILE A C   1 
ATOM   1163 O  O   . ILE A 1 149 ? -0.450  -6.570  -8.865  1.00 61.91  ? 214 ILE A O   1 
ATOM   1164 C  CB  . ILE A 1 149 ? -0.243  -8.401  -6.472  1.00 62.69  ? 214 ILE A CB  1 
ATOM   1165 C  CG1 . ILE A 1 149 ? 0.185   -9.053  -5.165  1.00 65.41  ? 214 ILE A CG1 1 
ATOM   1166 C  CG2 . ILE A 1 149 ? -0.177  -9.516  -7.511  1.00 67.70  ? 214 ILE A CG2 1 
ATOM   1167 C  CD1 . ILE A 1 149 ? 0.392   -8.105  -4.026  1.00 69.96  ? 214 ILE A CD1 1 
ATOM   1168 N  N   . GLN A 1 150 ? 1.646   -7.356  -9.103  1.00 63.72  ? 215 GLN A N   1 
ATOM   1169 C  CA  . GLN A 1 150 ? 1.627   -7.307  -10.568 1.00 63.52  ? 215 GLN A CA  1 
ATOM   1170 C  C   . GLN A 1 150 ? 0.989   -8.581  -11.107 1.00 60.03  ? 215 GLN A C   1 
ATOM   1171 O  O   . GLN A 1 150 ? 1.470   -9.651  -10.807 1.00 60.31  ? 215 GLN A O   1 
ATOM   1172 C  CB  . GLN A 1 150 ? 3.052   -7.177  -11.098 1.00 63.23  ? 215 GLN A CB  1 
ATOM   1173 C  CG  . GLN A 1 150 ? 3.137   -7.093  -12.616 1.00 64.11  ? 215 GLN A CG  1 
ATOM   1174 C  CD  . GLN A 1 150 ? 4.500   -6.668  -13.128 1.00 64.75  ? 215 GLN A CD  1 
ATOM   1175 O  OE1 . GLN A 1 150 ? 4.847   -6.933  -14.273 1.00 69.65  ? 215 GLN A OE1 1 
ATOM   1176 N  NE2 . GLN A 1 150 ? 5.273   -6.004  -12.291 1.00 63.03  ? 215 GLN A NE2 1 
ATOM   1177 N  N   . VAL A 1 151 ? -0.061  -8.479  -11.916 1.00 59.48  ? 216 VAL A N   1 
ATOM   1178 C  CA  . VAL A 1 151 ? -0.804  -9.688  -12.348 1.00 61.94  ? 216 VAL A CA  1 
ATOM   1179 C  C   . VAL A 1 151 ? -0.471  -10.131 -13.774 1.00 62.84  ? 216 VAL A C   1 
ATOM   1180 O  O   . VAL A 1 151 ? -0.820  -11.237 -14.158 1.00 66.53  ? 216 VAL A O   1 
ATOM   1181 C  CB  . VAL A 1 151 ? -2.358  -9.569  -12.144 1.00 61.47  ? 216 VAL A CB  1 
ATOM   1182 C  CG1 . VAL A 1 151 ? -2.722  -8.474  -11.142 1.00 64.34  ? 216 VAL A CG1 1 
ATOM   1183 C  CG2 . VAL A 1 151 ? -3.125  -9.327  -13.429 1.00 59.15  ? 216 VAL A CG2 1 
ATOM   1184 N  N   . THR A 1 152 ? 0.238   -9.286  -14.523 1.00 67.29  ? 217 THR A N   1 
ATOM   1185 C  CA  . THR A 1 152 ? 0.364   -9.377  -15.981 1.00 67.14  ? 217 THR A CA  1 
ATOM   1186 C  C   . THR A 1 152 ? 1.775   -8.991  -16.413 1.00 71.76  ? 217 THR A C   1 
ATOM   1187 O  O   . THR A 1 152 ? 2.445   -8.204  -15.738 1.00 72.13  ? 217 THR A O   1 
ATOM   1188 C  CB  . THR A 1 152 ? -0.657  -8.397  -16.615 1.00 66.41  ? 217 THR A CB  1 
ATOM   1189 O  OG1 . THR A 1 152 ? -1.929  -9.025  -16.649 1.00 60.97  ? 217 THR A OG1 1 
ATOM   1190 C  CG2 . THR A 1 152 ? -0.281  -7.867  -18.064 1.00 67.30  ? 217 THR A CG2 1 
ATOM   1191 N  N   . ASP A 1 153 ? 2.193   -9.513  -17.564 1.00 74.09  ? 218 ASP A N   1 
ATOM   1192 C  CA  . ASP A 1 153 ? 3.436   -9.085  -18.229 1.00 72.01  ? 218 ASP A CA  1 
ATOM   1193 C  C   . ASP A 1 153 ? 3.505   -7.579  -18.527 1.00 67.07  ? 218 ASP A C   1 
ATOM   1194 O  O   . ASP A 1 153 ? 2.571   -7.000  -19.096 1.00 71.38  ? 218 ASP A O   1 
ATOM   1195 C  CB  . ASP A 1 153 ? 3.594   -9.823  -19.568 1.00 74.48  ? 218 ASP A CB  1 
ATOM   1196 C  CG  . ASP A 1 153 ? 3.842   -11.306 -19.399 1.00 75.04  ? 218 ASP A CG  1 
ATOM   1197 O  OD1 . ASP A 1 153 ? 4.409   -11.716 -18.353 1.00 76.48  ? 218 ASP A OD1 1 
ATOM   1198 O  OD2 . ASP A 1 153 ? 3.475   -12.053 -20.328 1.00 71.30  ? 218 ASP A OD2 1 
ATOM   1199 N  N   . LEU A 1 154 ? 4.619   -6.961  -18.149 1.00 65.00  ? 219 LEU A N   1 
ATOM   1200 C  CA  . LEU A 1 154 ? 4.965   -5.613  -18.610 1.00 63.87  ? 219 LEU A CA  1 
ATOM   1201 C  C   . LEU A 1 154 ? 5.244   -5.665  -20.120 1.00 63.39  ? 219 LEU A C   1 
ATOM   1202 O  O   . LEU A 1 154 ? 6.196   -6.291  -20.561 1.00 67.23  ? 219 LEU A O   1 
ATOM   1203 C  CB  . LEU A 1 154 ? 6.180   -5.097  -17.841 1.00 62.70  ? 219 LEU A CB  1 
ATOM   1204 C  CG  . LEU A 1 154 ? 6.720   -3.714  -18.174 1.00 65.77  ? 219 LEU A CG  1 
ATOM   1205 C  CD1 . LEU A 1 154 ? 5.646   -2.643  -18.168 1.00 68.90  ? 219 LEU A CD1 1 
ATOM   1206 C  CD2 . LEU A 1 154 ? 7.823   -3.360  -17.189 1.00 68.55  ? 219 LEU A CD2 1 
ATOM   1207 N  N   . ILE A 1 155 ? 4.397   -5.008  -20.899 1.00 63.13  ? 220 ILE A N   1 
ATOM   1208 C  CA  . ILE A 1 155 ? 4.308   -5.224  -22.333 1.00 63.41  ? 220 ILE A CA  1 
ATOM   1209 C  C   . ILE A 1 155 ? 4.519   -3.866  -23.048 1.00 63.14  ? 220 ILE A C   1 
ATOM   1210 O  O   . ILE A 1 155 ? 4.322   -2.802  -22.459 1.00 59.41  ? 220 ILE A O   1 
ATOM   1211 C  CB  . ILE A 1 155 ? 2.968   -5.988  -22.643 1.00 68.77  ? 220 ILE A CB  1 
ATOM   1212 C  CG1 . ILE A 1 155 ? 3.192   -7.064  -23.693 1.00 90.49  ? 220 ILE A CG1 1 
ATOM   1213 C  CG2 . ILE A 1 155 ? 1.804   -5.110  -23.079 1.00 63.46  ? 220 ILE A CG2 1 
ATOM   1214 C  CD1 . ILE A 1 155 ? 3.793   -8.354  -23.148 1.00 102.13 ? 220 ILE A CD1 1 
ATOM   1215 N  N   . ASN A 1 156 ? 4.971   -3.902  -24.296 1.00 65.67  ? 221 ASN A N   1 
ATOM   1216 C  CA  . ASN A 1 156 ? 5.303   -2.673  -25.051 1.00 68.36  ? 221 ASN A CA  1 
ATOM   1217 C  C   . ASN A 1 156 ? 4.210   -2.292  -26.044 1.00 68.88  ? 221 ASN A C   1 
ATOM   1218 O  O   . ASN A 1 156 ? 3.195   -2.983  -26.146 1.00 63.69  ? 221 ASN A O   1 
ATOM   1219 C  CB  . ASN A 1 156 ? 6.653   -2.829  -25.776 1.00 70.51  ? 221 ASN A CB  1 
ATOM   1220 C  CG  . ASN A 1 156 ? 6.563   -3.656  -27.059 1.00 71.30  ? 221 ASN A CG  1 
ATOM   1221 O  OD1 . ASN A 1 156 ? 5.583   -4.360  -27.332 1.00 80.85  ? 221 ASN A OD1 1 
ATOM   1222 N  ND2 . ASN A 1 156 ? 7.589   -3.556  -27.859 1.00 72.47  ? 221 ASN A ND2 1 
ATOM   1223 N  N   . PHE A 1 157 ? 4.451   -1.232  -26.814 1.00 69.52  ? 222 PHE A N   1 
ATOM   1224 C  CA  . PHE A 1 157 ? 3.456   -0.725  -27.777 1.00 68.95  ? 222 PHE A CA  1 
ATOM   1225 C  C   . PHE A 1 157 ? 2.929   -1.750  -28.776 1.00 66.99  ? 222 PHE A C   1 
ATOM   1226 O  O   . PHE A 1 157 ? 1.868   -1.554  -29.387 1.00 68.82  ? 222 PHE A O   1 
ATOM   1227 C  CB  . PHE A 1 157 ? 4.021   0.479   -28.536 1.00 71.53  ? 222 PHE A CB  1 
ATOM   1228 C  CG  . PHE A 1 157 ? 4.944   0.109   -29.657 1.00 73.13  ? 222 PHE A CG  1 
ATOM   1229 C  CD1 . PHE A 1 157 ? 6.269   -0.251  -29.409 1.00 73.53  ? 222 PHE A CD1 1 
ATOM   1230 C  CD2 . PHE A 1 157 ? 4.483   0.115   -30.974 1.00 73.91  ? 222 PHE A CD2 1 
ATOM   1231 C  CE1 . PHE A 1 157 ? 7.109   -0.602  -30.449 1.00 67.58  ? 222 PHE A CE1 1 
ATOM   1232 C  CE2 . PHE A 1 157 ? 5.324   -0.225  -32.019 1.00 69.38  ? 222 PHE A CE2 1 
ATOM   1233 C  CZ  . PHE A 1 157 ? 6.634   -0.598  -31.750 1.00 67.05  ? 222 PHE A CZ  1 
ATOM   1234 N  N   . ASN A 1 158 ? 3.687   -2.820  -28.969 1.00 69.47  ? 223 ASN A N   1 
ATOM   1235 C  CA  . ASN A 1 158 ? 3.331   -3.843  -29.935 1.00 75.03  ? 223 ASN A CA  1 
ATOM   1236 C  C   . ASN A 1 158 ? 2.980   -5.200  -29.336 1.00 64.94  ? 223 ASN A C   1 
ATOM   1237 O  O   . ASN A 1 158 ? 2.861   -6.180  -30.065 1.00 62.27  ? 223 ASN A O   1 
ATOM   1238 C  CB  . ASN A 1 158 ? 4.467   -3.975  -30.964 1.00 79.21  ? 223 ASN A CB  1 
ATOM   1239 C  CG  . ASN A 1 158 ? 3.943   -4.253  -32.348 1.00 87.24  ? 223 ASN A CG  1 
ATOM   1240 O  OD1 . ASN A 1 158 ? 4.234   -5.289  -32.925 1.00 87.08  ? 223 ASN A OD1 1 
ATOM   1241 N  ND2 . ASN A 1 158 ? 3.112   -3.343  -32.869 1.00 98.03  ? 223 ASN A ND2 1 
ATOM   1242 N  N   . GLY A 1 159 ? 2.785   -5.249  -28.022 1.00 60.45  ? 224 GLY A N   1 
ATOM   1243 C  CA  . GLY A 1 159 ? 2.433   -6.488  -27.336 1.00 61.30  ? 224 GLY A CA  1 
ATOM   1244 C  C   . GLY A 1 159 ? 3.595   -7.407  -26.991 1.00 61.48  ? 224 GLY A C   1 
ATOM   1245 O  O   . GLY A 1 159 ? 3.372   -8.546  -26.548 1.00 58.95  ? 224 GLY A O   1 
ATOM   1246 N  N   . GLU A 1 160 ? 4.822   -6.910  -27.142 1.00 63.87  ? 225 GLU A N   1 
ATOM   1247 C  CA  . GLU A 1 160 ? 6.041   -7.675  -26.857 1.00 67.63  ? 225 GLU A CA  1 
ATOM   1248 C  C   . GLU A 1 160 ? 6.582   -7.335  -25.476 1.00 61.97  ? 225 GLU A C   1 
ATOM   1249 O  O   . GLU A 1 160 ? 6.377   -6.233  -24.983 1.00 63.27  ? 225 GLU A O   1 
ATOM   1250 C  CB  . GLU A 1 160 ? 7.106   -7.378  -27.915 1.00 76.62  ? 225 GLU A CB  1 
ATOM   1251 C  CG  . GLU A 1 160 ? 6.822   -7.987  -29.294 1.00 83.36  ? 225 GLU A CG  1 
ATOM   1252 C  CD  . GLU A 1 160 ? 7.293   -7.107  -30.461 1.00 89.56  ? 225 GLU A CD  1 
ATOM   1253 O  OE1 . GLU A 1 160 ? 6.722   -7.239  -31.565 1.00 94.43  ? 225 GLU A OE1 1 
ATOM   1254 O  OE2 . GLU A 1 160 ? 8.211   -6.268  -30.283 1.00 85.86  ? 225 GLU A OE2 1 
ATOM   1255 N  N   . LEU A 1 161 ? 7.298   -8.278  -24.870 1.00 60.77  ? 226 LEU A N   1 
ATOM   1256 C  CA  . LEU A 1 161 ? 7.810   -8.104  -23.501 1.00 60.67  ? 226 LEU A CA  1 
ATOM   1257 C  C   . LEU A 1 161 ? 8.848   -6.988  -23.383 1.00 62.13  ? 226 LEU A C   1 
ATOM   1258 O  O   . LEU A 1 161 ? 9.825   -6.974  -24.110 1.00 61.95  ? 226 LEU A O   1 
ATOM   1259 C  CB  . LEU A 1 161 ? 8.429   -9.397  -22.991 1.00 59.54  ? 226 LEU A CB  1 
ATOM   1260 C  CG  . LEU A 1 161 ? 7.480   -10.587 -22.884 1.00 63.78  ? 226 LEU A CG  1 
ATOM   1261 C  CD1 . LEU A 1 161 ? 8.243   -11.891 -22.839 1.00 67.50  ? 226 LEU A CD1 1 
ATOM   1262 C  CD2 . LEU A 1 161 ? 6.618   -10.468 -21.646 1.00 67.41  ? 226 LEU A CD2 1 
ATOM   1263 N  N   . ILE A 1 162 ? 8.620   -6.054  -22.463 1.00 68.97  ? 227 ILE A N   1 
ATOM   1264 C  CA  . ILE A 1 162 ? 9.624   -5.050  -22.086 1.00 70.08  ? 227 ILE A CA  1 
ATOM   1265 C  C   . ILE A 1 162 ? 10.724  -5.840  -21.385 1.00 69.71  ? 227 ILE A C   1 
ATOM   1266 O  O   . ILE A 1 162 ? 10.429  -6.781  -20.627 1.00 66.35  ? 227 ILE A O   1 
ATOM   1267 C  CB  . ILE A 1 162 ? 9.038   -3.972  -21.129 1.00 72.25  ? 227 ILE A CB  1 
ATOM   1268 C  CG1 . ILE A 1 162 ? 7.906   -3.169  -21.803 1.00 71.24  ? 227 ILE A CG1 1 
ATOM   1269 C  CG2 . ILE A 1 162 ? 10.120  -3.037  -20.582 1.00 71.99  ? 227 ILE A CG2 1 
ATOM   1270 C  CD1 . ILE A 1 162 ? 8.381   -2.067  -22.724 1.00 72.97  ? 227 ILE A CD1 1 
ATOM   1271 N  N   . THR A 1 163 ? 11.976  -5.467  -21.654 1.00 72.57  ? 228 THR A N   1 
ATOM   1272 C  CA  . THR A 1 163 ? 13.146  -6.257  -21.234 1.00 73.45  ? 228 THR A CA  1 
ATOM   1273 C  C   . THR A 1 163 ? 13.729  -5.783  -19.899 1.00 72.37  ? 228 THR A C   1 
ATOM   1274 O  O   . THR A 1 163 ? 14.629  -6.417  -19.372 1.00 71.25  ? 228 THR A O   1 
ATOM   1275 C  CB  . THR A 1 163 ? 14.302  -6.197  -22.267 1.00 72.33  ? 228 THR A CB  1 
ATOM   1276 O  OG1 . THR A 1 163 ? 15.093  -5.023  -22.035 1.00 78.41  ? 228 THR A OG1 1 
ATOM   1277 C  CG2 . THR A 1 163 ? 13.794  -6.191  -23.714 1.00 72.41  ? 228 THR A CG2 1 
ATOM   1278 N  N   . GLN A 1 164 ? 13.218  -4.679  -19.365 1.00 74.53  ? 229 GLN A N   1 
ATOM   1279 C  CA  . GLN A 1 164 ? 13.850  -3.975  -18.274 1.00 75.93  ? 229 GLN A CA  1 
ATOM   1280 C  C   . GLN A 1 164 ? 12.853  -3.291  -17.315 1.00 72.98  ? 229 GLN A C   1 
ATOM   1281 O  O   . GLN A 1 164 ? 11.975  -2.530  -17.761 1.00 70.76  ? 229 GLN A O   1 
ATOM   1282 C  CB  . GLN A 1 164 ? 14.767  -2.935  -18.887 1.00 80.72  ? 229 GLN A CB  1 
ATOM   1283 C  CG  . GLN A 1 164 ? 15.749  -2.354  -17.889 1.00 92.42  ? 229 GLN A CG  1 
ATOM   1284 C  CD  . GLN A 1 164 ? 17.157  -2.378  -18.391 1.00 100.99 ? 229 GLN A CD  1 
ATOM   1285 O  OE1 . GLN A 1 164 ? 17.914  -1.437  -18.163 1.00 113.27 ? 229 GLN A OE1 1 
ATOM   1286 N  NE2 . GLN A 1 164 ? 17.529  -3.459  -19.078 1.00 102.76 ? 229 GLN A NE2 1 
ATOM   1287 N  N   . ASP A 1 165 ? 13.027  -3.539  -16.008 1.00 68.49  ? 230 ASP A N   1 
ATOM   1288 C  CA  . ASP A 1 165 ? 12.165  -2.965  -14.953 1.00 66.19  ? 230 ASP A CA  1 
ATOM   1289 C  C   . ASP A 1 165 ? 12.032  -1.464  -15.119 1.00 65.30  ? 230 ASP A C   1 
ATOM   1290 O  O   . ASP A 1 165 ? 13.004  -0.788  -15.438 1.00 66.42  ? 230 ASP A O   1 
ATOM   1291 C  CB  . ASP A 1 165 ? 12.711  -3.256  -13.541 1.00 65.27  ? 230 ASP A CB  1 
ATOM   1292 C  CG  . ASP A 1 165 ? 12.741  -4.739  -13.211 1.00 66.27  ? 230 ASP A CG  1 
ATOM   1293 O  OD1 . ASP A 1 165 ? 12.375  -5.547  -14.104 1.00 70.25  ? 230 ASP A OD1 1 
ATOM   1294 O  OD2 . ASP A 1 165 ? 13.128  -5.097  -12.069 1.00 62.07  ? 230 ASP A OD2 1 
ATOM   1295 N  N   . LEU A 1 166 ? 10.822  -0.959  -14.893 1.00 68.00  ? 231 LEU A N   1 
ATOM   1296 C  CA  . LEU A 1 166 ? 10.437  0.412   -15.243 1.00 66.86  ? 231 LEU A CA  1 
ATOM   1297 C  C   . LEU A 1 166 ? 9.750   1.065   -14.057 1.00 65.37  ? 231 LEU A C   1 
ATOM   1298 O  O   . LEU A 1 166 ? 8.705   0.583   -13.592 1.00 65.07  ? 231 LEU A O   1 
ATOM   1299 C  CB  . LEU A 1 166 ? 9.482   0.375   -16.434 1.00 65.14  ? 231 LEU A CB  1 
ATOM   1300 C  CG  . LEU A 1 166 ? 8.758   1.651   -16.864 1.00 64.62  ? 231 LEU A CG  1 
ATOM   1301 C  CD1 . LEU A 1 166 ? 9.724   2.768   -17.209 1.00 63.43  ? 231 LEU A CD1 1 
ATOM   1302 C  CD2 . LEU A 1 166 ? 7.877   1.319   -18.063 1.00 66.21  ? 231 LEU A CD2 1 
ATOM   1303 N  N   . THR A 1 167 ? 10.323  2.156   -13.564 1.00 64.70  ? 232 THR A N   1 
ATOM   1304 C  CA  . THR A 1 167 ? 9.721   2.840   -12.415 1.00 63.59  ? 232 THR A CA  1 
ATOM   1305 C  C   . THR A 1 167 ? 8.557   3.626   -13.046 1.00 59.85  ? 232 THR A C   1 
ATOM   1306 O  O   . THR A 1 167 ? 8.781   4.479   -13.884 1.00 50.06  ? 232 THR A O   1 
ATOM   1307 C  CB  . THR A 1 167 ? 10.719  3.669   -11.532 1.00 62.10  ? 232 THR A CB  1 
ATOM   1308 O  OG1 . THR A 1 167 ? 10.226  4.990   -11.388 1.00 52.79  ? 232 THR A OG1 1 
ATOM   1309 C  CG2 . THR A 1 167 ? 12.251  3.680   -12.061 1.00 62.65  ? 232 THR A CG2 1 
ATOM   1310 N  N   . CYS A 1 168 ? 7.328   3.259   -12.677 1.00 62.54  ? 233 CYS A N   1 
ATOM   1311 C  CA  . CYS A 1 168 ? 6.113   3.545   -13.471 1.00 64.11  ? 233 CYS A CA  1 
ATOM   1312 C  C   . CYS A 1 168 ? 5.135   4.558   -12.876 1.00 63.20  ? 233 CYS A C   1 
ATOM   1313 O  O   . CYS A 1 168 ? 4.308   5.110   -13.607 1.00 67.10  ? 233 CYS A O   1 
ATOM   1314 C  CB  . CYS A 1 168 ? 5.340   2.237   -13.693 1.00 66.11  ? 233 CYS A CB  1 
ATOM   1315 S  SG  . CYS A 1 168 ? 4.774   1.431   -12.165 1.00 62.95  ? 233 CYS A SG  1 
ATOM   1316 N  N   . GLY A 1 169 ? 5.189   4.766   -11.565 1.00 60.18  ? 234 GLY A N   1 
ATOM   1317 C  CA  . GLY A 1 169 ? 4.302   5.714   -10.907 1.00 60.49  ? 234 GLY A CA  1 
ATOM   1318 C  C   . GLY A 1 169 ? 4.663   5.981   -9.461  1.00 61.22  ? 234 GLY A C   1 
ATOM   1319 O  O   . GLY A 1 169 ? 5.759   5.670   -8.998  1.00 61.61  ? 234 GLY A O   1 
ATOM   1320 N  N   . SER A 1 170 ? 3.713   6.546   -8.734  1.00 64.08  ? 235 SER A N   1 
ATOM   1321 C  CA  . SER A 1 170 ? 3.935   6.940   -7.350  1.00 64.08  ? 235 SER A CA  1 
ATOM   1322 C  C   . SER A 1 170 ? 2.713   6.645   -6.490  1.00 61.84  ? 235 SER A C   1 
ATOM   1323 O  O   . SER A 1 170 ? 1.597   6.567   -7.010  1.00 60.24  ? 235 SER A O   1 
ATOM   1324 C  CB  . SER A 1 170 ? 4.272   8.423   -7.330  1.00 63.88  ? 235 SER A CB  1 
ATOM   1325 O  OG  . SER A 1 170 ? 5.550   8.639   -7.915  1.00 61.48  ? 235 SER A OG  1 
ATOM   1326 N  N   . LEU A 1 171 ? 2.936   6.465   -5.188  1.00 60.69  ? 236 LEU A N   1 
ATOM   1327 C  CA  . LEU A 1 171 ? 1.848   6.279   -4.230  1.00 63.03  ? 236 LEU A CA  1 
ATOM   1328 C  C   . LEU A 1 171 ? 1.728   7.435   -3.289  1.00 63.10  ? 236 LEU A C   1 
ATOM   1329 O  O   . LEU A 1 171 ? 2.718   7.910   -2.742  1.00 66.44  ? 236 LEU A O   1 
ATOM   1330 C  CB  . LEU A 1 171 ? 2.039   5.014   -3.405  1.00 66.42  ? 236 LEU A CB  1 
ATOM   1331 C  CG  . LEU A 1 171 ? 1.835   3.719   -4.169  1.00 68.90  ? 236 LEU A CG  1 
ATOM   1332 C  CD1 . LEU A 1 171 ? 1.809   2.529   -3.225  1.00 70.13  ? 236 LEU A CD1 1 
ATOM   1333 C  CD2 . LEU A 1 171 ? 0.554   3.806   -4.970  1.00 69.63  ? 236 LEU A CD2 1 
ATOM   1334 N  N   . PHE A 1 172 ? 0.490   7.863   -3.084  1.00 62.93  ? 237 PHE A N   1 
ATOM   1335 C  CA  . PHE A 1 172 ? 0.182   8.931   -2.159  1.00 62.06  ? 237 PHE A CA  1 
ATOM   1336 C  C   . PHE A 1 172 ? -0.896  8.440   -1.206  1.00 62.20  ? 237 PHE A C   1 
ATOM   1337 O  O   . PHE A 1 172 ? -1.706  7.575   -1.557  1.00 62.83  ? 237 PHE A O   1 
ATOM   1338 C  CB  . PHE A 1 172 ? -0.273  10.160  -2.939  1.00 61.22  ? 237 PHE A CB  1 
ATOM   1339 C  CG  . PHE A 1 172 ? 0.720   10.612  -3.971  1.00 60.06  ? 237 PHE A CG  1 
ATOM   1340 C  CD1 . PHE A 1 172 ? 1.726   11.512  -3.642  1.00 60.71  ? 237 PHE A CD1 1 
ATOM   1341 C  CD2 . PHE A 1 172 ? 0.674   10.114  -5.268  1.00 59.52  ? 237 PHE A CD2 1 
ATOM   1342 C  CE1 . PHE A 1 172 ? 2.644   11.925  -4.601  1.00 58.75  ? 237 PHE A CE1 1 
ATOM   1343 C  CE2 . PHE A 1 172 ? 1.599   10.521  -6.222  1.00 59.38  ? 237 PHE A CE2 1 
ATOM   1344 C  CZ  . PHE A 1 172 ? 2.581   11.424  -5.886  1.00 58.27  ? 237 PHE A CZ  1 
ATOM   1345 N  N   . LEU A 1 173 ? -0.890  8.972   0.008   1.00 61.06  ? 238 LEU A N   1 
ATOM   1346 C  CA  . LEU A 1 173 ? -1.911  8.639   0.984   1.00 60.56  ? 238 LEU A CA  1 
ATOM   1347 C  C   . LEU A 1 173 ? -2.774  9.854   1.254   1.00 61.39  ? 238 LEU A C   1 
ATOM   1348 O  O   . LEU A 1 173 ? -2.248  10.917  1.581   1.00 59.00  ? 238 LEU A O   1 
ATOM   1349 C  CB  . LEU A 1 173 ? -1.262  8.183   2.276   1.00 61.13  ? 238 LEU A CB  1 
ATOM   1350 C  CG  . LEU A 1 173 ? -2.222  7.556   3.278   1.00 62.56  ? 238 LEU A CG  1 
ATOM   1351 C  CD1 . LEU A 1 173 ? -2.826  6.271   2.724   1.00 62.93  ? 238 LEU A CD1 1 
ATOM   1352 C  CD2 . LEU A 1 173 ? -1.492  7.309   4.589   1.00 64.17  ? 238 LEU A CD2 1 
ATOM   1353 N  N   . ASP A 1 174 ? -4.092  9.690   1.104   1.00 62.62  ? 239 ASP A N   1 
ATOM   1354 C  CA  . ASP A 1 174 ? -5.072  10.719  1.458   1.00 61.41  ? 239 ASP A CA  1 
ATOM   1355 C  C   . ASP A 1 174 ? -5.753  10.263  2.728   1.00 62.05  ? 239 ASP A C   1 
ATOM   1356 O  O   . ASP A 1 174 ? -6.517  9.276   2.735   1.00 62.33  ? 239 ASP A O   1 
ATOM   1357 C  CB  . ASP A 1 174 ? -6.090  10.909  0.341   1.00 62.73  ? 239 ASP A CB  1 
ATOM   1358 C  CG  . ASP A 1 174 ? -5.457  11.362  -0.947  1.00 64.28  ? 239 ASP A CG  1 
ATOM   1359 O  OD1 . ASP A 1 174 ? -4.299  11.835  -0.891  1.00 70.07  ? 239 ASP A OD1 1 
ATOM   1360 O  OD2 . ASP A 1 174 ? -6.099  11.247  -2.018  1.00 62.02  ? 239 ASP A OD2 1 
ATOM   1361 N  N   . TRP A 1 175 ? -5.483  10.986  3.811   1.00 59.77  ? 240 TRP A N   1 
ATOM   1362 C  CA  . TRP A 1 175 ? -5.781  10.462  5.129   1.00 59.74  ? 240 TRP A CA  1 
ATOM   1363 C  C   . TRP A 1 175 ? -6.629  11.362  6.017   1.00 59.45  ? 240 TRP A C   1 
ATOM   1364 O  O   . TRP A 1 175 ? -6.579  12.581  5.916   1.00 58.82  ? 240 TRP A O   1 
ATOM   1365 C  CB  . TRP A 1 175 ? -4.489  10.074  5.847   1.00 59.24  ? 240 TRP A CB  1 
ATOM   1366 C  CG  . TRP A 1 175 ? -3.465  11.138  5.952   1.00 57.30  ? 240 TRP A CG  1 
ATOM   1367 C  CD1 . TRP A 1 175 ? -2.386  11.314  5.147   1.00 59.02  ? 240 TRP A CD1 1 
ATOM   1368 C  CD2 . TRP A 1 175 ? -3.401  12.159  6.935   1.00 57.18  ? 240 TRP A CD2 1 
ATOM   1369 N  NE1 . TRP A 1 175 ? -1.649  12.394  5.565   1.00 58.43  ? 240 TRP A NE1 1 
ATOM   1370 C  CE2 . TRP A 1 175 ? -2.259  12.936  6.660   1.00 58.41  ? 240 TRP A CE2 1 
ATOM   1371 C  CE3 . TRP A 1 175 ? -4.203  12.503  8.022   1.00 59.80  ? 240 TRP A CE3 1 
ATOM   1372 C  CZ2 . TRP A 1 175 ? -1.893  14.031  7.438   1.00 61.05  ? 240 TRP A CZ2 1 
ATOM   1373 C  CZ3 . TRP A 1 175 ? -3.843  13.593  8.795   1.00 61.46  ? 240 TRP A CZ3 1 
ATOM   1374 C  CH2 . TRP A 1 175 ? -2.694  14.339  8.506   1.00 60.80  ? 240 TRP A CH2 1 
ATOM   1375 N  N   . LEU A 1 176 ? -7.401  10.709  6.885   1.00 59.05  ? 241 LEU A N   1 
ATOM   1376 C  CA  . LEU A 1 176 ? -8.111  11.339  7.980   1.00 57.89  ? 241 LEU A CA  1 
ATOM   1377 C  C   . LEU A 1 176 ? -7.846  10.515  9.249   1.00 56.89  ? 241 LEU A C   1 
ATOM   1378 O  O   . LEU A 1 176 ? -8.229  9.344   9.300   1.00 56.66  ? 241 LEU A O   1 
ATOM   1379 C  CB  . LEU A 1 176 ? -9.604  11.355  7.647   1.00 57.86  ? 241 LEU A CB  1 
ATOM   1380 C  CG  . LEU A 1 176 ? -10.476 12.237  8.540   1.00 58.76  ? 241 LEU A CG  1 
ATOM   1381 C  CD1 . LEU A 1 176 ? -10.202 13.706  8.269   1.00 59.12  ? 241 LEU A CD1 1 
ATOM   1382 C  CD2 . LEU A 1 176 ? -11.951 11.922  8.343   1.00 57.30  ? 241 LEU A CD2 1 
ATOM   1383 N  N   . VAL A 1 177 ? -7.193  11.100  10.256  1.00 55.86  ? 242 VAL A N   1 
ATOM   1384 C  CA  . VAL A 1 177 ? -6.920  10.370  11.517  1.00 59.39  ? 242 VAL A CA  1 
ATOM   1385 C  C   . VAL A 1 177 ? -7.569  10.955  12.719  1.00 59.18  ? 242 VAL A C   1 
ATOM   1386 O  O   . VAL A 1 177 ? -7.718  12.160  12.815  1.00 63.19  ? 242 VAL A O   1 
ATOM   1387 C  CB  . VAL A 1 177 ? -5.436  10.339  11.978  1.00 62.59  ? 242 VAL A CB  1 
ATOM   1388 C  CG1 . VAL A 1 177 ? -4.807  8.992   11.692  1.00 66.71  ? 242 VAL A CG1 1 
ATOM   1389 C  CG2 . VAL A 1 177 ? -4.620  11.493  11.426  1.00 65.50  ? 242 VAL A CG2 1 
ATOM   1390 N  N   . ASN A 1 178 ? -7.892  10.077  13.661  1.00 59.56  ? 243 ASN A N   1 
ATOM   1391 C  CA  . ASN A 1 178 ? -8.004  10.452  15.056  1.00 60.01  ? 243 ASN A CA  1 
ATOM   1392 C  C   . ASN A 1 178 ? -6.697  10.099  15.750  1.00 57.83  ? 243 ASN A C   1 
ATOM   1393 O  O   . ASN A 1 178 ? -6.228  8.972   15.633  1.00 57.15  ? 243 ASN A O   1 
ATOM   1394 C  CB  . ASN A 1 178 ? -9.129  9.685   15.761  1.00 61.69  ? 243 ASN A CB  1 
ATOM   1395 C  CG  . ASN A 1 178 ? -10.520 10.065  15.286  1.00 59.97  ? 243 ASN A CG  1 
ATOM   1396 O  OD1 . ASN A 1 178 ? -11.432 9.288   15.469  1.00 66.05  ? 243 ASN A OD1 1 
ATOM   1397 N  ND2 . ASN A 1 178 ? -10.697 11.243  14.704  1.00 61.06  ? 243 ASN A ND2 1 
ATOM   1398 N  N   . PHE A 1 179 ? -6.132  11.058  16.474  1.00 56.92  ? 244 PHE A N   1 
ATOM   1399 C  CA  . PHE A 1 179 ? -5.013  10.821  17.383  1.00 57.81  ? 244 PHE A CA  1 
ATOM   1400 C  C   . PHE A 1 179 ? -5.528  10.958  18.820  1.00 58.06  ? 244 PHE A C   1 
ATOM   1401 O  O   . PHE A 1 179 ? -6.248  11.912  19.066  1.00 57.82  ? 244 PHE A O   1 
ATOM   1402 C  CB  . PHE A 1 179 ? -3.942  11.884  17.162  1.00 57.67  ? 244 PHE A CB  1 
ATOM   1403 C  CG  . PHE A 1 179 ? -3.015  11.618  16.008  1.00 58.05  ? 244 PHE A CG  1 
ATOM   1404 C  CD1 . PHE A 1 179 ? -2.290  10.436  15.933  1.00 60.59  ? 244 PHE A CD1 1 
ATOM   1405 C  CD2 . PHE A 1 179 ? -2.815  12.574  15.027  1.00 58.01  ? 244 PHE A CD2 1 
ATOM   1406 C  CE1 . PHE A 1 179 ? -1.410  10.199  14.885  1.00 59.24  ? 244 PHE A CE1 1 
ATOM   1407 C  CE2 . PHE A 1 179 ? -1.936  12.343  13.974  1.00 59.25  ? 244 PHE A CE2 1 
ATOM   1408 C  CZ  . PHE A 1 179 ? -1.233  11.155  13.907  1.00 58.70  ? 244 PHE A CZ  1 
ATOM   1409 N  N   . SER A 1 180 ? -5.172  10.047  19.750  1.00 58.52  ? 245 SER A N   1 
ATOM   1410 C  CA  . SER A 1 180 ? -5.598  10.152  21.169  1.00 61.63  ? 245 SER A CA  1 
ATOM   1411 C  C   . SER A 1 180 ? -4.422  10.253  22.137  1.00 60.72  ? 245 SER A C   1 
ATOM   1412 O  O   . SER A 1 180 ? -3.440  9.536   22.001  1.00 60.88  ? 245 SER A O   1 
ATOM   1413 C  CB  . SER A 1 180 ? -6.551  9.003   21.615  1.00 67.22  ? 245 SER A CB  1 
ATOM   1414 O  OG  . SER A 1 180 ? -5.902  7.830   22.161  1.00 77.68  ? 245 SER A OG  1 
ATOM   1415 N  N   . ILE A 1 181 ? -4.575  11.150  23.114  1.00 61.88  ? 246 ILE A N   1 
ATOM   1416 C  CA  . ILE A 1 181 ? -3.679  11.324  24.265  1.00 58.79  ? 246 ILE A CA  1 
ATOM   1417 C  C   . ILE A 1 181 ? -2.336  11.940  23.899  1.00 59.02  ? 246 ILE A C   1 
ATOM   1418 O  O   . ILE A 1 181 ? -1.475  11.258  23.375  1.00 60.87  ? 246 ILE A O   1 
ATOM   1419 C  CB  . ILE A 1 181 ? -3.439  10.022  25.048  1.00 57.47  ? 246 ILE A CB  1 
ATOM   1420 C  CG1 . ILE A 1 181 ? -4.769  9.391   25.434  1.00 58.41  ? 246 ILE A CG1 1 
ATOM   1421 C  CG2 . ILE A 1 181 ? -2.646  10.324  26.315  1.00 60.93  ? 246 ILE A CG2 1 
ATOM   1422 C  CD1 . ILE A 1 181 ? -4.654  8.136   26.265  1.00 61.18  ? 246 ILE A CD1 1 
ATOM   1423 N  N   . PRO A 1 182 ? -2.148  13.229  24.200  1.00 60.09  ? 247 PRO A N   1 
ATOM   1424 C  CA  . PRO A 1 182 ? -0.844  13.839  23.950  1.00 64.01  ? 247 PRO A CA  1 
ATOM   1425 C  C   . PRO A 1 182 ? 0.324   13.294  24.830  1.00 65.53  ? 247 PRO A C   1 
ATOM   1426 O  O   . PRO A 1 182 ? 0.231   13.220  26.058  1.00 65.33  ? 247 PRO A O   1 
ATOM   1427 C  CB  . PRO A 1 182 ? -1.104  15.339  24.148  1.00 65.83  ? 247 PRO A CB  1 
ATOM   1428 C  CG  . PRO A 1 182 ? -2.577  15.520  24.032  1.00 62.02  ? 247 PRO A CG  1 
ATOM   1429 C  CD  . PRO A 1 182 ? -3.212  14.227  24.405  1.00 61.23  ? 247 PRO A CD  1 
ATOM   1430 N  N   . GLN A 1 183 ? 1.392   12.926  24.126  1.00 67.78  ? 248 GLN A N   1 
ATOM   1431 C  CA  . GLN A 1 183 ? 2.590   12.227  24.590  1.00 66.34  ? 248 GLN A CA  1 
ATOM   1432 C  C   . GLN A 1 183 ? 3.696   12.937  23.793  1.00 68.39  ? 248 GLN A C   1 
ATOM   1433 O  O   . GLN A 1 183 ? 3.373   13.728  22.895  1.00 64.15  ? 248 GLN A O   1 
ATOM   1434 C  CB  . GLN A 1 183 ? 2.459   10.706  24.189  1.00 70.47  ? 248 GLN A CB  1 
ATOM   1435 C  CG  . GLN A 1 183 ? 3.685   9.773   24.028  1.00 73.05  ? 248 GLN A CG  1 
ATOM   1436 C  CD  . GLN A 1 183 ? 3.983   8.876   25.275  1.00 82.75  ? 248 GLN A CD  1 
ATOM   1437 O  OE1 . GLN A 1 183 ? 4.432   7.743   25.131  1.00 76.51  ? 248 GLN A OE1 1 
ATOM   1438 N  NE2 . GLN A 1 183 ? 3.747   9.400   26.499  1.00 80.69  ? 248 GLN A NE2 1 
ATOM   1439 N  N   . ILE A 1 184 ? 4.968   12.721  24.128  1.00 71.97  ? 249 ILE A N   1 
ATOM   1440 C  CA  . ILE A 1 184 ? 6.080   13.039  23.215  1.00 75.58  ? 249 ILE A CA  1 
ATOM   1441 C  C   . ILE A 1 184 ? 6.799   11.792  22.795  1.00 80.19  ? 249 ILE A C   1 
ATOM   1442 O  O   . ILE A 1 184 ? 7.403   11.780  21.729  1.00 106.99 ? 249 ILE A O   1 
ATOM   1443 C  CB  . ILE A 1 184 ? 7.097   14.050  23.793  1.00 79.06  ? 249 ILE A CB  1 
ATOM   1444 C  CG1 . ILE A 1 184 ? 6.543   15.459  23.722  1.00 84.93  ? 249 ILE A CG1 1 
ATOM   1445 C  CG2 . ILE A 1 184 ? 8.403   14.115  23.008  1.00 80.32  ? 249 ILE A CG2 1 
ATOM   1446 C  CD1 . ILE A 1 184 ? 7.173   16.342  24.767  1.00 94.54  ? 249 ILE A CD1 1 
ATOM   1447 N  N   . ASN A 1 185 ? 6.803   10.748  23.595  1.00 76.01  ? 250 ASN A N   1 
ATOM   1448 C  CA  . ASN A 1 185 ? 7.260   9.476   23.058  1.00 82.69  ? 250 ASN A CA  1 
ATOM   1449 C  C   . ASN A 1 185 ? 8.789   9.448   23.100  1.00 78.70  ? 250 ASN A C   1 
ATOM   1450 O  O   . ASN A 1 185 ? 9.420   8.753   22.327  1.00 65.89  ? 250 ASN A O   1 
ATOM   1451 C  CB  . ASN A 1 185 ? 6.701   9.216   21.607  1.00 77.59  ? 250 ASN A CB  1 
ATOM   1452 C  CG  . ASN A 1 185 ? 6.371   7.762   21.344  1.00 78.23  ? 250 ASN A CG  1 
ATOM   1453 O  OD1 . ASN A 1 185 ? 5.410   7.432   20.637  1.00 63.93  ? 250 ASN A OD1 1 
ATOM   1454 N  ND2 . ASN A 1 185 ? 7.173   6.876   21.922  1.00 86.71  ? 250 ASN A ND2 1 
HETATM 1455 CA CA  . CA  B 2 .   ? 4.115   5.058   22.374  1.00 53.37  ? 301 CA  A CA  1 
HETATM 1456 CA CA  . CA  C 2 .   ? 4.005   7.219   27.116  1.00 93.45  ? 302 CA  A CA  1 
# 
